data_9DAT
#
_entry.id   9DAT
#
_cell.length_a   1.00
_cell.length_b   1.00
_cell.length_c   1.00
_cell.angle_alpha   90.00
_cell.angle_beta   90.00
_cell.angle_gamma   90.00
#
_symmetry.space_group_name_H-M   'P 1'
#
loop_
_entity.id
_entity.type
_entity.pdbx_description
1 polymer 'Stimulator of interferon genes protein'
2 non-polymer '4-({[4-(2-tert-butyl-5,5-dimethyl-1,3-dioxan-2-yl)phenyl]methyl}amino)-3-methoxybenzoic acid'
3 non-polymer '(2R)-3-{[(R)-hydroxy{[(1S,2R,3R,4S,5S,6R)-2,4,6-trihydroxy-3,5-bis(phosphonooxy)cyclohexyl]oxy}phosphoryl]oxy}propane-1,2-diyl di[(9Z)-octadec-9-enoate]'
4 non-polymer 'CHOLESTEROL HEMISUCCINATE'
5 non-polymer cGAMP
#
_entity_poly.entity_id   1
_entity_poly.type   'polypeptide(L)'
_entity_poly.pdbx_seq_one_letter_code
;MPHSSLHPSIPCPRGHGAQKAALVLLSACLVTLWGLGEPPEHTLRYLVLHLASLQLGLLLNGVCSLAEELRHIHSRYRGS
YWRTVRACLGCPLRRGALLLLSIYFYYSLPNAVGPPFTWMLALLGLSQALNILLGLKGLAPAEISAVCEKGNFNVAHGLA
WSYYIGYLRLILPELQARIRTYNQHYNNLLRGAVSQRLYILLPLDCGVPDNLSMADPNIRFLDKLPQQTGDRAGIKDRVY
SNSIYELLENGQRAGTCVLEYATPLQTLFAMSQYSQAGFSREDRLEQAKLFCRTLEDILADAPESQNNCRLIAYQEPADD
SSFSLSQEVLRHLRQEEKEEVTVGTSSGLEVLFQ
;
_entity_poly.pdbx_strand_id   A,B,C,D
#
loop_
_chem_comp.id
_chem_comp.type
_chem_comp.name
_chem_comp.formula
1SY non-polymer cGAMP 'C20 H24 N10 O13 P2'
A1BBH non-polymer '(2R)-3-{[(R)-hydroxy{[(1S,2R,3R,4S,5S,6R)-2,4,6-trihydroxy-3,5-bis(phosphonooxy)cyclohexyl]oxy}phosphoryl]oxy}propane-1,2-diyl di[(9Z)-octadec-9-enoate]' 'C45 H85 O19 P3'
Y01 non-polymer 'CHOLESTEROL HEMISUCCINATE' 'C31 H50 O4'
Y6H non-polymer '4-({[4-(2-tert-butyl-5,5-dimethyl-1,3-dioxan-2-yl)phenyl]methyl}amino)-3-methoxybenzoic acid' 'C25 H33 N O5'
#
# COMPACT_ATOMS: atom_id res chain seq x y z
N SER A 4 1.40 -5.37 22.69
CA SER A 4 0.66 -6.56 22.31
C SER A 4 -0.24 -7.03 23.43
N SER A 5 -1.14 -7.96 23.11
CA SER A 5 -2.09 -8.47 24.09
C SER A 5 -2.09 -9.99 24.13
N LEU A 6 -1.76 -10.62 23.00
CA LEU A 6 -1.76 -12.08 22.94
C LEU A 6 -0.80 -12.68 23.96
N HIS A 7 0.42 -12.17 24.02
CA HIS A 7 1.41 -12.71 24.95
C HIS A 7 2.54 -11.70 25.09
N PRO A 8 3.11 -11.54 26.28
CA PRO A 8 4.22 -10.57 26.43
C PRO A 8 5.41 -10.89 25.55
N SER A 9 5.67 -12.16 25.27
CA SER A 9 6.85 -12.55 24.50
C SER A 9 6.76 -12.16 23.04
N ILE A 10 5.60 -11.70 22.56
CA ILE A 10 5.44 -11.31 21.17
C ILE A 10 6.17 -9.98 20.98
N PRO A 11 7.21 -9.92 20.13
CA PRO A 11 7.90 -8.64 19.93
C PRO A 11 6.98 -7.60 19.28
N CYS A 12 7.16 -6.37 19.69
CA CYS A 12 6.45 -5.26 19.07
C CYS A 12 7.22 -4.76 17.86
N PRO A 13 6.54 -4.12 16.91
CA PRO A 13 7.23 -3.63 15.70
C PRO A 13 8.32 -2.63 16.07
N ARG A 14 9.40 -2.67 15.31
CA ARG A 14 10.53 -1.79 15.55
C ARG A 14 10.15 -0.34 15.30
N GLY A 15 10.73 0.56 16.10
CA GLY A 15 10.43 1.97 16.02
C GLY A 15 11.57 2.80 15.44
N HIS A 16 11.78 3.97 16.02
CA HIS A 16 12.77 4.94 15.52
C HIS A 16 13.95 5.08 16.47
N GLY A 17 14.20 4.07 17.30
CA GLY A 17 15.31 4.16 18.23
C GLY A 17 16.64 4.34 17.55
N ALA A 18 16.84 3.65 16.42
CA ALA A 18 18.09 3.80 15.68
C ALA A 18 18.26 5.22 15.17
N GLN A 19 17.18 5.85 14.71
CA GLN A 19 17.27 7.22 14.22
C GLN A 19 17.60 8.19 15.35
N LYS A 20 17.01 7.99 16.53
CA LYS A 20 17.33 8.84 17.67
C LYS A 20 18.79 8.67 18.09
N ALA A 21 19.27 7.43 18.11
CA ALA A 21 20.68 7.19 18.40
C ALA A 21 21.57 7.86 17.37
N ALA A 22 21.17 7.80 16.09
CA ALA A 22 21.94 8.45 15.04
C ALA A 22 21.97 9.96 15.23
N LEU A 23 20.84 10.56 15.63
CA LEU A 23 20.83 11.99 15.88
C LEU A 23 21.74 12.37 17.05
N VAL A 24 21.73 11.56 18.11
CA VAL A 24 22.62 11.81 19.23
C VAL A 24 24.08 11.70 18.79
N LEU A 25 24.39 10.68 17.98
CA LEU A 25 25.75 10.52 17.48
C LEU A 25 26.16 11.69 16.60
N LEU A 26 25.25 12.17 15.76
CA LEU A 26 25.55 13.32 14.90
C LEU A 26 25.83 14.56 15.75
N SER A 27 25.02 14.80 16.77
CA SER A 27 25.28 15.93 17.66
C SER A 27 26.62 15.79 18.35
N ALA A 28 26.94 14.60 18.83
CA ALA A 28 28.22 14.39 19.51
C ALA A 28 29.39 14.61 18.56
N CYS A 29 29.27 14.12 17.33
CA CYS A 29 30.35 14.31 16.36
C CYS A 29 30.52 15.78 15.99
N LEU A 30 29.40 16.51 15.85
CA LEU A 30 29.50 17.93 15.58
C LEU A 30 30.19 18.66 16.72
N VAL A 31 29.83 18.31 17.97
CA VAL A 31 30.47 18.94 19.13
C VAL A 31 31.96 18.62 19.14
N THR A 32 32.31 17.36 18.84
CA THR A 32 33.72 16.97 18.83
C THR A 32 34.50 17.75 17.78
N LEU A 33 33.95 17.87 16.58
CA LEU A 33 34.63 18.62 15.53
C LEU A 33 34.74 20.09 15.91
N TRP A 34 33.71 20.64 16.57
CA TRP A 34 33.76 22.00 17.06
C TRP A 34 34.90 22.17 18.07
N GLY A 35 35.05 21.21 18.98
CA GLY A 35 36.08 21.31 20.00
C GLY A 35 37.48 21.02 19.51
N LEU A 36 37.59 20.24 18.42
CA LEU A 36 38.91 19.92 17.88
C LEU A 36 39.56 21.11 17.17
N GLY A 37 38.82 22.18 16.94
CA GLY A 37 39.37 23.36 16.30
C GLY A 37 39.90 23.08 14.90
N GLU A 38 39.15 22.29 14.13
CA GLU A 38 39.52 22.00 12.76
C GLU A 38 38.69 22.84 11.80
N PRO A 39 39.25 23.24 10.65
CA PRO A 39 38.48 24.05 9.70
C PRO A 39 37.22 23.33 9.28
N PRO A 40 36.05 23.95 9.47
CA PRO A 40 34.80 23.32 9.02
C PRO A 40 34.78 23.03 7.54
N GLU A 41 35.48 23.83 6.72
CA GLU A 41 35.53 23.56 5.30
C GLU A 41 36.26 22.26 5.01
N HIS A 42 37.32 21.98 5.76
CA HIS A 42 37.98 20.68 5.66
C HIS A 42 37.02 19.55 6.03
N THR A 43 36.25 19.75 7.10
CA THR A 43 35.27 18.75 7.50
C THR A 43 34.27 18.48 6.39
N LEU A 44 33.75 19.53 5.76
CA LEU A 44 32.82 19.35 4.66
C LEU A 44 33.46 18.64 3.49
N ARG A 45 34.69 19.01 3.15
CA ARG A 45 35.37 18.38 2.02
C ARG A 45 35.54 16.89 2.27
N TYR A 46 35.98 16.53 3.47
CA TYR A 46 36.26 15.12 3.74
C TYR A 46 34.97 14.31 3.91
N LEU A 47 33.92 14.91 4.45
CA LEU A 47 32.63 14.21 4.49
C LEU A 47 32.10 13.96 3.08
N VAL A 48 32.21 14.96 2.21
CA VAL A 48 31.78 14.78 0.82
C VAL A 48 32.62 13.71 0.13
N LEU A 49 33.92 13.68 0.42
CA LEU A 49 34.78 12.66 -0.17
C LEU A 49 34.39 11.27 0.31
N HIS A 50 34.07 11.13 1.60
CA HIS A 50 33.65 9.84 2.13
C HIS A 50 32.36 9.39 1.46
N LEU A 51 31.39 10.30 1.33
CA LEU A 51 30.13 9.93 0.68
C LEU A 51 30.36 9.58 -0.79
N ALA A 52 31.26 10.28 -1.47
CA ALA A 52 31.62 9.94 -2.84
C ALA A 52 32.21 8.54 -2.92
N SER A 53 33.09 8.20 -1.97
CA SER A 53 33.66 6.86 -1.96
C SER A 53 32.58 5.81 -1.75
N LEU A 54 31.61 6.10 -0.88
CA LEU A 54 30.50 5.17 -0.68
C LEU A 54 29.70 5.00 -1.96
N GLN A 55 29.45 6.08 -2.69
CA GLN A 55 28.73 5.99 -3.96
C GLN A 55 29.50 5.16 -4.97
N LEU A 56 30.81 5.36 -5.06
CA LEU A 56 31.62 4.56 -5.98
C LEU A 56 31.60 3.09 -5.60
N GLY A 57 31.67 2.79 -4.31
CA GLY A 57 31.54 1.40 -3.88
C GLY A 57 30.20 0.80 -4.24
N LEU A 58 29.13 1.59 -4.08
CA LEU A 58 27.82 1.13 -4.50
C LEU A 58 27.79 0.83 -5.99
N LEU A 59 28.40 1.69 -6.79
CA LEU A 59 28.42 1.45 -8.23
C LEU A 59 29.17 0.16 -8.56
N LEU A 60 30.32 -0.06 -7.93
CA LEU A 60 31.11 -1.26 -8.21
C LEU A 60 30.36 -2.51 -7.80
N ASN A 61 29.76 -2.50 -6.61
CA ASN A 61 28.97 -3.65 -6.17
C ASN A 61 27.77 -3.88 -7.08
N GLY A 62 27.17 -2.79 -7.57
CA GLY A 62 26.06 -2.93 -8.50
C GLY A 62 26.47 -3.56 -9.81
N VAL A 63 27.66 -3.20 -10.30
CA VAL A 63 28.18 -3.84 -11.50
C VAL A 63 28.40 -5.33 -11.26
N CYS A 64 28.99 -5.66 -10.11
CA CYS A 64 29.23 -7.07 -9.79
C CYS A 64 27.92 -7.85 -9.72
N SER A 65 26.90 -7.27 -9.08
CA SER A 65 25.60 -7.93 -8.99
C SER A 65 24.91 -8.00 -10.35
N LEU A 66 25.09 -6.98 -11.19
CA LEU A 66 24.51 -6.99 -12.52
C LEU A 66 25.09 -8.12 -13.35
N ALA A 67 26.39 -8.39 -13.17
CA ALA A 67 27.00 -9.50 -13.89
C ALA A 67 26.24 -10.80 -13.68
N GLU A 68 25.65 -10.98 -12.49
CA GLU A 68 24.85 -12.17 -12.20
C GLU A 68 23.39 -12.00 -12.60
N GLU A 69 22.82 -10.82 -12.36
CA GLU A 69 21.40 -10.61 -12.63
C GLU A 69 21.10 -10.66 -14.11
N LEU A 70 22.06 -10.30 -14.97
CA LEU A 70 21.83 -10.38 -16.40
C LEU A 70 21.58 -11.80 -16.87
N ARG A 71 21.94 -12.80 -16.08
CA ARG A 71 21.59 -14.18 -16.38
C ARG A 71 20.12 -14.48 -16.11
N HIS A 72 19.45 -13.63 -15.33
CA HIS A 72 18.04 -13.79 -15.00
C HIS A 72 17.21 -12.66 -15.63
N ILE A 73 17.70 -12.11 -16.73
CA ILE A 73 17.06 -10.94 -17.32
C ILE A 73 15.67 -11.31 -17.85
N HIS A 74 15.52 -12.51 -18.38
CA HIS A 74 14.26 -12.93 -18.97
C HIS A 74 13.33 -13.61 -17.97
N SER A 75 13.85 -14.08 -16.84
CA SER A 75 13.03 -14.78 -15.86
C SER A 75 12.60 -13.88 -14.71
N ARG A 76 13.39 -12.88 -14.36
CA ARG A 76 13.06 -11.98 -13.27
C ARG A 76 12.72 -10.57 -13.73
N TYR A 77 13.20 -10.15 -14.90
CA TYR A 77 13.10 -8.75 -15.31
C TYR A 77 12.49 -8.59 -16.71
N ARG A 78 11.92 -9.65 -17.28
CA ARG A 78 11.14 -9.56 -18.51
C ARG A 78 11.96 -9.04 -19.68
N GLY A 79 13.25 -9.35 -19.70
CA GLY A 79 14.08 -9.02 -20.84
C GLY A 79 14.55 -7.59 -20.91
N SER A 80 14.24 -6.76 -19.94
CA SER A 80 14.62 -5.35 -19.95
C SER A 80 15.91 -5.16 -19.18
N TYR A 81 16.96 -4.69 -19.87
CA TYR A 81 18.20 -4.36 -19.19
C TYR A 81 18.01 -3.20 -18.23
N TRP A 82 17.08 -2.29 -18.53
CA TRP A 82 16.78 -1.19 -17.64
C TRP A 82 16.32 -1.70 -16.28
N ARG A 83 15.45 -2.72 -16.27
CA ARG A 83 14.97 -3.26 -15.01
C ARG A 83 16.10 -3.92 -14.22
N THR A 84 16.98 -4.65 -14.89
CA THR A 84 18.10 -5.26 -14.20
C THR A 84 19.01 -4.20 -13.58
N VAL A 85 19.33 -3.15 -14.35
CA VAL A 85 20.15 -2.07 -13.82
C VAL A 85 19.47 -1.40 -12.64
N ARG A 86 18.16 -1.17 -12.75
CA ARG A 86 17.43 -0.52 -11.68
C ARG A 86 17.42 -1.37 -10.41
N ALA A 87 17.29 -2.68 -10.57
CA ALA A 87 17.35 -3.57 -9.42
C ALA A 87 18.73 -3.56 -8.79
N CYS A 88 19.78 -3.56 -9.60
CA CYS A 88 21.14 -3.63 -9.07
C CYS A 88 21.59 -2.29 -8.48
N LEU A 89 21.21 -1.18 -9.10
CA LEU A 89 21.73 0.14 -8.74
C LEU A 89 20.66 1.10 -8.26
N GLY A 90 19.45 0.62 -7.96
CA GLY A 90 18.40 1.55 -7.60
C GLY A 90 18.02 2.42 -8.80
N CYS A 91 17.44 3.57 -8.49
CA CYS A 91 17.04 4.50 -9.54
C CYS A 91 18.29 4.97 -10.30
N PRO A 92 18.45 4.58 -11.56
CA PRO A 92 19.69 4.94 -12.28
C PRO A 92 19.90 6.44 -12.40
N LEU A 93 18.84 7.24 -12.48
CA LEU A 93 19.01 8.68 -12.59
C LEU A 93 19.67 9.25 -11.34
N ARG A 94 19.14 8.89 -10.17
CA ARG A 94 19.71 9.38 -8.91
C ARG A 94 21.16 8.92 -8.74
N ARG A 95 21.42 7.65 -9.01
CA ARG A 95 22.77 7.13 -8.87
C ARG A 95 23.73 7.80 -9.85
N GLY A 96 23.28 8.04 -11.08
CA GLY A 96 24.10 8.74 -12.05
C GLY A 96 24.42 10.15 -11.63
N ALA A 97 23.43 10.87 -11.09
CA ALA A 97 23.68 12.23 -10.60
C ALA A 97 24.68 12.21 -9.45
N LEU A 98 24.51 11.26 -8.52
CA LEU A 98 25.44 11.16 -7.40
C LEU A 98 26.85 10.85 -7.89
N LEU A 99 26.97 9.97 -8.88
CA LEU A 99 28.28 9.64 -9.43
C LEU A 99 28.90 10.85 -10.13
N LEU A 100 28.10 11.62 -10.87
CA LEU A 100 28.62 12.82 -11.50
C LEU A 100 29.15 13.80 -10.47
N LEU A 101 28.38 14.01 -9.40
CA LEU A 101 28.83 14.92 -8.34
C LEU A 101 30.11 14.39 -7.68
N SER A 102 30.16 13.09 -7.41
CA SER A 102 31.34 12.51 -6.76
C SER A 102 32.57 12.67 -7.63
N ILE A 103 32.43 12.44 -8.94
CA ILE A 103 33.56 12.61 -9.84
C ILE A 103 33.97 14.07 -9.90
N TYR A 104 33.01 14.98 -10.05
CA TYR A 104 33.33 16.39 -10.14
C TYR A 104 34.04 16.89 -8.90
N PHE A 105 33.71 16.36 -7.73
CA PHE A 105 34.30 16.88 -6.50
C PHE A 105 35.59 16.16 -6.12
N TYR A 106 35.68 14.85 -6.34
CA TYR A 106 36.90 14.13 -5.99
C TYR A 106 38.03 14.45 -6.96
N TYR A 107 37.71 14.55 -8.25
CA TYR A 107 38.72 14.89 -9.25
C TYR A 107 39.08 16.36 -9.26
N SER A 108 38.40 17.19 -8.47
CA SER A 108 38.60 18.63 -8.51
C SER A 108 38.87 19.26 -7.15
N LEU A 109 38.57 18.59 -6.04
CA LEU A 109 38.85 19.15 -4.74
C LEU A 109 40.31 18.91 -4.35
N PRO A 110 40.84 19.67 -3.38
CA PRO A 110 42.22 19.48 -2.93
C PRO A 110 42.49 18.05 -2.46
N PRO A 116 45.07 11.08 -6.79
CA PRO A 116 44.53 10.86 -8.13
C PRO A 116 43.20 10.11 -8.11
N PHE A 117 42.27 10.52 -8.97
CA PHE A 117 40.97 9.87 -9.00
C PHE A 117 41.08 8.41 -9.41
N THR A 118 41.92 8.10 -10.39
CA THR A 118 42.04 6.74 -10.89
C THR A 118 42.57 5.81 -9.81
N TRP A 119 43.57 6.26 -9.05
CA TRP A 119 44.13 5.42 -7.99
C TRP A 119 43.11 5.14 -6.90
N MET A 120 42.34 6.17 -6.51
CA MET A 120 41.29 5.95 -5.52
C MET A 120 40.23 5.00 -6.05
N LEU A 121 39.88 5.13 -7.33
CA LEU A 121 38.90 4.23 -7.93
C LEU A 121 39.40 2.80 -7.91
N ALA A 122 40.67 2.59 -8.26
CA ALA A 122 41.23 1.25 -8.23
C ALA A 122 41.25 0.68 -6.82
N LEU A 123 41.61 1.50 -5.84
CA LEU A 123 41.61 1.03 -4.46
C LEU A 123 40.22 0.66 -3.98
N LEU A 124 39.22 1.48 -4.31
CA LEU A 124 37.85 1.18 -3.91
C LEU A 124 37.35 -0.08 -4.58
N GLY A 125 37.67 -0.25 -5.87
CA GLY A 125 37.29 -1.48 -6.55
C GLY A 125 37.94 -2.70 -5.94
N LEU A 126 39.21 -2.59 -5.56
CA LEU A 126 39.90 -3.68 -4.90
C LEU A 126 39.22 -4.03 -3.58
N SER A 127 38.87 -3.00 -2.80
CA SER A 127 38.20 -3.25 -1.52
C SER A 127 36.84 -3.93 -1.74
N GLN A 128 36.06 -3.44 -2.70
CA GLN A 128 34.75 -4.04 -2.96
C GLN A 128 34.89 -5.48 -3.43
N ALA A 129 35.85 -5.75 -4.31
CA ALA A 129 36.07 -7.11 -4.77
C ALA A 129 36.48 -8.02 -3.62
N LEU A 130 37.34 -7.52 -2.73
CA LEU A 130 37.74 -8.31 -1.58
C LEU A 130 36.54 -8.62 -0.68
N ASN A 131 35.68 -7.62 -0.46
CA ASN A 131 34.51 -7.85 0.37
C ASN A 131 33.56 -8.86 -0.27
N ILE A 132 33.37 -8.78 -1.59
CA ILE A 132 32.46 -9.69 -2.27
C ILE A 132 33.02 -11.12 -2.27
N LEU A 133 34.30 -11.25 -2.62
CA LEU A 133 34.90 -12.58 -2.72
C LEU A 133 34.93 -13.29 -1.38
N LEU A 134 35.25 -12.56 -0.31
CA LEU A 134 35.37 -13.15 1.02
C LEU A 134 34.04 -13.21 1.76
N GLY A 135 32.96 -12.74 1.16
CA GLY A 135 31.66 -12.78 1.81
C GLY A 135 31.55 -11.91 3.04
N LEU A 136 32.07 -10.68 2.97
CA LEU A 136 32.05 -9.76 4.09
C LEU A 136 30.85 -8.82 4.06
N LYS A 137 29.97 -8.95 3.07
CA LYS A 137 28.82 -8.07 2.93
C LYS A 137 27.58 -8.60 3.63
N GLY A 138 27.69 -9.71 4.34
CA GLY A 138 26.55 -10.28 5.04
C GLY A 138 25.94 -9.32 6.05
N LEU A 139 24.63 -9.12 5.97
CA LEU A 139 23.95 -8.26 6.91
C LEU A 139 23.86 -8.93 8.28
N ALA A 140 23.88 -8.09 9.32
CA ALA A 140 23.75 -8.61 10.67
C ALA A 140 22.34 -9.15 10.89
N PRO A 141 22.17 -10.09 11.83
CA PRO A 141 20.84 -10.67 12.04
C PRO A 141 19.76 -9.64 12.32
N ALA A 142 20.08 -8.61 13.11
CA ALA A 142 19.09 -7.57 13.40
C ALA A 142 18.71 -6.81 12.15
N GLU A 143 19.69 -6.48 11.30
CA GLU A 143 19.39 -5.76 10.07
C GLU A 143 18.52 -6.60 9.14
N ILE A 144 18.84 -7.88 9.02
CA ILE A 144 18.04 -8.77 8.17
C ILE A 144 16.63 -8.87 8.72
N SER A 145 16.48 -9.03 10.04
CA SER A 145 15.15 -9.12 10.62
C SER A 145 14.35 -7.84 10.38
N ALA A 146 14.99 -6.69 10.55
CA ALA A 146 14.30 -5.42 10.33
C ALA A 146 13.87 -5.28 8.86
N VAL A 147 14.75 -5.66 7.93
CA VAL A 147 14.40 -5.59 6.51
C VAL A 147 13.24 -6.53 6.21
N CYS A 148 13.30 -7.74 6.75
CA CYS A 148 12.23 -8.72 6.48
C CYS A 148 10.89 -8.25 7.03
N GLU A 149 10.89 -7.68 8.23
CA GLU A 149 9.64 -7.20 8.82
C GLU A 149 9.14 -5.93 8.16
N LYS A 150 10.03 -5.10 7.62
CA LYS A 150 9.60 -3.88 6.93
C LYS A 150 8.99 -4.21 5.58
N GLY A 151 9.62 -5.11 4.83
CA GLY A 151 9.10 -5.59 3.57
C GLY A 151 8.24 -6.83 3.67
N ASN A 152 7.98 -7.31 4.89
CA ASN A 152 7.17 -8.51 5.10
C ASN A 152 7.74 -9.71 4.33
N PHE A 153 9.06 -9.86 4.39
CA PHE A 153 9.74 -11.01 3.80
C PHE A 153 9.89 -12.09 4.86
N ASN A 154 8.76 -12.72 5.19
CA ASN A 154 8.73 -13.72 6.25
C ASN A 154 7.70 -14.78 5.90
N VAL A 155 8.00 -16.03 6.26
CA VAL A 155 7.06 -17.12 6.01
C VAL A 155 5.81 -16.98 6.87
N ALA A 156 5.98 -16.46 8.09
CA ALA A 156 4.85 -16.33 9.00
C ALA A 156 3.80 -15.38 8.44
N HIS A 157 4.22 -14.33 7.74
CA HIS A 157 3.28 -13.41 7.12
C HIS A 157 2.36 -14.15 6.15
N GLY A 158 2.95 -14.93 5.25
CA GLY A 158 2.15 -15.68 4.30
C GLY A 158 1.29 -16.73 4.97
N LEU A 159 1.82 -17.39 6.00
CA LEU A 159 1.04 -18.40 6.71
C LEU A 159 -0.19 -17.77 7.37
N ALA A 160 -0.01 -16.61 8.01
CA ALA A 160 -1.14 -15.95 8.66
C ALA A 160 -2.17 -15.49 7.64
N TRP A 161 -1.71 -14.93 6.52
CA TRP A 161 -2.66 -14.47 5.51
C TRP A 161 -3.38 -15.64 4.85
N SER A 162 -2.70 -16.79 4.70
CA SER A 162 -3.37 -17.98 4.20
C SER A 162 -4.40 -18.50 5.20
N TYR A 163 -4.07 -18.47 6.48
CA TYR A 163 -4.99 -18.93 7.51
C TYR A 163 -6.24 -18.07 7.53
N TYR A 164 -6.07 -16.75 7.45
CA TYR A 164 -7.23 -15.86 7.44
C TYR A 164 -8.03 -16.01 6.15
N ILE A 165 -7.34 -15.97 5.00
CA ILE A 165 -8.03 -15.96 3.71
C ILE A 165 -8.67 -17.31 3.43
N GLY A 166 -7.95 -18.40 3.67
CA GLY A 166 -8.44 -19.71 3.29
C GLY A 166 -9.41 -20.33 4.27
N TYR A 167 -9.28 -20.03 5.56
CA TYR A 167 -10.06 -20.69 6.59
C TYR A 167 -10.97 -19.74 7.35
N LEU A 168 -10.43 -18.70 7.98
CA LEU A 168 -11.23 -17.88 8.87
C LEU A 168 -12.22 -17.01 8.10
N ARG A 169 -11.76 -16.39 7.01
CA ARG A 169 -12.63 -15.52 6.23
C ARG A 169 -13.86 -16.24 5.72
N LEU A 170 -13.79 -17.56 5.55
CA LEU A 170 -14.91 -18.36 5.08
C LEU A 170 -15.66 -19.04 6.21
N ILE A 171 -15.05 -19.17 7.38
CA ILE A 171 -15.65 -19.91 8.49
C ILE A 171 -16.39 -18.97 9.44
N LEU A 172 -15.73 -17.90 9.87
CA LEU A 172 -16.33 -17.04 10.90
C LEU A 172 -17.66 -16.43 10.48
N PRO A 173 -17.82 -15.90 9.27
CA PRO A 173 -19.12 -15.31 8.90
C PRO A 173 -20.27 -16.29 9.01
N GLU A 174 -20.05 -17.57 8.73
CA GLU A 174 -21.06 -18.61 8.78
C GLU A 174 -20.81 -19.54 9.95
N LEU A 175 -20.40 -18.98 11.10
CA LEU A 175 -20.13 -19.74 12.30
C LEU A 175 -21.27 -19.71 13.30
N GLN A 176 -21.88 -18.54 13.52
CA GLN A 176 -22.97 -18.44 14.48
C GLN A 176 -24.17 -19.27 14.06
N ALA A 177 -24.45 -19.33 12.75
CA ALA A 177 -25.57 -20.12 12.28
C ALA A 177 -25.39 -21.60 12.63
N ARG A 178 -24.19 -22.13 12.39
CA ARG A 178 -23.93 -23.53 12.70
C ARG A 178 -24.04 -23.80 14.19
N ILE A 179 -23.53 -22.87 15.01
CA ILE A 179 -23.60 -23.04 16.45
C ILE A 179 -25.03 -23.04 16.93
N ARG A 180 -25.86 -22.13 16.40
CA ARG A 180 -27.27 -22.11 16.76
C ARG A 180 -27.96 -23.39 16.32
N THR A 181 -27.66 -23.87 15.11
CA THR A 181 -28.26 -25.11 14.63
C THR A 181 -27.90 -26.27 15.55
N TYR A 182 -26.63 -26.37 15.94
CA TYR A 182 -26.23 -27.46 16.83
C TYR A 182 -26.90 -27.32 18.19
N ASN A 183 -26.99 -26.11 18.72
CA ASN A 183 -27.63 -25.91 20.02
C ASN A 183 -29.10 -26.33 19.98
N GLN A 184 -29.82 -25.98 18.90
CA GLN A 184 -31.19 -26.44 18.77
C GLN A 184 -31.27 -27.94 18.61
N HIS A 185 -30.35 -28.54 17.87
CA HIS A 185 -30.34 -29.98 17.65
C HIS A 185 -29.56 -30.74 18.71
N TYR A 186 -28.97 -30.04 19.68
CA TYR A 186 -28.21 -30.69 20.74
C TYR A 186 -27.80 -29.68 21.80
N GLY A 192 -23.62 -29.05 24.31
CA GLY A 192 -24.49 -28.34 25.23
C GLY A 192 -24.53 -26.85 24.97
N ALA A 193 -24.25 -26.05 26.01
CA ALA A 193 -24.23 -24.60 25.88
C ALA A 193 -22.85 -24.16 25.38
N VAL A 194 -22.64 -24.39 24.08
CA VAL A 194 -21.36 -24.08 23.45
C VAL A 194 -21.20 -22.57 23.36
N SER A 195 -20.04 -22.08 23.79
CA SER A 195 -19.77 -20.66 23.67
C SER A 195 -19.75 -20.25 22.21
N GLN A 196 -20.40 -19.12 21.91
CA GLN A 196 -20.60 -18.68 20.53
C GLN A 196 -19.36 -17.92 20.05
N ARG A 197 -18.27 -18.66 19.91
CA ARG A 197 -17.02 -18.08 19.44
C ARG A 197 -16.02 -19.21 19.16
N LEU A 198 -15.18 -18.99 18.16
CA LEU A 198 -14.14 -19.93 17.81
C LEU A 198 -12.86 -19.58 18.55
N TYR A 199 -12.37 -20.50 19.37
CA TYR A 199 -11.19 -20.28 20.20
C TYR A 199 -10.00 -20.98 19.55
N ILE A 200 -9.01 -20.20 19.13
CA ILE A 200 -7.87 -20.70 18.38
C ILE A 200 -6.67 -20.74 19.31
N LEU A 201 -6.06 -21.92 19.44
CA LEU A 201 -4.89 -22.10 20.27
C LEU A 201 -3.63 -21.81 19.46
N LEU A 202 -2.71 -21.05 20.05
CA LEU A 202 -1.49 -20.62 19.39
C LEU A 202 -0.30 -21.00 20.27
N PRO A 203 0.09 -22.27 20.27
CA PRO A 203 1.28 -22.68 21.02
C PRO A 203 2.54 -22.15 20.34
N LEU A 204 3.28 -21.29 21.07
CA LEU A 204 4.46 -20.66 20.47
C LEU A 204 5.57 -21.68 20.25
N ASP A 205 5.62 -22.74 21.05
CA ASP A 205 6.58 -23.81 20.81
C ASP A 205 6.24 -24.62 19.56
N CYS A 206 5.04 -24.42 19.00
CA CYS A 206 4.60 -25.10 17.79
C CYS A 206 4.44 -26.60 17.98
N GLY A 207 4.34 -27.05 19.23
CA GLY A 207 4.07 -28.44 19.52
C GLY A 207 2.58 -28.73 19.46
N VAL A 208 2.05 -28.85 18.25
CA VAL A 208 0.61 -28.99 18.03
C VAL A 208 0.25 -30.47 17.90
N PRO A 209 -0.31 -31.09 18.94
CA PRO A 209 -0.81 -32.47 18.78
C PRO A 209 -2.10 -32.49 17.98
N ASP A 210 -2.35 -33.64 17.35
CA ASP A 210 -3.57 -33.82 16.58
C ASP A 210 -4.79 -34.03 17.47
N ASN A 211 -4.60 -34.43 18.72
CA ASN A 211 -5.69 -34.63 19.66
C ASN A 211 -5.43 -33.81 20.90
N LEU A 212 -6.38 -32.93 21.25
CA LEU A 212 -6.24 -32.13 22.46
C LEU A 212 -6.27 -33.01 23.70
N SER A 213 -7.11 -34.04 23.71
CA SER A 213 -7.15 -34.95 24.85
C SER A 213 -5.79 -35.59 25.12
N MET A 214 -4.94 -35.69 24.09
CA MET A 214 -3.58 -36.17 24.28
C MET A 214 -2.66 -35.09 24.84
N ALA A 215 -3.08 -33.83 24.83
CA ALA A 215 -2.33 -32.73 25.42
C ALA A 215 -2.67 -32.56 26.89
N ASP A 216 -3.94 -32.32 27.20
CA ASP A 216 -4.42 -32.22 28.58
C ASP A 216 -5.68 -33.08 28.71
N PRO A 217 -5.70 -34.05 29.64
CA PRO A 217 -6.86 -34.94 29.73
C PRO A 217 -8.17 -34.20 30.01
N ASN A 218 -8.13 -33.08 30.72
CA ASN A 218 -9.36 -32.38 31.07
C ASN A 218 -10.13 -31.99 29.80
N ILE A 219 -9.43 -31.51 28.77
CA ILE A 219 -10.10 -31.25 27.50
C ILE A 219 -10.50 -32.57 26.87
N ARG A 220 -11.79 -32.72 26.58
CA ARG A 220 -12.32 -33.96 26.05
C ARG A 220 -13.24 -33.65 24.88
N PHE A 221 -13.17 -34.48 23.84
CA PHE A 221 -13.98 -34.27 22.65
C PHE A 221 -15.45 -34.53 22.96
N LEU A 222 -16.29 -33.54 22.66
CA LEU A 222 -17.73 -33.65 22.91
C LEU A 222 -18.49 -34.04 21.65
N ASP A 223 -18.36 -33.26 20.58
CA ASP A 223 -19.10 -33.53 19.36
C ASP A 223 -18.53 -32.69 18.23
N LYS A 224 -19.22 -32.68 17.10
CA LYS A 224 -18.81 -31.91 15.93
C LYS A 224 -19.95 -31.05 15.42
N LEU A 225 -19.61 -29.85 14.96
CA LEU A 225 -20.56 -28.96 14.33
C LEU A 225 -20.93 -29.47 12.95
N PRO A 226 -22.08 -29.05 12.40
CA PRO A 226 -22.44 -29.43 11.03
C PRO A 226 -21.38 -28.94 10.05
N GLN A 227 -20.98 -29.82 9.13
CA GLN A 227 -19.95 -29.48 8.17
C GLN A 227 -20.37 -28.32 7.28
N GLN A 228 -19.39 -27.53 6.86
CA GLN A 228 -19.61 -26.40 5.96
C GLN A 228 -18.91 -26.71 4.64
N THR A 229 -19.70 -26.91 3.59
CA THR A 229 -19.17 -27.31 2.30
C THR A 229 -19.21 -26.15 1.31
N GLY A 230 -18.12 -26.02 0.56
CA GLY A 230 -18.03 -24.98 -0.46
C GLY A 230 -17.01 -25.33 -1.50
N ASP A 231 -17.21 -24.80 -2.71
CA ASP A 231 -16.24 -24.99 -3.79
C ASP A 231 -14.96 -24.22 -3.50
N ARG A 232 -13.82 -24.83 -3.83
CA ARG A 232 -12.53 -24.22 -3.56
C ARG A 232 -11.52 -24.69 -4.59
N ALA A 233 -11.13 -23.79 -5.48
CA ALA A 233 -10.00 -23.97 -6.38
C ALA A 233 -10.03 -25.34 -7.05
N GLY A 234 -11.10 -25.57 -7.81
CA GLY A 234 -11.22 -26.78 -8.60
C GLY A 234 -11.63 -28.01 -7.82
N ILE A 235 -11.99 -27.87 -6.55
CA ILE A 235 -12.42 -28.98 -5.72
C ILE A 235 -13.88 -28.74 -5.36
N LYS A 236 -14.74 -29.68 -5.75
CA LYS A 236 -16.17 -29.53 -5.50
C LYS A 236 -16.52 -30.01 -4.10
N ASP A 237 -17.28 -29.19 -3.38
CA ASP A 237 -17.76 -29.53 -2.03
C ASP A 237 -16.60 -29.89 -1.12
N ARG A 238 -15.68 -28.94 -0.98
CA ARG A 238 -14.64 -29.03 0.03
C ARG A 238 -15.26 -28.70 1.39
N VAL A 239 -15.00 -29.53 2.39
CA VAL A 239 -15.71 -29.50 3.65
C VAL A 239 -14.79 -28.97 4.73
N TYR A 240 -15.28 -28.01 5.50
CA TYR A 240 -14.63 -27.50 6.70
C TYR A 240 -15.44 -27.98 7.89
N SER A 241 -14.76 -28.59 8.86
CA SER A 241 -15.39 -29.14 10.04
C SER A 241 -14.74 -28.58 11.29
N ASN A 242 -15.56 -28.36 12.32
CA ASN A 242 -15.10 -27.90 13.62
C ASN A 242 -15.60 -28.85 14.70
N SER A 243 -14.90 -28.86 15.83
CA SER A 243 -15.16 -29.81 16.89
C SER A 243 -15.43 -29.07 18.19
N ILE A 244 -16.53 -29.41 18.85
CA ILE A 244 -16.87 -28.89 20.17
C ILE A 244 -16.26 -29.81 21.21
N TYR A 245 -15.50 -29.23 22.14
CA TYR A 245 -14.87 -29.94 23.23
C TYR A 245 -15.50 -29.52 24.55
N GLU A 246 -15.32 -30.35 25.57
CA GLU A 246 -15.80 -30.08 26.92
C GLU A 246 -14.60 -29.87 27.83
N LEU A 247 -14.69 -28.85 28.69
CA LEU A 247 -13.61 -28.49 29.60
C LEU A 247 -13.93 -29.00 30.99
N LEU A 248 -13.23 -30.05 31.42
CA LEU A 248 -13.48 -30.69 32.70
C LEU A 248 -12.65 -30.00 33.78
N GLU A 249 -13.28 -29.08 34.50
CA GLU A 249 -12.68 -28.47 35.68
C GLU A 249 -12.95 -29.38 36.88
N ASN A 250 -11.87 -29.87 37.50
CA ASN A 250 -11.96 -30.80 38.62
C ASN A 250 -12.93 -31.94 38.33
N GLY A 251 -13.02 -32.35 37.06
CA GLY A 251 -13.82 -33.48 36.68
C GLY A 251 -15.27 -33.17 36.32
N GLN A 252 -15.66 -31.90 36.31
CA GLN A 252 -17.01 -31.51 35.95
C GLN A 252 -16.97 -30.51 34.80
N ARG A 253 -17.90 -30.65 33.86
CA ARG A 253 -17.95 -29.76 32.71
C ARG A 253 -18.19 -28.33 33.17
N ALA A 254 -17.19 -27.47 33.01
CA ALA A 254 -17.31 -26.08 33.38
C ALA A 254 -17.60 -25.16 32.19
N GLY A 255 -17.28 -25.60 30.98
CA GLY A 255 -17.56 -24.81 29.80
C GLY A 255 -17.31 -25.60 28.55
N THR A 256 -17.94 -25.16 27.46
CA THR A 256 -17.80 -25.78 26.15
C THR A 256 -17.51 -24.71 25.12
N CYS A 257 -16.69 -25.07 24.14
CA CYS A 257 -16.27 -24.12 23.12
C CYS A 257 -15.78 -24.87 21.90
N VAL A 258 -15.78 -24.17 20.76
CA VAL A 258 -15.20 -24.69 19.53
C VAL A 258 -13.70 -24.42 19.56
N LEU A 259 -12.93 -25.45 19.86
CA LEU A 259 -11.50 -25.31 20.12
C LEU A 259 -10.68 -26.02 19.04
N GLU A 260 -9.54 -25.42 18.69
CA GLU A 260 -8.65 -26.00 17.70
C GLU A 260 -7.34 -25.25 17.68
N TYR A 261 -6.25 -25.99 17.41
CA TYR A 261 -4.96 -25.35 17.20
C TYR A 261 -4.92 -24.67 15.83
N ALA A 262 -3.97 -23.75 15.68
CA ALA A 262 -3.70 -23.14 14.39
C ALA A 262 -2.82 -24.07 13.57
N THR A 263 -3.38 -24.57 12.46
CA THR A 263 -2.65 -25.54 11.65
C THR A 263 -1.30 -25.05 11.16
N PRO A 264 -1.14 -23.80 10.72
CA PRO A 264 0.16 -23.39 10.14
C PRO A 264 1.33 -23.61 11.08
N LEU A 265 1.12 -23.50 12.39
CA LEU A 265 2.22 -23.72 13.32
C LEU A 265 2.82 -25.11 13.15
N GLN A 266 1.99 -26.12 12.89
CA GLN A 266 2.52 -27.44 12.60
C GLN A 266 3.55 -27.38 11.49
N THR A 267 3.22 -26.67 10.40
CA THR A 267 4.17 -26.50 9.32
C THR A 267 5.49 -25.92 9.83
N LEU A 268 5.41 -24.87 10.64
CA LEU A 268 6.62 -24.28 11.21
C LEU A 268 7.42 -25.33 11.98
N PHE A 269 6.73 -26.19 12.72
CA PHE A 269 7.44 -27.26 13.41
C PHE A 269 8.06 -28.23 12.43
N ALA A 270 7.33 -28.58 11.37
CA ALA A 270 7.84 -29.53 10.40
C ALA A 270 8.98 -28.93 9.58
N MET A 271 8.86 -27.66 9.21
CA MET A 271 9.94 -27.01 8.47
C MET A 271 11.24 -27.01 9.26
N SER A 272 11.15 -26.88 10.58
CA SER A 272 12.33 -26.96 11.43
C SER A 272 12.89 -28.36 11.54
N GLN A 273 12.16 -29.37 11.04
CA GLN A 273 12.62 -30.75 11.06
C GLN A 273 13.17 -31.23 9.74
N TYR A 274 12.72 -30.65 8.62
CA TYR A 274 13.22 -31.00 7.30
C TYR A 274 14.44 -30.14 6.98
N SER A 275 15.53 -30.79 6.58
CA SER A 275 16.76 -30.06 6.29
C SER A 275 16.60 -29.17 5.06
N GLN A 276 15.89 -29.66 4.04
CA GLN A 276 15.77 -28.91 2.81
C GLN A 276 15.03 -27.59 2.99
N ALA A 277 14.29 -27.45 4.09
CA ALA A 277 13.56 -26.22 4.35
C ALA A 277 14.48 -25.07 4.76
N GLY A 278 15.67 -25.36 5.27
CA GLY A 278 16.54 -24.32 5.76
C GLY A 278 15.90 -23.49 6.85
N PHE A 279 15.23 -24.16 7.80
CA PHE A 279 14.45 -23.49 8.83
C PHE A 279 14.95 -23.97 10.19
N SER A 280 15.31 -23.03 11.05
CA SER A 280 15.89 -23.35 12.34
C SER A 280 14.83 -23.31 13.44
N ARG A 281 15.21 -23.87 14.61
CA ARG A 281 14.32 -23.84 15.76
C ARG A 281 14.11 -22.42 16.27
N GLU A 282 15.19 -21.64 16.38
CA GLU A 282 15.06 -20.24 16.79
C GLU A 282 14.26 -19.45 15.76
N ASP A 283 14.56 -19.69 14.48
CA ASP A 283 13.77 -19.07 13.42
C ASP A 283 12.31 -19.52 13.51
N ARG A 284 12.08 -20.78 13.86
CA ARG A 284 10.72 -21.27 14.02
C ARG A 284 9.99 -20.52 15.12
N LEU A 285 10.63 -20.33 16.26
CA LEU A 285 9.97 -19.61 17.36
C LEU A 285 9.70 -18.16 16.97
N GLU A 286 10.68 -17.51 16.34
CA GLU A 286 10.48 -16.13 15.92
C GLU A 286 9.33 -16.02 14.93
N GLN A 287 9.26 -16.94 13.97
CA GLN A 287 8.19 -16.92 12.99
C GLN A 287 6.85 -17.24 13.62
N ALA A 288 6.82 -18.08 14.66
CA ALA A 288 5.57 -18.35 15.36
C ALA A 288 5.06 -17.09 16.05
N LYS A 289 5.96 -16.37 16.72
CA LYS A 289 5.54 -15.13 17.37
C LYS A 289 5.10 -14.11 16.33
N LEU A 290 5.81 -14.03 15.20
CA LEU A 290 5.41 -13.13 14.13
C LEU A 290 4.06 -13.51 13.55
N PHE A 291 3.80 -14.82 13.42
CA PHE A 291 2.51 -15.28 12.92
C PHE A 291 1.39 -14.88 13.86
N CYS A 292 1.60 -15.04 15.18
CA CYS A 292 0.59 -14.63 16.14
C CYS A 292 0.33 -13.12 16.03
N ARG A 293 1.40 -12.33 15.94
CA ARG A 293 1.24 -10.89 15.86
C ARG A 293 0.49 -10.49 14.59
N THR A 294 0.86 -11.09 13.46
CA THR A 294 0.21 -10.76 12.19
C THR A 294 -1.25 -11.17 12.20
N LEU A 295 -1.57 -12.33 12.78
CA LEU A 295 -2.97 -12.76 12.86
C LEU A 295 -3.77 -11.82 13.74
N GLU A 296 -3.20 -11.40 14.86
CA GLU A 296 -3.89 -10.42 15.71
C GLU A 296 -4.15 -9.13 14.94
N ASP A 297 -3.14 -8.64 14.23
CA ASP A 297 -3.32 -7.40 13.47
C ASP A 297 -4.39 -7.57 12.39
N ILE A 298 -4.40 -8.71 11.70
CA ILE A 298 -5.38 -8.95 10.64
C ILE A 298 -6.78 -8.97 11.23
N LEU A 299 -6.98 -9.70 12.32
CA LEU A 299 -8.31 -9.82 12.89
C LEU A 299 -8.76 -8.55 13.59
N ALA A 300 -7.83 -7.67 13.95
CA ALA A 300 -8.24 -6.39 14.54
C ALA A 300 -9.01 -5.55 13.53
N ASP A 301 -8.58 -5.52 12.28
CA ASP A 301 -9.19 -4.73 11.23
C ASP A 301 -10.08 -5.56 10.31
N ALA A 302 -10.35 -6.82 10.66
CA ALA A 302 -11.12 -7.69 9.79
C ALA A 302 -12.61 -7.56 10.11
N PRO A 303 -13.45 -7.16 9.15
CA PRO A 303 -14.89 -7.12 9.44
C PRO A 303 -15.51 -8.47 9.72
N GLU A 304 -14.86 -9.56 9.31
CA GLU A 304 -15.40 -10.89 9.58
C GLU A 304 -15.35 -11.22 11.07
N SER A 305 -14.36 -10.70 11.78
CA SER A 305 -14.18 -11.01 13.20
C SER A 305 -15.05 -10.08 14.05
N GLN A 306 -16.36 -10.29 13.94
CA GLN A 306 -17.33 -9.56 14.77
C GLN A 306 -17.47 -10.29 16.11
N ASN A 307 -16.37 -10.29 16.85
CA ASN A 307 -16.27 -11.06 18.10
C ASN A 307 -16.57 -12.53 17.86
N ASN A 308 -16.22 -13.03 16.68
CA ASN A 308 -16.48 -14.40 16.29
C ASN A 308 -15.31 -15.34 16.55
N CYS A 309 -14.20 -14.84 17.08
CA CYS A 309 -13.05 -15.68 17.33
C CYS A 309 -12.20 -15.08 18.44
N ARG A 310 -11.38 -15.92 19.05
CA ARG A 310 -10.43 -15.52 20.07
C ARG A 310 -9.09 -16.20 19.80
N LEU A 311 -8.01 -15.48 20.05
CA LEU A 311 -6.66 -16.01 19.90
C LEU A 311 -6.07 -16.24 21.30
N ILE A 312 -5.57 -17.45 21.53
CA ILE A 312 -5.04 -17.84 22.83
C ILE A 312 -3.58 -18.24 22.60
N ALA A 313 -2.67 -17.29 22.82
CA ALA A 313 -1.25 -17.54 22.68
C ALA A 313 -0.66 -17.85 24.04
N TYR A 314 0.09 -18.94 24.13
CA TYR A 314 0.66 -19.38 25.40
C TYR A 314 2.02 -20.03 25.15
N GLN A 315 2.85 -20.01 26.18
CA GLN A 315 4.17 -20.63 26.16
C GLN A 315 4.30 -21.53 27.38
N GLU A 316 4.66 -22.78 27.15
CA GLU A 316 4.82 -23.72 28.25
C GLU A 316 6.14 -23.46 28.97
N PRO A 317 6.13 -23.14 30.28
CA PRO A 317 7.40 -22.93 31.00
C PRO A 317 8.27 -24.18 31.02
N SER A 322 2.76 -28.85 34.94
CA SER A 322 2.51 -27.57 35.57
C SER A 322 1.47 -26.77 34.79
N PHE A 323 1.89 -26.22 33.65
CA PHE A 323 0.98 -25.46 32.82
C PHE A 323 -0.18 -26.33 32.35
N SER A 324 -1.38 -25.76 32.39
CA SER A 324 -2.60 -26.45 31.98
C SER A 324 -3.30 -25.65 30.90
N LEU A 325 -3.52 -26.26 29.74
CA LEU A 325 -4.26 -25.61 28.67
C LEU A 325 -5.71 -25.40 29.03
N SER A 326 -6.30 -26.34 29.77
CA SER A 326 -7.70 -26.23 30.14
C SER A 326 -7.95 -24.96 30.95
N GLN A 327 -7.04 -24.64 31.87
CA GLN A 327 -7.20 -23.43 32.66
C GLN A 327 -7.11 -22.19 31.77
N GLU A 328 -6.20 -22.18 30.80
CA GLU A 328 -6.11 -21.06 29.87
C GLU A 328 -7.44 -20.87 29.12
N VAL A 329 -7.98 -21.97 28.58
CA VAL A 329 -9.21 -21.86 27.81
C VAL A 329 -10.36 -21.42 28.70
N LEU A 330 -10.45 -21.97 29.92
CA LEU A 330 -11.51 -21.57 30.83
C LEU A 330 -11.40 -20.11 31.22
N ARG A 331 -10.18 -19.62 31.44
CA ARG A 331 -10.00 -18.22 31.79
C ARG A 331 -10.41 -17.31 30.63
N HIS A 332 -10.05 -17.70 29.41
CA HIS A 332 -10.46 -16.91 28.24
C HIS A 332 -11.95 -17.04 27.94
N LEU A 333 -12.61 -18.07 28.46
CA LEU A 333 -14.05 -18.23 28.30
C LEU A 333 -14.85 -17.44 29.33
N ARG A 334 -14.55 -17.64 30.61
CA ARG A 334 -15.31 -17.00 31.68
C ARG A 334 -15.25 -15.48 31.57
N GLN A 335 -14.22 -14.96 30.92
CA GLN A 335 -14.09 -13.52 30.72
C GLN A 335 -15.30 -12.98 29.97
N SER B 4 14.72 -26.46 -14.45
CA SER B 4 13.40 -25.83 -14.34
C SER B 4 12.54 -26.14 -15.55
N SER B 5 11.96 -27.35 -15.58
CA SER B 5 11.13 -27.77 -16.69
C SER B 5 9.68 -27.34 -16.54
N LEU B 6 9.30 -26.78 -15.39
CA LEU B 6 7.92 -26.33 -15.21
C LEU B 6 7.56 -25.26 -16.24
N HIS B 7 8.25 -24.12 -16.19
CA HIS B 7 8.00 -23.03 -17.11
C HIS B 7 9.26 -22.21 -17.24
N PRO B 8 9.63 -21.76 -18.43
CA PRO B 8 10.88 -20.99 -18.57
C PRO B 8 10.90 -19.71 -17.75
N SER B 9 9.73 -19.14 -17.43
CA SER B 9 9.68 -17.90 -16.68
C SER B 9 10.12 -18.06 -15.23
N ILE B 10 10.25 -19.30 -14.75
CA ILE B 10 10.70 -19.54 -13.37
C ILE B 10 12.18 -19.23 -13.29
N PRO B 11 12.60 -18.27 -12.46
CA PRO B 11 14.03 -17.95 -12.39
C PRO B 11 14.82 -19.03 -11.69
N CYS B 12 16.00 -19.31 -12.22
CA CYS B 12 16.89 -20.25 -11.58
C CYS B 12 17.58 -19.59 -10.39
N PRO B 13 18.03 -20.38 -9.41
CA PRO B 13 18.71 -19.79 -8.25
C PRO B 13 19.98 -19.06 -8.67
N ARG B 14 20.27 -17.98 -7.94
CA ARG B 14 21.45 -17.18 -8.26
C ARG B 14 22.72 -17.99 -8.06
N GLY B 15 23.68 -17.78 -8.94
CA GLY B 15 24.94 -18.51 -8.89
C GLY B 15 26.06 -17.70 -8.27
N HIS B 16 27.22 -17.70 -8.93
CA HIS B 16 28.40 -17.01 -8.43
C HIS B 16 28.89 -15.95 -9.42
N GLY B 17 27.97 -15.37 -10.19
CA GLY B 17 28.37 -14.35 -11.14
C GLY B 17 28.97 -13.13 -10.46
N ALA B 18 28.43 -12.76 -9.29
CA ALA B 18 28.97 -11.62 -8.57
C ALA B 18 30.42 -11.86 -8.16
N GLN B 19 30.73 -13.06 -7.68
CA GLN B 19 32.10 -13.37 -7.27
C GLN B 19 33.05 -13.35 -8.46
N LYS B 20 32.62 -13.87 -9.60
CA LYS B 20 33.48 -13.85 -10.79
C LYS B 20 33.72 -12.43 -11.27
N ALA B 21 32.66 -11.61 -11.28
CA ALA B 21 32.83 -10.20 -11.65
C ALA B 21 33.74 -9.49 -10.65
N ALA B 22 33.64 -9.83 -9.37
CA ALA B 22 34.51 -9.23 -8.37
C ALA B 22 35.96 -9.63 -8.60
N LEU B 23 36.21 -10.88 -8.99
CA LEU B 23 37.56 -11.31 -9.29
C LEU B 23 38.12 -10.57 -10.49
N VAL B 24 37.30 -10.41 -11.53
CA VAL B 24 37.73 -9.66 -12.71
C VAL B 24 38.04 -8.22 -12.33
N LEU B 25 37.18 -7.61 -11.51
CA LEU B 25 37.42 -6.24 -11.07
C LEU B 25 38.70 -6.13 -10.25
N LEU B 26 38.95 -7.10 -9.38
CA LEU B 26 40.17 -7.09 -8.57
C LEU B 26 41.40 -7.18 -9.45
N SER B 27 41.37 -8.09 -10.45
CA SER B 27 42.51 -8.21 -11.36
C SER B 27 42.72 -6.91 -12.13
N ALA B 28 41.64 -6.30 -12.62
CA ALA B 28 41.77 -5.05 -13.36
C ALA B 28 42.32 -3.94 -12.49
N CYS B 29 41.87 -3.87 -11.23
CA CYS B 29 42.35 -2.84 -10.33
C CYS B 29 43.82 -3.04 -9.98
N LEU B 30 44.24 -4.29 -9.79
CA LEU B 30 45.67 -4.55 -9.57
C LEU B 30 46.48 -4.14 -10.78
N VAL B 31 45.99 -4.45 -11.98
CA VAL B 31 46.69 -4.04 -13.19
C VAL B 31 46.78 -2.52 -13.28
N THR B 32 45.70 -1.83 -12.93
CA THR B 32 45.71 -0.37 -12.98
C THR B 32 46.70 0.21 -11.97
N LEU B 33 46.71 -0.33 -10.76
CA LEU B 33 47.67 0.14 -9.76
C LEU B 33 49.10 -0.11 -10.22
N TRP B 34 49.35 -1.26 -10.85
CA TRP B 34 50.67 -1.54 -11.39
C TRP B 34 51.04 -0.55 -12.47
N GLY B 35 50.09 -0.22 -13.35
CA GLY B 35 50.36 0.74 -14.41
C GLY B 35 50.65 2.13 -13.88
N LEU B 36 49.90 2.58 -12.87
CA LEU B 36 50.13 3.90 -12.30
C LEU B 36 51.53 4.04 -11.72
N GLY B 37 52.17 2.92 -11.35
CA GLY B 37 53.49 2.95 -10.79
C GLY B 37 53.55 3.24 -9.31
N GLU B 38 52.41 3.45 -8.66
CA GLU B 38 52.41 3.73 -7.23
C GLU B 38 52.97 2.53 -6.47
N PRO B 39 53.76 2.75 -5.42
CA PRO B 39 54.35 1.62 -4.71
C PRO B 39 53.28 0.79 -4.03
N PRO B 40 53.50 -0.53 -3.92
CA PRO B 40 52.51 -1.37 -3.23
C PRO B 40 52.32 -1.02 -1.77
N GLU B 41 53.32 -0.42 -1.12
CA GLU B 41 53.20 -0.13 0.31
C GLU B 41 52.12 0.92 0.57
N HIS B 42 52.10 1.99 -0.23
CA HIS B 42 51.05 3.00 -0.08
C HIS B 42 49.67 2.40 -0.33
N THR B 43 49.57 1.56 -1.36
CA THR B 43 48.29 0.90 -1.64
C THR B 43 47.83 0.07 -0.47
N LEU B 44 48.74 -0.73 0.09
CA LEU B 44 48.39 -1.56 1.24
C LEU B 44 47.95 -0.69 2.42
N ARG B 45 48.69 0.37 2.70
CA ARG B 45 48.37 1.22 3.85
C ARG B 45 46.99 1.86 3.69
N TYR B 46 46.72 2.43 2.51
CA TYR B 46 45.44 3.11 2.32
C TYR B 46 44.29 2.11 2.25
N LEU B 47 44.52 0.92 1.70
CA LEU B 47 43.49 -0.11 1.71
C LEU B 47 43.15 -0.54 3.13
N VAL B 48 44.17 -0.72 3.97
CA VAL B 48 43.92 -1.08 5.36
C VAL B 48 43.17 0.03 6.08
N LEU B 49 43.52 1.29 5.77
CA LEU B 49 42.79 2.40 6.37
C LEU B 49 41.33 2.42 5.93
N HIS B 50 41.07 2.12 4.66
CA HIS B 50 39.70 2.07 4.17
C HIS B 50 38.91 0.97 4.88
N LEU B 51 39.52 -0.21 5.03
CA LEU B 51 38.85 -1.30 5.73
C LEU B 51 38.60 -0.93 7.19
N ALA B 52 39.54 -0.23 7.81
CA ALA B 52 39.34 0.25 9.18
C ALA B 52 38.16 1.20 9.26
N SER B 53 38.05 2.11 8.29
CA SER B 53 36.92 3.03 8.27
C SER B 53 35.60 2.27 8.11
N LEU B 54 35.60 1.24 7.26
CA LEU B 54 34.40 0.42 7.11
C LEU B 54 34.03 -0.27 8.42
N GLN B 55 35.03 -0.80 9.14
CA GLN B 55 34.75 -1.45 10.42
C GLN B 55 34.20 -0.46 11.43
N LEU B 56 34.76 0.76 11.47
CA LEU B 56 34.25 1.77 12.39
C LEU B 56 32.82 2.15 12.06
N GLY B 57 32.51 2.30 10.77
CA GLY B 57 31.14 2.56 10.37
C GLY B 57 30.20 1.44 10.78
N LEU B 58 30.66 0.19 10.62
CA LEU B 58 29.86 -0.94 11.08
C LEU B 58 29.59 -0.87 12.57
N LEU B 59 30.62 -0.53 13.36
CA LEU B 59 30.43 -0.42 14.80
C LEU B 59 29.42 0.67 15.14
N LEU B 60 29.52 1.82 14.48
CA LEU B 60 28.60 2.91 14.78
C LEU B 60 27.16 2.54 14.42
N ASN B 61 26.97 1.95 13.24
CA ASN B 61 25.64 1.51 12.86
C ASN B 61 25.12 0.44 13.80
N GLY B 62 26.01 -0.43 14.30
CA GLY B 62 25.60 -1.44 15.24
C GLY B 62 25.15 -0.86 16.56
N VAL B 63 25.85 0.18 17.04
CA VAL B 63 25.42 0.86 18.26
C VAL B 63 24.07 1.53 18.05
N CYS B 64 23.89 2.17 16.90
CA CYS B 64 22.60 2.80 16.60
C CYS B 64 21.48 1.76 16.60
N SER B 65 21.72 0.60 15.98
CA SER B 65 20.71 -0.45 15.95
C SER B 65 20.50 -1.06 17.33
N LEU B 66 21.56 -1.13 18.14
CA LEU B 66 21.43 -1.64 19.50
C LEU B 66 20.52 -0.75 20.32
N ALA B 67 20.59 0.56 20.10
CA ALA B 67 19.71 1.48 20.81
C ALA B 67 18.25 1.07 20.70
N GLU B 68 17.87 0.49 19.56
CA GLU B 68 16.51 -0.01 19.36
C GLU B 68 16.35 -1.45 19.79
N GLU B 69 17.33 -2.31 19.49
CA GLU B 69 17.19 -3.73 19.79
C GLU B 69 17.15 -4.00 21.27
N LEU B 70 17.75 -3.14 22.09
CA LEU B 70 17.68 -3.32 23.54
C LEU B 70 16.26 -3.16 24.07
N ARG B 71 15.35 -2.59 23.27
CA ARG B 71 13.95 -2.51 23.65
C ARG B 71 13.23 -3.84 23.46
N HIS B 72 13.77 -4.73 22.64
CA HIS B 72 13.22 -6.06 22.40
C HIS B 72 14.09 -7.14 23.02
N ILE B 73 14.82 -6.80 24.08
CA ILE B 73 15.78 -7.73 24.67
C ILE B 73 15.06 -8.94 25.23
N HIS B 74 13.94 -8.73 25.92
CA HIS B 74 13.20 -9.84 26.52
C HIS B 74 12.34 -10.56 25.50
N SER B 75 11.66 -9.80 24.63
CA SER B 75 10.75 -10.42 23.67
C SER B 75 11.51 -11.19 22.61
N ARG B 76 12.63 -10.65 22.13
CA ARG B 76 13.30 -11.20 20.96
C ARG B 76 14.67 -11.79 21.25
N TYR B 77 15.26 -11.52 22.42
CA TYR B 77 16.63 -11.94 22.71
C TYR B 77 16.74 -12.57 24.09
N ARG B 78 15.64 -13.11 24.61
CA ARG B 78 15.68 -13.90 25.85
C ARG B 78 16.26 -13.11 27.01
N GLY B 79 16.10 -11.79 26.98
CA GLY B 79 16.57 -10.97 28.08
C GLY B 79 18.07 -10.97 28.28
N SER B 80 18.85 -11.17 27.22
CA SER B 80 20.30 -11.22 27.30
C SER B 80 20.90 -10.10 26.47
N TYR B 81 21.80 -9.32 27.06
CA TYR B 81 22.46 -8.26 26.33
C TYR B 81 23.46 -8.82 25.32
N TRP B 82 24.12 -9.93 25.67
CA TRP B 82 25.10 -10.52 24.77
C TRP B 82 24.45 -10.90 23.44
N ARG B 83 23.25 -11.45 23.47
CA ARG B 83 22.58 -11.85 22.24
C ARG B 83 22.20 -10.63 21.40
N THR B 84 21.76 -9.55 22.04
CA THR B 84 21.46 -8.33 21.30
C THR B 84 22.72 -7.77 20.63
N VAL B 85 23.84 -7.78 21.35
CA VAL B 85 25.09 -7.31 20.76
C VAL B 85 25.48 -8.20 19.59
N ARG B 86 25.35 -9.52 19.76
CA ARG B 86 25.70 -10.45 18.68
C ARG B 86 24.82 -10.23 17.46
N ALA B 87 23.56 -9.86 17.66
CA ALA B 87 22.66 -9.63 16.55
C ALA B 87 22.92 -8.29 15.88
N CYS B 88 23.34 -7.29 16.64
CA CYS B 88 23.53 -5.95 16.08
C CYS B 88 24.83 -5.81 15.31
N LEU B 89 25.91 -6.47 15.75
CA LEU B 89 27.22 -6.27 15.15
C LEU B 89 27.96 -7.59 14.93
N GLY B 90 27.23 -8.69 14.74
CA GLY B 90 27.89 -9.96 14.49
C GLY B 90 28.63 -10.45 15.73
N CYS B 91 29.58 -11.34 15.50
CA CYS B 91 30.35 -11.94 16.59
C CYS B 91 31.12 -10.84 17.31
N PRO B 92 30.89 -10.62 18.61
CA PRO B 92 31.64 -9.56 19.30
C PRO B 92 33.14 -9.77 19.31
N LEU B 93 33.60 -11.02 19.35
CA LEU B 93 35.04 -11.27 19.39
C LEU B 93 35.70 -10.81 18.10
N ARG B 94 35.17 -11.22 16.96
CA ARG B 94 35.73 -10.82 15.67
C ARG B 94 35.64 -9.31 15.49
N ARG B 95 34.50 -8.72 15.84
CA ARG B 95 34.34 -7.28 15.70
C ARG B 95 35.35 -6.52 16.56
N GLY B 96 35.54 -6.97 17.80
CA GLY B 96 36.51 -6.32 18.67
C GLY B 96 37.93 -6.46 18.16
N ALA B 97 38.28 -7.64 17.67
CA ALA B 97 39.62 -7.84 17.10
C ALA B 97 39.84 -6.91 15.92
N LEU B 98 38.85 -6.83 15.02
CA LEU B 98 38.98 -5.96 13.85
C LEU B 98 39.07 -4.50 14.26
N LEU B 99 38.31 -4.09 15.28
CA LEU B 99 38.38 -2.70 15.74
C LEU B 99 39.73 -2.40 16.35
N LEU B 100 40.28 -3.31 17.14
CA LEU B 100 41.61 -3.10 17.72
C LEU B 100 42.67 -2.99 16.64
N LEU B 101 42.61 -3.88 15.65
CA LEU B 101 43.55 -3.80 14.53
C LEU B 101 43.39 -2.48 13.79
N SER B 102 42.16 -2.04 13.57
CA SER B 102 41.91 -0.78 12.89
C SER B 102 42.54 0.38 13.65
N ILE B 103 42.31 0.42 14.97
CA ILE B 103 42.88 1.49 15.78
C ILE B 103 44.39 1.47 15.70
N TYR B 104 44.99 0.28 15.85
CA TYR B 104 46.44 0.18 15.86
C TYR B 104 47.03 0.62 14.53
N PHE B 105 46.46 0.19 13.42
CA PHE B 105 46.99 0.50 12.11
C PHE B 105 46.56 1.86 11.59
N TYR B 106 45.67 2.56 12.29
CA TYR B 106 45.36 3.94 11.97
C TYR B 106 46.23 4.91 12.77
N TYR B 107 46.26 4.76 14.10
CA TYR B 107 47.11 5.62 14.92
C TYR B 107 48.57 5.47 14.54
N SER B 108 48.99 4.28 14.10
CA SER B 108 50.40 4.03 13.81
C SER B 108 50.78 4.43 12.39
N LEU B 109 50.01 4.00 11.41
CA LEU B 109 50.36 4.26 10.02
C LEU B 109 50.21 5.75 9.72
N PRO B 110 51.13 6.36 8.96
CA PRO B 110 50.99 7.78 8.57
C PRO B 110 49.64 8.07 7.93
N PRO B 116 45.05 12.41 12.64
CA PRO B 116 44.30 12.24 13.89
C PRO B 116 43.26 11.12 13.80
N PHE B 117 42.90 10.54 14.94
CA PHE B 117 41.93 9.46 14.98
C PHE B 117 40.58 9.90 15.52
N THR B 118 40.55 10.76 16.54
CA THR B 118 39.28 11.24 17.06
C THR B 118 38.52 12.03 16.01
N TRP B 119 39.22 12.82 15.20
CA TRP B 119 38.56 13.56 14.12
C TRP B 119 37.99 12.61 13.08
N MET B 120 38.75 11.58 12.70
CA MET B 120 38.26 10.62 11.74
C MET B 120 37.04 9.88 12.28
N LEU B 121 37.08 9.50 13.55
CA LEU B 121 35.94 8.83 14.15
C LEU B 121 34.72 9.74 14.18
N ALA B 122 34.92 11.02 14.49
CA ALA B 122 33.81 11.96 14.48
C ALA B 122 33.21 12.10 13.09
N LEU B 123 34.06 12.19 12.07
CA LEU B 123 33.58 12.31 10.70
C LEU B 123 32.80 11.06 10.28
N LEU B 124 33.34 9.88 10.59
CA LEU B 124 32.65 8.65 10.23
C LEU B 124 31.32 8.52 10.96
N GLY B 125 31.28 8.91 12.23
CA GLY B 125 30.03 8.91 12.96
C GLY B 125 29.01 9.86 12.36
N LEU B 126 29.47 11.04 11.95
CA LEU B 126 28.58 11.99 11.30
C LEU B 126 28.01 11.40 10.01
N SER B 127 28.86 10.77 9.21
CA SER B 127 28.40 10.17 7.96
C SER B 127 27.40 9.04 8.22
N GLN B 128 27.69 8.19 9.20
CA GLN B 128 26.78 7.08 9.51
C GLN B 128 25.44 7.61 10.01
N ALA B 129 25.47 8.61 10.88
CA ALA B 129 24.23 9.21 11.37
C ALA B 129 23.44 9.84 10.23
N LEU B 130 24.14 10.49 9.30
CA LEU B 130 23.45 11.07 8.15
C LEU B 130 22.78 9.99 7.31
N ASN B 131 23.50 8.88 7.06
CA ASN B 131 22.91 7.79 6.30
C ASN B 131 21.68 7.21 7.01
N ILE B 132 21.76 7.08 8.33
CA ILE B 132 20.63 6.52 9.08
C ILE B 132 19.44 7.46 9.06
N LEU B 133 19.67 8.75 9.29
CA LEU B 133 18.57 9.70 9.41
C LEU B 133 17.91 9.96 8.06
N LEU B 134 18.70 10.03 7.00
CA LEU B 134 18.19 10.28 5.65
C LEU B 134 17.68 9.01 4.98
N GLY B 135 17.69 7.87 5.68
CA GLY B 135 17.22 6.63 5.10
C GLY B 135 18.08 6.13 3.95
N LEU B 136 19.39 6.30 4.04
CA LEU B 136 20.31 5.86 3.00
C LEU B 136 20.81 4.44 3.23
N LYS B 137 20.42 3.81 4.34
CA LYS B 137 20.80 2.43 4.63
C LYS B 137 19.97 1.42 3.84
N GLY B 138 19.09 1.89 2.96
CA GLY B 138 18.29 0.96 2.17
C GLY B 138 19.16 0.05 1.33
N LEU B 139 18.65 -1.16 1.09
CA LEU B 139 19.34 -2.16 0.30
C LEU B 139 18.65 -2.30 -1.05
N ALA B 140 19.44 -2.53 -2.10
CA ALA B 140 18.89 -2.57 -3.43
C ALA B 140 17.94 -3.76 -3.58
N PRO B 141 16.97 -3.68 -4.48
CA PRO B 141 16.03 -4.80 -4.63
C PRO B 141 16.70 -6.13 -4.92
N ALA B 142 17.73 -6.13 -5.76
CA ALA B 142 18.42 -7.39 -6.06
C ALA B 142 19.11 -7.96 -4.84
N GLU B 143 19.75 -7.11 -4.03
CA GLU B 143 20.37 -7.58 -2.81
C GLU B 143 19.34 -8.12 -1.83
N ILE B 144 18.21 -7.44 -1.70
CA ILE B 144 17.14 -7.93 -0.82
C ILE B 144 16.65 -9.29 -1.29
N SER B 145 16.43 -9.44 -2.60
CA SER B 145 15.97 -10.71 -3.12
C SER B 145 16.98 -11.82 -2.89
N ALA B 146 18.26 -11.53 -3.10
CA ALA B 146 19.29 -12.54 -2.88
C ALA B 146 19.36 -12.94 -1.42
N VAL B 147 19.28 -11.96 -0.51
CA VAL B 147 19.32 -12.28 0.92
C VAL B 147 18.11 -13.11 1.31
N CYS B 148 16.92 -12.78 0.78
CA CYS B 148 15.72 -13.52 1.13
C CYS B 148 15.77 -14.95 0.59
N GLU B 149 16.25 -15.13 -0.64
CA GLU B 149 16.33 -16.48 -1.21
C GLU B 149 17.39 -17.31 -0.49
N LYS B 150 18.51 -16.68 -0.12
CA LYS B 150 19.53 -17.40 0.63
C LYS B 150 18.99 -17.88 1.96
N GLY B 151 18.40 -16.98 2.74
CA GLY B 151 17.82 -17.30 4.03
C GLY B 151 16.39 -17.77 3.98
N ASN B 152 15.83 -17.93 2.79
CA ASN B 152 14.45 -18.40 2.62
C ASN B 152 13.47 -17.49 3.36
N PHE B 153 13.72 -16.19 3.30
CA PHE B 153 12.81 -15.20 3.87
C PHE B 153 11.78 -14.80 2.81
N ASN B 154 10.91 -15.75 2.49
CA ASN B 154 9.90 -15.58 1.46
C ASN B 154 8.60 -16.21 1.92
N VAL B 155 7.48 -15.56 1.58
CA VAL B 155 6.17 -16.13 1.90
C VAL B 155 5.94 -17.39 1.09
N ALA B 156 6.43 -17.42 -0.15
CA ALA B 156 6.23 -18.58 -1.01
C ALA B 156 6.87 -19.84 -0.44
N HIS B 157 8.02 -19.70 0.23
CA HIS B 157 8.65 -20.85 0.87
C HIS B 157 7.71 -21.49 1.88
N GLY B 158 7.16 -20.69 2.79
CA GLY B 158 6.24 -21.21 3.77
C GLY B 158 4.97 -21.76 3.16
N LEU B 159 4.45 -21.09 2.12
CA LEU B 159 3.24 -21.57 1.47
C LEU B 159 3.47 -22.93 0.83
N ALA B 160 4.60 -23.11 0.15
CA ALA B 160 4.91 -24.40 -0.46
C ALA B 160 5.08 -25.48 0.59
N TRP B 161 5.80 -25.17 1.67
CA TRP B 161 6.01 -26.18 2.70
C TRP B 161 4.74 -26.51 3.44
N SER B 162 3.80 -25.57 3.54
CA SER B 162 2.50 -25.87 4.13
C SER B 162 1.63 -26.70 3.20
N TYR B 163 1.68 -26.39 1.90
CA TYR B 163 0.93 -27.18 0.93
C TYR B 163 1.42 -28.61 0.89
N TYR B 164 2.73 -28.81 1.05
CA TYR B 164 3.28 -30.17 1.06
C TYR B 164 3.01 -30.87 2.40
N ILE B 165 3.43 -30.24 3.50
CA ILE B 165 3.30 -30.86 4.81
C ILE B 165 1.83 -31.08 5.17
N GLY B 166 0.98 -30.09 4.88
CA GLY B 166 -0.39 -30.16 5.31
C GLY B 166 -1.31 -30.97 4.43
N TYR B 167 -1.09 -30.95 3.11
CA TYR B 167 -2.01 -31.56 2.17
C TYR B 167 -1.37 -32.69 1.36
N LEU B 168 -0.28 -32.43 0.65
CA LEU B 168 0.29 -33.45 -0.24
C LEU B 168 0.87 -34.61 0.55
N ARG B 169 1.62 -34.30 1.60
CA ARG B 169 2.25 -35.35 2.41
C ARG B 169 1.22 -36.30 3.00
N LEU B 170 -0.04 -35.87 3.12
CA LEU B 170 -1.10 -36.69 3.69
C LEU B 170 -2.06 -37.24 2.64
N ILE B 171 -1.95 -36.79 1.39
CA ILE B 171 -2.90 -37.16 0.35
C ILE B 171 -2.25 -38.06 -0.71
N LEU B 172 -1.03 -37.73 -1.14
CA LEU B 172 -0.39 -38.55 -2.17
C LEU B 172 -0.18 -39.98 -1.74
N PRO B 173 0.26 -40.28 -0.52
CA PRO B 173 0.45 -41.69 -0.13
C PRO B 173 -0.79 -42.54 -0.28
N GLU B 174 -1.97 -41.95 -0.08
CA GLU B 174 -3.24 -42.67 -0.11
C GLU B 174 -4.13 -42.18 -1.23
N LEU B 175 -3.55 -41.94 -2.40
CA LEU B 175 -4.30 -41.51 -3.58
C LEU B 175 -4.56 -42.65 -4.55
N GLN B 176 -3.57 -43.51 -4.79
CA GLN B 176 -3.79 -44.64 -5.69
C GLN B 176 -4.84 -45.58 -5.13
N ALA B 177 -4.88 -45.73 -3.80
CA ALA B 177 -5.90 -46.57 -3.18
C ALA B 177 -7.29 -46.02 -3.44
N ARG B 178 -7.48 -44.72 -3.25
CA ARG B 178 -8.77 -44.11 -3.51
C ARG B 178 -9.15 -44.24 -4.98
N ILE B 179 -8.20 -43.99 -5.88
CA ILE B 179 -8.50 -44.07 -7.31
C ILE B 179 -8.88 -45.50 -7.69
N ARG B 180 -8.15 -46.48 -7.15
CA ARG B 180 -8.50 -47.87 -7.37
C ARG B 180 -9.92 -48.15 -6.90
N THR B 181 -10.19 -47.92 -5.61
CA THR B 181 -11.53 -48.14 -5.08
C THR B 181 -12.59 -47.51 -5.96
N TYR B 182 -12.34 -46.30 -6.45
CA TYR B 182 -13.29 -45.64 -7.35
C TYR B 182 -13.45 -46.44 -8.64
N ASN B 183 -12.34 -46.94 -9.19
CA ASN B 183 -12.42 -47.64 -10.48
C ASN B 183 -13.13 -48.98 -10.35
N GLN B 184 -12.91 -49.69 -9.25
CA GLN B 184 -13.54 -51.00 -9.07
C GLN B 184 -15.06 -50.89 -9.12
N HIS B 185 -15.60 -49.82 -8.55
CA HIS B 185 -17.04 -49.58 -8.55
C HIS B 185 -17.51 -48.77 -9.75
N TYR B 186 -16.61 -48.45 -10.68
CA TYR B 186 -16.96 -47.65 -11.84
C TYR B 186 -15.79 -47.57 -12.81
N GLY B 192 -15.48 -45.39 -15.06
CA GLY B 192 -14.37 -44.46 -14.86
C GLY B 192 -13.02 -45.07 -15.20
N ALA B 193 -12.22 -44.32 -15.96
CA ALA B 193 -10.88 -44.73 -16.35
C ALA B 193 -9.88 -43.62 -16.04
N VAL B 194 -9.99 -43.06 -14.84
CA VAL B 194 -9.15 -41.94 -14.45
C VAL B 194 -7.70 -42.39 -14.33
N SER B 195 -6.78 -41.45 -14.49
CA SER B 195 -5.36 -41.73 -14.31
C SER B 195 -5.06 -41.97 -12.84
N GLN B 196 -3.81 -42.30 -12.55
CA GLN B 196 -3.37 -42.65 -11.21
C GLN B 196 -2.49 -41.57 -10.59
N ARG B 197 -2.77 -40.31 -10.88
CA ARG B 197 -1.98 -39.20 -10.37
C ARG B 197 -2.86 -37.99 -10.12
N LEU B 198 -2.40 -37.14 -9.21
CA LEU B 198 -3.08 -35.89 -8.86
C LEU B 198 -2.43 -34.76 -9.64
N TYR B 199 -3.22 -34.06 -10.44
CA TYR B 199 -2.73 -33.00 -11.30
C TYR B 199 -3.03 -31.64 -10.64
N ILE B 200 -1.99 -30.84 -10.50
CA ILE B 200 -2.04 -29.57 -9.79
C ILE B 200 -1.73 -28.46 -10.78
N LEU B 201 -2.60 -27.46 -10.84
CA LEU B 201 -2.44 -26.32 -11.74
C LEU B 201 -1.75 -25.19 -11.01
N LEU B 202 -0.75 -24.60 -11.65
CA LEU B 202 0.08 -23.55 -11.08
C LEU B 202 0.04 -22.34 -12.00
N PRO B 203 -1.06 -21.60 -12.01
CA PRO B 203 -1.12 -20.36 -12.79
C PRO B 203 -0.21 -19.29 -12.21
N LEU B 204 0.76 -18.85 -13.01
CA LEU B 204 1.68 -17.82 -12.54
C LEU B 204 0.99 -16.48 -12.35
N ASP B 205 -0.19 -16.30 -12.92
CA ASP B 205 -0.99 -15.10 -12.71
C ASP B 205 -1.84 -15.17 -11.44
N CYS B 206 -1.88 -16.32 -10.78
CA CYS B 206 -2.59 -16.47 -9.51
C CYS B 206 -4.09 -16.24 -9.67
N GLY B 207 -4.64 -16.56 -10.83
CA GLY B 207 -6.07 -16.44 -11.03
C GLY B 207 -6.85 -17.36 -10.13
N VAL B 208 -6.76 -18.66 -10.38
CA VAL B 208 -7.32 -19.68 -9.49
C VAL B 208 -8.82 -19.46 -9.32
N PRO B 209 -9.62 -19.72 -10.34
CA PRO B 209 -11.08 -19.69 -10.15
C PRO B 209 -11.56 -20.91 -9.39
N ASP B 210 -12.73 -20.76 -8.75
CA ASP B 210 -13.29 -21.84 -7.96
C ASP B 210 -13.71 -23.03 -8.83
N ASN B 211 -14.47 -22.78 -9.89
CA ASN B 211 -14.93 -23.81 -10.79
C ASN B 211 -14.07 -23.81 -12.06
N LEU B 212 -13.53 -24.99 -12.39
CA LEU B 212 -12.67 -25.10 -13.56
C LEU B 212 -13.43 -24.88 -14.85
N SER B 213 -14.72 -25.20 -14.88
CA SER B 213 -15.50 -25.01 -16.10
C SER B 213 -15.46 -23.57 -16.58
N MET B 214 -15.43 -22.61 -15.65
CA MET B 214 -15.32 -21.21 -16.03
C MET B 214 -13.97 -20.90 -16.65
N ALA B 215 -12.90 -21.51 -16.14
CA ALA B 215 -11.59 -21.33 -16.75
C ALA B 215 -11.56 -21.91 -18.16
N ASP B 216 -12.17 -23.09 -18.34
CA ASP B 216 -12.25 -23.72 -19.64
C ASP B 216 -13.46 -24.66 -19.65
N PRO B 217 -14.48 -24.41 -20.47
CA PRO B 217 -15.68 -25.25 -20.41
C PRO B 217 -15.44 -26.70 -20.78
N ASN B 218 -14.27 -27.05 -21.30
CA ASN B 218 -13.96 -28.45 -21.59
C ASN B 218 -13.68 -29.24 -20.33
N ILE B 219 -13.45 -28.57 -19.21
CA ILE B 219 -13.26 -29.25 -17.93
C ILE B 219 -14.64 -29.52 -17.33
N ARG B 220 -15.01 -30.79 -17.21
CA ARG B 220 -16.36 -31.15 -16.76
C ARG B 220 -16.27 -32.11 -15.58
N PHE B 221 -16.82 -31.68 -14.44
CA PHE B 221 -16.76 -32.50 -13.25
C PHE B 221 -17.60 -33.77 -13.42
N LEU B 222 -17.02 -34.91 -13.04
CA LEU B 222 -17.71 -36.19 -13.14
C LEU B 222 -18.28 -36.64 -11.79
N ASP B 223 -17.43 -36.78 -10.77
CA ASP B 223 -17.87 -37.19 -9.44
C ASP B 223 -16.67 -37.12 -8.51
N LYS B 224 -16.92 -37.40 -7.23
CA LYS B 224 -15.89 -37.28 -6.21
C LYS B 224 -15.18 -38.61 -5.99
N LEU B 225 -14.00 -38.52 -5.37
CA LEU B 225 -13.28 -39.67 -4.88
C LEU B 225 -13.69 -39.96 -3.44
N PRO B 226 -13.39 -41.15 -2.92
CA PRO B 226 -13.68 -41.42 -1.51
C PRO B 226 -12.97 -40.44 -0.58
N GLN B 227 -13.74 -39.69 0.20
CA GLN B 227 -13.16 -38.70 1.09
C GLN B 227 -12.18 -39.37 2.06
N GLN B 228 -11.12 -38.63 2.40
CA GLN B 228 -10.10 -39.09 3.33
C GLN B 228 -10.22 -38.32 4.63
N THR B 229 -10.48 -39.03 5.72
CA THR B 229 -10.72 -38.41 7.01
C THR B 229 -9.53 -38.63 7.94
N GLY B 230 -9.22 -37.59 8.71
CA GLY B 230 -8.13 -37.68 9.67
C GLY B 230 -8.15 -36.56 10.70
N ASP B 231 -7.76 -36.87 11.93
CA ASP B 231 -7.67 -35.86 12.98
C ASP B 231 -6.49 -34.93 12.69
N ARG B 232 -6.74 -33.63 12.75
CA ARG B 232 -5.74 -32.63 12.39
C ARG B 232 -5.86 -31.44 13.34
N ALA B 233 -4.85 -31.27 14.19
CA ALA B 233 -4.72 -30.09 15.05
C ALA B 233 -6.02 -29.79 15.77
N GLY B 234 -6.57 -30.80 16.43
CA GLY B 234 -7.76 -30.66 17.22
C GLY B 234 -9.07 -30.72 16.45
N ILE B 235 -9.03 -30.94 15.14
CA ILE B 235 -10.23 -31.06 14.33
C ILE B 235 -10.46 -32.55 14.09
N LYS B 236 -11.54 -33.07 14.67
CA LYS B 236 -11.87 -34.48 14.54
C LYS B 236 -12.44 -34.75 13.16
N ASP B 237 -11.89 -35.76 12.48
CA ASP B 237 -12.39 -36.19 11.17
C ASP B 237 -12.35 -35.05 10.15
N ARG B 238 -11.20 -34.39 10.08
CA ARG B 238 -10.99 -33.41 9.01
C ARG B 238 -10.99 -34.14 7.67
N VAL B 239 -11.68 -33.56 6.69
CA VAL B 239 -11.97 -34.25 5.45
C VAL B 239 -11.16 -33.64 4.31
N TYR B 240 -10.56 -34.51 3.50
CA TYR B 240 -9.90 -34.14 2.26
C TYR B 240 -10.65 -34.79 1.11
N SER B 241 -11.10 -33.97 0.17
CA SER B 241 -11.84 -34.42 -1.00
C SER B 241 -11.14 -33.98 -2.27
N ASN B 242 -11.16 -34.85 -3.28
CA ASN B 242 -10.55 -34.56 -4.57
C ASN B 242 -11.58 -34.85 -5.65
N SER B 243 -11.71 -33.92 -6.60
CA SER B 243 -12.71 -34.01 -7.64
C SER B 243 -12.14 -34.59 -8.91
N ILE B 244 -12.92 -35.44 -9.58
CA ILE B 244 -12.53 -36.03 -10.85
C ILE B 244 -13.12 -35.18 -11.98
N TYR B 245 -12.28 -34.83 -12.94
CA TYR B 245 -12.67 -33.98 -14.05
C TYR B 245 -12.39 -34.68 -15.38
N GLU B 246 -13.23 -34.37 -16.36
CA GLU B 246 -13.16 -34.90 -17.71
C GLU B 246 -12.65 -33.81 -18.62
N LEU B 247 -11.60 -34.13 -19.38
CA LEU B 247 -11.01 -33.25 -20.38
C LEU B 247 -11.52 -33.68 -21.74
N LEU B 248 -12.19 -32.75 -22.44
CA LEU B 248 -12.77 -33.01 -23.75
C LEU B 248 -11.87 -32.46 -24.85
N GLU B 249 -11.78 -33.20 -25.95
CA GLU B 249 -11.10 -32.76 -27.15
C GLU B 249 -11.99 -33.04 -28.35
N ASN B 250 -12.28 -31.99 -29.13
CA ASN B 250 -13.13 -32.12 -30.31
C ASN B 250 -14.56 -32.55 -29.94
N GLY B 251 -14.98 -32.24 -28.71
CA GLY B 251 -16.32 -32.52 -28.26
C GLY B 251 -16.50 -33.83 -27.52
N GLN B 252 -15.57 -34.78 -27.67
CA GLN B 252 -15.64 -36.06 -27.01
C GLN B 252 -14.66 -36.10 -25.85
N ARG B 253 -14.78 -37.15 -25.03
CA ARG B 253 -13.86 -37.35 -23.93
C ARG B 253 -12.47 -37.67 -24.46
N ALA B 254 -11.47 -36.96 -23.95
CA ALA B 254 -10.08 -37.25 -24.26
C ALA B 254 -9.27 -37.61 -23.01
N GLY B 255 -9.77 -37.32 -21.82
CA GLY B 255 -9.06 -37.71 -20.62
C GLY B 255 -9.93 -37.58 -19.39
N THR B 256 -9.49 -38.24 -18.33
CA THR B 256 -10.15 -38.15 -17.03
C THR B 256 -9.08 -38.18 -15.96
N CYS B 257 -9.10 -37.19 -15.07
CA CYS B 257 -8.02 -37.09 -14.09
C CYS B 257 -8.50 -36.35 -12.85
N VAL B 258 -7.73 -36.50 -11.77
CA VAL B 258 -7.93 -35.72 -10.56
C VAL B 258 -7.19 -34.40 -10.74
N LEU B 259 -7.94 -33.32 -10.87
CA LEU B 259 -7.40 -32.01 -11.24
C LEU B 259 -7.79 -30.99 -10.19
N GLU B 260 -6.83 -30.14 -9.82
CA GLU B 260 -7.12 -29.10 -8.84
C GLU B 260 -6.12 -27.98 -8.96
N TYR B 261 -6.54 -26.79 -8.55
CA TYR B 261 -5.65 -25.64 -8.50
C TYR B 261 -4.87 -25.63 -7.19
N ALA B 262 -3.67 -25.04 -7.23
CA ALA B 262 -2.88 -24.85 -6.02
C ALA B 262 -3.50 -23.75 -5.18
N THR B 263 -4.00 -24.12 -4.00
CA THR B 263 -4.73 -23.18 -3.16
C THR B 263 -3.88 -22.01 -2.72
N PRO B 264 -2.62 -22.19 -2.31
CA PRO B 264 -1.84 -21.04 -1.82
C PRO B 264 -1.77 -19.89 -2.79
N LEU B 265 -1.73 -20.17 -4.09
CA LEU B 265 -1.72 -19.10 -5.08
C LEU B 265 -2.90 -18.16 -4.88
N GLN B 266 -4.09 -18.70 -4.63
CA GLN B 266 -5.24 -17.88 -4.32
C GLN B 266 -4.93 -16.93 -3.17
N THR B 267 -4.37 -17.45 -2.07
CA THR B 267 -3.96 -16.60 -0.97
C THR B 267 -3.05 -15.47 -1.46
N LEU B 268 -2.05 -15.82 -2.28
CA LEU B 268 -1.17 -14.79 -2.82
C LEU B 268 -1.98 -13.71 -3.53
N PHE B 269 -2.91 -14.12 -4.39
CA PHE B 269 -3.75 -13.15 -5.08
C PHE B 269 -4.51 -12.30 -4.07
N ALA B 270 -5.04 -12.93 -3.01
CA ALA B 270 -5.75 -12.18 -1.98
C ALA B 270 -4.82 -11.29 -1.18
N MET B 271 -3.53 -11.63 -1.10
CA MET B 271 -2.61 -10.78 -0.36
C MET B 271 -2.28 -9.52 -1.14
N SER B 272 -2.32 -9.58 -2.46
CA SER B 272 -2.09 -8.40 -3.29
C SER B 272 -3.28 -7.45 -3.26
N GLN B 273 -4.50 -7.94 -3.06
CA GLN B 273 -5.66 -7.07 -2.97
C GLN B 273 -5.68 -6.29 -1.67
N TYR B 274 -5.44 -6.95 -0.54
CA TYR B 274 -5.49 -6.29 0.75
C TYR B 274 -4.29 -5.36 0.93
N SER B 275 -4.54 -4.16 1.44
CA SER B 275 -3.46 -3.22 1.70
C SER B 275 -2.70 -3.56 2.97
N GLN B 276 -3.37 -4.20 3.94
CA GLN B 276 -2.71 -4.55 5.19
C GLN B 276 -1.62 -5.59 5.00
N ALA B 277 -1.61 -6.30 3.88
CA ALA B 277 -0.61 -7.33 3.64
C ALA B 277 0.70 -6.76 3.13
N GLY B 278 0.72 -5.52 2.67
CA GLY B 278 1.94 -4.96 2.11
C GLY B 278 2.49 -5.79 0.97
N PHE B 279 1.61 -6.23 0.07
CA PHE B 279 1.96 -7.17 -0.99
C PHE B 279 1.51 -6.58 -2.31
N SER B 280 2.44 -6.49 -3.27
CA SER B 280 2.17 -5.94 -4.58
C SER B 280 1.98 -7.07 -5.61
N ARG B 281 1.66 -6.68 -6.84
CA ARG B 281 1.41 -7.65 -7.89
C ARG B 281 2.70 -8.20 -8.47
N GLU B 282 3.74 -7.37 -8.58
CA GLU B 282 5.04 -7.88 -8.98
C GLU B 282 5.59 -8.84 -7.93
N ASP B 283 5.43 -8.50 -6.66
CA ASP B 283 5.74 -9.44 -5.59
C ASP B 283 4.89 -10.70 -5.73
N ARG B 284 3.63 -10.55 -6.16
CA ARG B 284 2.77 -11.71 -6.35
C ARG B 284 3.34 -12.65 -7.40
N LEU B 285 3.76 -12.11 -8.55
CA LEU B 285 4.33 -12.94 -9.60
C LEU B 285 5.63 -13.60 -9.14
N GLU B 286 6.51 -12.82 -8.50
CA GLU B 286 7.77 -13.38 -8.03
C GLU B 286 7.53 -14.51 -7.04
N GLN B 287 6.60 -14.31 -6.09
CA GLN B 287 6.35 -15.31 -5.08
C GLN B 287 5.61 -16.51 -5.66
N ALA B 288 4.78 -16.32 -6.68
CA ALA B 288 4.16 -17.46 -7.33
C ALA B 288 5.20 -18.35 -8.01
N LYS B 289 6.13 -17.72 -8.74
CA LYS B 289 7.18 -18.50 -9.39
C LYS B 289 8.09 -19.17 -8.35
N LEU B 290 8.39 -18.47 -7.26
CA LEU B 290 9.19 -19.06 -6.20
C LEU B 290 8.46 -20.23 -5.54
N PHE B 291 7.15 -20.09 -5.35
CA PHE B 291 6.35 -21.18 -4.80
C PHE B 291 6.39 -22.40 -5.70
N CYS B 292 6.25 -22.19 -7.01
CA CYS B 292 6.31 -23.31 -7.94
C CYS B 292 7.67 -23.98 -7.89
N ARG B 293 8.75 -23.20 -7.90
CA ARG B 293 10.08 -23.79 -7.85
C ARG B 293 10.32 -24.54 -6.56
N THR B 294 9.92 -23.97 -5.43
CA THR B 294 10.12 -24.64 -4.14
C THR B 294 9.31 -25.92 -4.06
N LEU B 295 8.07 -25.91 -4.58
CA LEU B 295 7.27 -27.11 -4.57
C LEU B 295 7.87 -28.18 -5.46
N GLU B 296 8.40 -27.79 -6.61
CA GLU B 296 9.09 -28.75 -7.46
C GLU B 296 10.30 -29.35 -6.76
N ASP B 297 11.06 -28.51 -6.04
CA ASP B 297 12.21 -29.01 -5.31
C ASP B 297 11.81 -29.97 -4.20
N ILE B 298 10.71 -29.67 -3.51
CA ILE B 298 10.28 -30.51 -2.39
C ILE B 298 9.88 -31.90 -2.89
N LEU B 299 9.07 -31.95 -3.95
CA LEU B 299 8.55 -33.23 -4.42
C LEU B 299 9.64 -34.13 -4.97
N ALA B 300 10.70 -33.57 -5.55
CA ALA B 300 11.77 -34.38 -6.11
C ALA B 300 12.43 -35.23 -5.04
N ASP B 301 12.71 -34.64 -3.88
CA ASP B 301 13.36 -35.34 -2.77
C ASP B 301 12.39 -35.82 -1.72
N ALA B 302 11.12 -36.03 -2.09
CA ALA B 302 10.10 -36.44 -1.15
C ALA B 302 9.69 -37.88 -1.43
N PRO B 303 9.89 -38.81 -0.49
CA PRO B 303 9.41 -40.19 -0.73
C PRO B 303 7.91 -40.30 -0.90
N GLU B 304 7.14 -39.31 -0.44
CA GLU B 304 5.69 -39.36 -0.62
C GLU B 304 5.32 -39.27 -2.09
N SER B 305 5.94 -38.33 -2.81
CA SER B 305 5.74 -38.19 -4.25
C SER B 305 6.51 -39.30 -4.96
N GLN B 306 5.82 -40.42 -5.15
CA GLN B 306 6.38 -41.59 -5.81
C GLN B 306 5.95 -41.66 -7.26
N ASN B 307 5.86 -40.50 -7.92
CA ASN B 307 5.23 -40.27 -9.22
C ASN B 307 3.72 -40.19 -9.11
N ASN B 308 3.19 -39.87 -7.92
CA ASN B 308 1.76 -39.79 -7.69
C ASN B 308 1.19 -38.40 -7.92
N CYS B 309 2.02 -37.43 -8.32
CA CYS B 309 1.53 -36.09 -8.59
C CYS B 309 2.32 -35.49 -9.74
N ARG B 310 1.67 -34.55 -10.44
CA ARG B 310 2.29 -33.84 -11.55
C ARG B 310 1.90 -32.37 -11.47
N LEU B 311 2.87 -31.50 -11.65
CA LEU B 311 2.66 -30.06 -11.55
C LEU B 311 2.60 -29.45 -12.94
N ILE B 312 1.58 -28.63 -13.18
CA ILE B 312 1.35 -27.99 -14.47
C ILE B 312 1.37 -26.49 -14.21
N ALA B 313 2.45 -25.83 -14.64
CA ALA B 313 2.59 -24.38 -14.52
C ALA B 313 2.47 -23.74 -15.88
N TYR B 314 1.64 -22.71 -15.98
CA TYR B 314 1.38 -22.04 -17.24
C TYR B 314 1.21 -20.55 -16.98
N GLN B 315 1.53 -19.76 -18.00
CA GLN B 315 1.35 -18.30 -17.96
C GLN B 315 0.31 -17.93 -19.02
N GLU B 316 -0.85 -17.50 -18.56
CA GLU B 316 -1.94 -17.18 -19.47
C GLU B 316 -1.51 -16.07 -20.43
N PRO B 317 -1.44 -16.33 -21.75
CA PRO B 317 -1.05 -15.29 -22.70
C PRO B 317 -1.94 -14.05 -22.61
N SER B 322 -5.87 -17.58 -26.48
CA SER B 322 -4.70 -18.07 -27.23
C SER B 322 -4.54 -19.58 -27.05
N PHE B 323 -4.42 -20.00 -25.79
CA PHE B 323 -4.24 -21.41 -25.45
C PHE B 323 -5.48 -21.92 -24.71
N SER B 324 -5.44 -23.19 -24.35
CA SER B 324 -6.53 -23.84 -23.63
C SER B 324 -5.96 -24.62 -22.46
N LEU B 325 -6.55 -24.43 -21.28
CA LEU B 325 -6.11 -25.18 -20.10
C LEU B 325 -6.37 -26.67 -20.28
N SER B 326 -7.51 -27.02 -20.87
CA SER B 326 -7.79 -28.42 -21.16
C SER B 326 -6.72 -29.00 -22.07
N GLN B 327 -6.25 -28.21 -23.05
CA GLN B 327 -5.16 -28.66 -23.90
C GLN B 327 -3.89 -28.90 -23.10
N GLU B 328 -3.60 -28.01 -22.14
CA GLU B 328 -2.43 -28.21 -21.29
C GLU B 328 -2.52 -29.53 -20.54
N VAL B 329 -3.67 -29.78 -19.90
CA VAL B 329 -3.81 -31.00 -19.11
C VAL B 329 -3.74 -32.24 -20.02
N LEU B 330 -4.37 -32.17 -21.20
CA LEU B 330 -4.32 -33.31 -22.11
C LEU B 330 -2.91 -33.56 -22.61
N ARG B 331 -2.15 -32.50 -22.87
CA ARG B 331 -0.77 -32.67 -23.31
C ARG B 331 0.08 -33.28 -22.21
N HIS B 332 -0.14 -32.86 -20.95
CA HIS B 332 0.60 -33.44 -19.84
C HIS B 332 0.14 -34.87 -19.53
N LEU B 333 -1.06 -35.26 -19.95
CA LEU B 333 -1.55 -36.62 -19.75
C LEU B 333 -1.07 -37.57 -20.84
N ARG B 334 -1.32 -37.26 -22.11
CA ARG B 334 -0.94 -38.15 -23.19
C ARG B 334 0.57 -38.35 -23.23
N GLN B 335 1.34 -37.28 -23.09
CA GLN B 335 2.79 -37.38 -23.09
C GLN B 335 3.30 -37.85 -21.74
N SER C 4 -3.39 4.07 -22.89
CA SER C 4 -4.80 3.84 -22.56
C SER C 4 -5.51 3.21 -23.76
N SER C 5 -6.72 2.72 -23.51
CA SER C 5 -7.51 2.06 -24.54
C SER C 5 -8.92 2.65 -24.62
N LEU C 6 -9.43 3.16 -23.50
CA LEU C 6 -10.79 3.69 -23.47
C LEU C 6 -10.94 4.84 -24.46
N HIS C 7 -10.00 5.80 -24.44
CA HIS C 7 -10.07 6.94 -25.33
C HIS C 7 -8.71 7.61 -25.39
N PRO C 8 -8.30 8.12 -26.55
CA PRO C 8 -6.98 8.79 -26.61
C PRO C 8 -6.86 9.98 -25.68
N SER C 9 -7.96 10.69 -25.42
CA SER C 9 -7.91 11.89 -24.61
C SER C 9 -7.64 11.60 -23.13
N ILE C 10 -7.68 10.34 -22.72
CA ILE C 10 -7.43 10.00 -21.32
C ILE C 10 -5.94 10.17 -21.05
N PRO C 11 -5.53 11.07 -20.15
CA PRO C 11 -4.10 11.22 -19.88
C PRO C 11 -3.51 9.96 -19.26
N CYS C 12 -2.28 9.67 -19.62
CA CYS C 12 -1.55 8.57 -19.01
C CYS C 12 -0.85 9.04 -17.74
N PRO C 13 -0.56 8.14 -16.81
CA PRO C 13 0.11 8.55 -15.57
C PRO C 13 1.46 9.19 -15.85
N ARG C 14 1.79 10.18 -15.03
CA ARG C 14 3.04 10.90 -15.19
C ARG C 14 4.23 9.99 -14.92
N GLY C 15 5.31 10.23 -15.66
CA GLY C 15 6.50 9.40 -15.55
C GLY C 15 7.67 10.12 -14.90
N HIS C 16 8.88 9.89 -15.42
CA HIS C 16 10.11 10.42 -14.87
C HIS C 16 10.72 11.50 -15.74
N GLY C 17 9.92 12.14 -16.59
CA GLY C 17 10.46 13.17 -17.47
C GLY C 17 11.10 14.30 -16.70
N ALA C 18 10.49 14.71 -15.59
CA ALA C 18 11.07 15.78 -14.78
C ALA C 18 12.43 15.38 -14.22
N GLN C 19 12.58 14.13 -13.80
CA GLN C 19 13.86 13.69 -13.27
C GLN C 19 14.94 13.65 -14.36
N LYS C 20 14.57 13.23 -15.57
CA LYS C 20 15.53 13.25 -16.67
C LYS C 20 15.94 14.67 -17.02
N ALA C 21 14.97 15.60 -17.05
CA ALA C 21 15.30 17.00 -17.28
C ALA C 21 16.21 17.53 -16.17
N ALA C 22 15.95 17.14 -14.92
CA ALA C 22 16.79 17.55 -13.82
C ALA C 22 18.21 17.03 -13.97
N LEU C 23 18.36 15.78 -14.41
CA LEU C 23 19.69 15.23 -14.62
C LEU C 23 20.42 15.97 -15.73
N VAL C 24 19.72 16.30 -16.81
CA VAL C 24 20.34 17.08 -17.89
C VAL C 24 20.76 18.45 -17.36
N LEU C 25 19.91 19.09 -16.57
CA LEU C 25 20.25 20.39 -16.00
C LEU C 25 21.44 20.30 -15.08
N LEU C 26 21.51 19.25 -14.27
CA LEU C 26 22.65 19.06 -13.38
C LEU C 26 23.94 18.88 -14.15
N SER C 27 23.90 18.08 -15.23
CA SER C 27 25.08 17.91 -16.06
C SER C 27 25.50 19.24 -16.69
N ALA C 28 24.53 20.01 -17.19
CA ALA C 28 24.85 21.29 -17.81
C ALA C 28 25.45 22.26 -16.79
N CYS C 29 24.91 22.29 -15.58
CA CYS C 29 25.44 23.18 -14.55
C CYS C 29 26.85 22.76 -14.14
N LEU C 30 27.09 21.46 -14.03
CA LEU C 30 28.44 21.00 -13.71
C LEU C 30 29.42 21.39 -14.81
N VAL C 31 29.02 21.24 -16.07
CA VAL C 31 29.89 21.64 -17.17
C VAL C 31 30.15 23.15 -17.13
N THR C 32 29.11 23.93 -16.83
CA THR C 32 29.28 25.38 -16.77
C THR C 32 30.24 25.76 -15.66
N LEU C 33 30.10 25.17 -14.48
CA LEU C 33 31.01 25.47 -13.38
C LEU C 33 32.43 25.03 -13.71
N TRP C 34 32.56 23.90 -14.42
CA TRP C 34 33.88 23.45 -14.87
C TRP C 34 34.50 24.47 -15.81
N GLY C 35 33.71 25.02 -16.74
CA GLY C 35 34.24 25.96 -17.70
C GLY C 35 34.47 27.35 -17.14
N LEU C 36 33.74 27.72 -16.08
CA LEU C 36 33.92 29.03 -15.47
C LEU C 36 35.23 29.16 -14.71
N GLY C 37 35.94 28.05 -14.48
CA GLY C 37 37.20 28.10 -13.79
C GLY C 37 37.09 28.63 -12.37
N GLU C 38 36.04 28.22 -11.66
CA GLU C 38 35.84 28.62 -10.28
C GLU C 38 36.27 27.49 -9.33
N PRO C 39 36.80 27.81 -8.16
CA PRO C 39 37.22 26.76 -7.23
C PRO C 39 36.06 25.85 -6.88
N PRO C 40 36.20 24.54 -7.12
CA PRO C 40 35.12 23.61 -6.75
C PRO C 40 34.78 23.65 -5.27
N GLU C 41 35.75 23.96 -4.41
CA GLU C 41 35.46 24.06 -2.99
C GLU C 41 34.52 25.22 -2.69
N HIS C 42 34.69 26.34 -3.41
CA HIS C 42 33.72 27.43 -3.30
C HIS C 42 32.34 26.98 -3.75
N THR C 43 32.29 26.23 -4.86
CA THR C 43 31.01 25.72 -5.33
C THR C 43 30.32 24.86 -4.28
N LEU C 44 31.08 23.96 -3.65
CA LEU C 44 30.52 23.11 -2.61
C LEU C 44 30.04 23.94 -1.43
N ARG C 45 30.84 24.91 -1.00
CA ARG C 45 30.46 25.74 0.13
C ARG C 45 29.16 26.48 -0.14
N TYR C 46 29.03 27.07 -1.32
CA TYR C 46 27.85 27.86 -1.62
C TYR C 46 26.62 26.99 -1.88
N LEU C 47 26.80 25.80 -2.47
CA LEU C 47 25.69 24.88 -2.58
C LEU C 47 25.19 24.44 -1.22
N VAL C 48 26.10 24.13 -0.31
CA VAL C 48 25.71 23.74 1.05
C VAL C 48 25.02 24.90 1.75
N LEU C 49 25.50 26.12 1.53
CA LEU C 49 24.85 27.28 2.14
C LEU C 49 23.43 27.47 1.59
N HIS C 50 23.25 27.27 0.29
CA HIS C 50 21.92 27.38 -0.30
C HIS C 50 20.98 26.35 0.29
N LEU C 51 21.45 25.10 0.41
CA LEU C 51 20.61 24.05 0.97
C LEU C 51 20.30 24.33 2.44
N ALA C 52 21.26 24.88 3.18
CA ALA C 52 21.02 25.28 4.56
C ALA C 52 19.94 26.36 4.63
N SER C 53 20.00 27.34 3.73
CA SER C 53 18.97 28.38 3.71
C SER C 53 17.61 27.78 3.41
N LEU C 54 17.55 26.80 2.51
CA LEU C 54 16.28 26.14 2.23
C LEU C 54 15.76 25.42 3.46
N GLN C 55 16.64 24.75 4.21
CA GLN C 55 16.23 24.07 5.42
C GLN C 55 15.70 25.06 6.46
N LEU C 56 16.38 26.19 6.62
CA LEU C 56 15.91 27.21 7.55
C LEU C 56 14.55 27.75 7.15
N GLY C 57 14.35 27.98 5.85
CA GLY C 57 13.04 28.41 5.37
C GLY C 57 11.98 27.37 5.65
N LEU C 58 12.30 26.09 5.45
CA LEU C 58 11.36 25.03 5.78
C LEU C 58 11.01 25.08 7.26
N LEU C 59 12.00 25.28 8.13
CA LEU C 59 11.72 25.35 9.56
C LEU C 59 10.79 26.50 9.89
N LEU C 60 11.06 27.68 9.31
CA LEU C 60 10.23 28.85 9.60
C LEU C 60 8.80 28.65 9.12
N ASN C 61 8.64 28.12 7.90
CA ASN C 61 7.29 27.85 7.39
C ASN C 61 6.61 26.79 8.24
N GLY C 62 7.35 25.80 8.71
CA GLY C 62 6.77 24.79 9.58
C GLY C 62 6.29 25.38 10.90
N VAL C 63 7.05 26.31 11.46
CA VAL C 63 6.59 27.00 12.67
C VAL C 63 5.32 27.77 12.39
N CYS C 64 5.27 28.49 11.26
CA CYS C 64 4.07 29.25 10.93
C CYS C 64 2.87 28.33 10.76
N SER C 65 3.04 27.20 10.09
CA SER C 65 1.95 26.25 9.92
C SER C 65 1.57 25.59 11.23
N LEU C 66 2.54 25.33 12.10
CA LEU C 66 2.25 24.75 13.41
C LEU C 66 1.39 25.69 14.24
N ALA C 67 1.63 26.99 14.13
CA ALA C 67 0.80 27.95 14.84
C ALA C 67 -0.68 27.75 14.55
N GLU C 68 -1.02 27.32 13.33
CA GLU C 68 -2.40 27.04 12.96
C GLU C 68 -2.81 25.61 13.30
N GLU C 69 -1.92 24.64 13.06
CA GLU C 69 -2.28 23.24 13.25
C GLU C 69 -2.49 22.92 14.73
N LEU C 70 -1.85 23.65 15.63
CA LEU C 70 -2.06 23.41 17.05
C LEU C 70 -3.50 23.70 17.48
N ARG C 71 -4.26 24.44 16.67
CA ARG C 71 -5.68 24.62 16.93
C ARG C 71 -6.49 23.39 16.57
N HIS C 72 -5.93 22.48 15.78
CA HIS C 72 -6.59 21.25 15.38
C HIS C 72 -5.88 20.04 15.98
N ILE C 73 -5.23 20.23 17.13
CA ILE C 73 -4.43 19.17 17.72
C ILE C 73 -5.30 18.01 18.16
N HIS C 74 -6.51 18.31 18.65
CA HIS C 74 -7.39 17.27 19.16
C HIS C 74 -8.33 16.71 18.10
N SER C 75 -8.52 17.40 16.99
CA SER C 75 -9.43 16.96 15.95
C SER C 75 -8.72 16.26 14.80
N ARG C 76 -7.47 16.62 14.52
CA ARG C 76 -6.70 16.02 13.44
C ARG C 76 -5.55 15.16 13.92
N TYR C 77 -5.03 15.40 15.12
CA TYR C 77 -3.80 14.76 15.56
C TYR C 77 -3.94 14.09 16.93
N ARG C 78 -5.16 13.94 17.44
CA ARG C 78 -5.43 13.13 18.63
C ARG C 78 -4.70 13.65 19.86
N GLY C 79 -4.49 14.96 19.95
CA GLY C 79 -3.92 15.57 21.13
C GLY C 79 -2.42 15.46 21.28
N SER C 80 -1.73 14.89 20.29
CA SER C 80 -0.28 14.71 20.36
C SER C 80 0.41 15.86 19.66
N TYR C 81 1.20 16.62 20.41
CA TYR C 81 2.01 17.67 19.81
C TYR C 81 3.06 17.09 18.88
N TRP C 82 3.53 15.88 19.16
CA TRP C 82 4.48 15.22 18.29
C TRP C 82 3.90 15.03 16.89
N ARG C 83 2.63 14.62 16.81
CA ARG C 83 2.00 14.42 15.50
C ARG C 83 1.85 15.74 14.76
N THR C 84 1.48 16.81 15.46
CA THR C 84 1.37 18.11 14.80
C THR C 84 2.72 18.57 14.26
N VAL C 85 3.77 18.43 15.07
CA VAL C 85 5.11 18.82 14.61
C VAL C 85 5.52 17.98 13.42
N ARG C 86 5.24 16.67 13.47
CA ARG C 86 5.61 15.79 12.38
C ARG C 86 4.88 16.15 11.09
N ALA C 87 3.61 16.52 11.20
CA ALA C 87 2.85 16.95 10.04
C ALA C 87 3.40 18.25 9.47
N CYS C 88 3.78 19.19 10.35
CA CYS C 88 4.25 20.49 9.87
C CYS C 88 5.67 20.43 9.35
N LEU C 89 6.54 19.63 9.98
CA LEU C 89 7.97 19.63 9.68
C LEU C 89 8.48 18.28 9.19
N GLY C 90 7.60 17.37 8.80
CA GLY C 90 8.07 16.06 8.43
C GLY C 90 8.67 15.33 9.61
N CYS C 91 9.53 14.37 9.30
CA CYS C 91 10.21 13.61 10.36
C CYS C 91 11.07 14.55 11.19
N PRO C 92 10.71 14.80 12.45
CA PRO C 92 11.49 15.79 13.24
C PRO C 92 12.95 15.42 13.42
N LEU C 93 13.28 14.12 13.47
CA LEU C 93 14.68 13.74 13.62
C LEU C 93 15.51 14.18 12.43
N ARG C 94 15.03 13.88 11.21
CA ARG C 94 15.75 14.26 10.00
C ARG C 94 15.88 15.77 9.89
N ARG C 95 14.79 16.49 10.15
CA ARG C 95 14.83 17.95 10.06
C ARG C 95 15.76 18.54 11.11
N GLY C 96 15.76 17.97 12.31
CA GLY C 96 16.68 18.44 13.34
C GLY C 96 18.12 18.23 12.98
N ALA C 97 18.43 17.06 12.41
CA ALA C 97 19.79 16.79 11.97
C ALA C 97 20.21 17.77 10.87
N LEU C 98 19.32 18.00 9.91
CA LEU C 98 19.62 18.94 8.84
C LEU C 98 19.84 20.34 9.38
N LEU C 99 19.02 20.76 10.36
CA LEU C 99 19.20 22.06 10.98
C LEU C 99 20.52 22.15 11.72
N LEU C 100 20.89 21.09 12.45
CA LEU C 100 22.17 21.10 13.14
C LEU C 100 23.33 21.25 12.16
N LEU C 101 23.28 20.51 11.05
CA LEU C 101 24.33 20.63 10.05
C LEU C 101 24.35 22.03 9.44
N SER C 102 23.19 22.58 9.14
CA SER C 102 23.11 23.90 8.53
C SER C 102 23.68 24.96 9.47
N ILE C 103 23.37 24.87 10.76
CA ILE C 103 23.90 25.81 11.74
C ILE C 103 25.42 25.65 11.84
N TYR C 104 25.88 24.40 11.97
CA TYR C 104 27.31 24.15 12.12
C TYR C 104 28.10 24.68 10.93
N PHE C 105 27.54 24.61 9.72
CA PHE C 105 28.29 25.01 8.54
C PHE C 105 28.12 26.49 8.21
N TYR C 106 26.93 27.05 8.39
CA TYR C 106 26.74 28.47 8.09
C TYR C 106 27.43 29.35 9.12
N TYR C 107 27.35 28.98 10.40
CA TYR C 107 27.99 29.74 11.46
C TYR C 107 29.48 29.52 11.53
N SER C 108 30.03 28.61 10.73
CA SER C 108 31.44 28.24 10.82
C SER C 108 32.19 28.30 9.49
N LEU C 109 31.51 28.32 8.35
CA LEU C 109 32.18 28.43 7.07
C LEU C 109 32.53 29.88 6.76
N PRO C 110 33.47 30.11 5.84
CA PRO C 110 33.83 31.48 5.46
C PRO C 110 32.63 32.28 4.96
N PRO C 116 26.96 37.16 9.22
CA PRO C 116 26.50 36.69 10.54
C PRO C 116 25.31 35.74 10.42
N PHE C 117 25.30 34.70 11.25
CA PHE C 117 24.20 33.72 11.20
C PHE C 117 22.87 34.38 11.57
N THR C 118 22.87 35.23 12.59
CA THR C 118 21.62 35.83 13.04
C THR C 118 21.02 36.73 11.98
N TRP C 119 21.85 37.50 11.28
CA TRP C 119 21.33 38.38 10.23
C TRP C 119 20.72 37.58 9.09
N MET C 120 21.40 36.50 8.67
CA MET C 120 20.86 35.64 7.63
C MET C 120 19.55 35.00 8.08
N LEU C 121 19.48 34.57 9.35
CA LEU C 121 18.25 33.99 9.87
C LEU C 121 17.12 35.00 9.83
N ALA C 122 17.38 36.23 10.24
CA ALA C 122 16.36 37.27 10.20
C ALA C 122 15.90 37.55 8.78
N LEU C 123 16.84 37.61 7.84
CA LEU C 123 16.47 37.85 6.45
C LEU C 123 15.61 36.71 5.90
N LEU C 124 16.00 35.47 6.19
CA LEU C 124 15.22 34.32 5.72
C LEU C 124 13.83 34.31 6.33
N GLY C 125 13.73 34.62 7.63
CA GLY C 125 12.42 34.71 8.25
C GLY C 125 11.57 35.80 7.64
N LEU C 126 12.17 36.95 7.34
CA LEU C 126 11.44 38.03 6.68
C LEU C 126 10.92 37.57 5.32
N SER C 127 11.77 36.89 4.54
CA SER C 127 11.35 36.40 3.23
C SER C 127 10.21 35.40 3.36
N GLN C 128 10.31 34.46 4.29
CA GLN C 128 9.26 33.47 4.47
C GLN C 128 7.96 34.12 4.90
N ALA C 129 8.04 35.08 5.83
CA ALA C 129 6.83 35.78 6.26
C ALA C 129 6.20 36.54 5.11
N LEU C 130 7.02 37.18 4.28
CA LEU C 130 6.49 37.90 3.12
C LEU C 130 5.80 36.95 2.16
N ASN C 131 6.40 35.78 1.93
CA ASN C 131 5.79 34.80 1.03
C ASN C 131 4.47 34.29 1.60
N ILE C 132 4.42 34.03 2.91
CA ILE C 132 3.20 33.51 3.51
C ILE C 132 2.09 34.56 3.50
N LEU C 133 2.43 35.79 3.91
CA LEU C 133 1.42 36.84 4.01
C LEU C 133 0.83 37.19 2.65
N LEU C 134 1.67 37.25 1.62
CA LEU C 134 1.24 37.63 0.29
C LEU C 134 0.71 36.46 -0.53
N GLY C 135 0.72 35.25 0.04
CA GLY C 135 0.22 34.08 -0.68
C GLY C 135 1.04 33.70 -1.90
N LEU C 136 2.36 33.72 -1.77
CA LEU C 136 3.26 33.38 -2.86
C LEU C 136 3.68 31.92 -2.87
N LYS C 137 3.18 31.13 -1.93
CA LYS C 137 3.56 29.72 -1.83
C LYS C 137 2.63 28.80 -2.60
N GLY C 138 1.66 29.35 -3.34
CA GLY C 138 0.75 28.53 -4.11
C GLY C 138 1.45 27.65 -5.11
N LEU C 139 1.14 26.36 -5.10
CA LEU C 139 1.73 25.44 -6.05
C LEU C 139 1.14 25.65 -7.44
N ALA C 140 1.96 25.40 -8.45
CA ALA C 140 1.50 25.52 -9.82
C ALA C 140 0.47 24.43 -10.13
N PRO C 141 -0.42 24.67 -11.10
CA PRO C 141 -1.45 23.66 -11.40
C PRO C 141 -0.89 22.28 -11.71
N ALA C 142 0.23 22.22 -12.45
CA ALA C 142 0.81 20.93 -12.76
C ALA C 142 1.33 20.24 -11.51
N GLU C 143 1.97 20.99 -10.61
CA GLU C 143 2.47 20.39 -9.37
C GLU C 143 1.32 19.87 -8.52
N ILE C 144 0.24 20.65 -8.41
CA ILE C 144 -0.92 20.21 -7.63
C ILE C 144 -1.52 18.96 -8.24
N SER C 145 -1.66 18.94 -9.58
CA SER C 145 -2.22 17.76 -10.23
C SER C 145 -1.35 16.53 -10.00
N ALA C 146 -0.03 16.69 -10.10
CA ALA C 146 0.87 15.56 -9.87
C ALA C 146 0.77 15.06 -8.43
N VAL C 147 0.71 15.98 -7.47
CA VAL C 147 0.59 15.58 -6.08
C VAL C 147 -0.73 14.86 -5.85
N CYS C 148 -1.82 15.38 -6.42
CA CYS C 148 -3.13 14.76 -6.22
C CYS C 148 -3.18 13.36 -6.83
N GLU C 149 -2.60 13.19 -8.02
CA GLU C 149 -2.60 11.87 -8.66
C GLU C 149 -1.63 10.91 -8.00
N LYS C 150 -0.56 11.39 -7.40
CA LYS C 150 0.37 10.51 -6.69
C LYS C 150 -0.22 10.01 -5.39
N GLY C 151 -0.84 10.91 -4.63
CA GLY C 151 -1.55 10.57 -3.41
C GLY C 151 -3.01 10.25 -3.59
N ASN C 152 -3.50 10.23 -4.82
CA ASN C 152 -4.90 9.94 -5.11
C ASN C 152 -5.83 10.89 -4.36
N PHE C 153 -5.47 12.17 -4.35
CA PHE C 153 -6.30 13.22 -3.74
C PHE C 153 -7.20 13.80 -4.84
N ASN C 154 -8.19 13.01 -5.24
CA ASN C 154 -9.08 13.40 -6.32
C ASN C 154 -10.47 12.83 -6.05
N VAL C 155 -11.50 13.59 -6.43
CA VAL C 155 -12.87 13.13 -6.26
C VAL C 155 -13.17 11.95 -7.18
N ALA C 156 -12.58 11.96 -8.37
CA ALA C 156 -12.83 10.89 -9.34
C ALA C 156 -12.39 9.54 -8.80
N HIS C 157 -11.29 9.51 -8.05
CA HIS C 157 -10.81 8.27 -7.45
C HIS C 157 -11.89 7.66 -6.56
N GLY C 158 -12.43 8.47 -5.64
CA GLY C 158 -13.47 7.99 -4.76
C GLY C 158 -14.73 7.61 -5.50
N LEU C 159 -15.10 8.39 -6.53
CA LEU C 159 -16.29 8.06 -7.30
C LEU C 159 -16.14 6.72 -8.00
N ALA C 160 -14.98 6.47 -8.61
CA ALA C 160 -14.76 5.20 -9.29
C ALA C 160 -14.76 4.04 -8.31
N TRP C 161 -14.12 4.21 -7.16
CA TRP C 161 -14.11 3.12 -6.18
C TRP C 161 -15.49 2.88 -5.60
N SER C 162 -16.30 3.93 -5.43
CA SER C 162 -17.68 3.75 -5.00
C SER C 162 -18.49 3.02 -6.06
N TYR C 163 -18.29 3.37 -7.34
CA TYR C 163 -19.02 2.72 -8.42
C TYR C 163 -18.69 1.24 -8.48
N TYR C 164 -17.40 0.89 -8.35
CA TYR C 164 -17.02 -0.52 -8.38
C TYR C 164 -17.52 -1.25 -7.13
N ILE C 165 -17.28 -0.67 -5.95
CA ILE C 165 -17.58 -1.35 -4.70
C ILE C 165 -19.09 -1.45 -4.48
N GLY C 166 -19.81 -0.35 -4.72
CA GLY C 166 -21.22 -0.33 -4.39
C GLY C 166 -22.12 -0.95 -5.44
N TYR C 167 -21.73 -0.90 -6.72
CA TYR C 167 -22.60 -1.34 -7.81
C TYR C 167 -22.03 -2.51 -8.59
N LEU C 168 -20.82 -2.38 -9.15
CA LEU C 168 -20.33 -3.40 -10.07
C LEU C 168 -19.93 -4.67 -9.32
N ARG C 169 -19.24 -4.52 -8.19
CA ARG C 169 -18.79 -5.68 -7.44
C ARG C 169 -19.95 -6.57 -7.01
N LEU C 170 -21.15 -6.01 -6.87
CA LEU C 170 -22.33 -6.76 -6.48
C LEU C 170 -23.20 -7.15 -7.67
N ILE C 171 -23.03 -6.50 -8.81
CA ILE C 171 -23.89 -6.73 -9.98
C ILE C 171 -23.27 -7.73 -10.93
N LEU C 172 -22.00 -7.52 -11.30
CA LEU C 172 -21.39 -8.35 -12.33
C LEU C 172 -21.35 -9.83 -11.96
N PRO C 173 -20.97 -10.22 -10.75
CA PRO C 173 -20.93 -11.67 -10.43
C PRO C 173 -22.27 -12.36 -10.63
N GLU C 174 -23.37 -11.66 -10.37
CA GLU C 174 -24.71 -12.22 -10.50
C GLU C 174 -25.43 -11.60 -11.69
N LEU C 175 -24.70 -11.37 -12.78
CA LEU C 175 -25.26 -10.79 -14.00
C LEU C 175 -25.61 -11.82 -15.06
N GLN C 176 -24.75 -12.82 -15.27
CA GLN C 176 -25.02 -13.82 -16.29
C GLN C 176 -26.27 -14.64 -15.95
N ALA C 177 -26.48 -14.93 -14.66
CA ALA C 177 -27.66 -15.68 -14.26
C ALA C 177 -28.95 -14.95 -14.64
N ARG C 178 -29.00 -13.65 -14.36
CA ARG C 178 -30.18 -12.86 -14.69
C ARG C 178 -30.39 -12.80 -16.19
N ILE C 179 -29.31 -12.66 -16.96
CA ILE C 179 -29.43 -12.59 -18.41
C ILE C 179 -29.95 -13.92 -18.96
N ARG C 180 -29.43 -15.04 -18.45
CA ARG C 180 -29.94 -16.34 -18.88
C ARG C 180 -31.41 -16.51 -18.51
N THR C 181 -31.78 -16.10 -17.30
CA THR C 181 -33.18 -16.20 -16.89
C THR C 181 -34.08 -15.39 -17.82
N TYR C 182 -33.68 -14.17 -18.15
CA TYR C 182 -34.50 -13.35 -19.04
C TYR C 182 -34.56 -13.97 -20.44
N ASN C 183 -33.44 -14.50 -20.93
CA ASN C 183 -33.45 -15.12 -22.26
C ASN C 183 -34.38 -16.32 -22.30
N GLN C 184 -34.38 -17.15 -21.26
CA GLN C 184 -35.33 -18.25 -21.20
C GLN C 184 -36.76 -17.77 -21.09
N HIS C 185 -37.00 -16.72 -20.32
CA HIS C 185 -38.34 -16.17 -20.13
C HIS C 185 -38.69 -15.12 -21.18
N TYR C 186 -37.78 -14.80 -22.09
CA TYR C 186 -38.06 -13.82 -23.13
C TYR C 186 -36.92 -13.78 -24.14
N GLY C 192 -34.65 -10.06 -26.41
CA GLY C 192 -34.28 -11.09 -27.36
C GLY C 192 -32.93 -11.71 -27.06
N ALA C 193 -32.04 -11.71 -28.06
CA ALA C 193 -30.69 -12.24 -27.90
C ALA C 193 -29.79 -11.15 -27.30
N VAL C 194 -29.99 -10.92 -26.02
CA VAL C 194 -29.24 -9.88 -25.31
C VAL C 194 -27.79 -10.31 -25.18
N SER C 195 -26.88 -9.40 -25.52
CA SER C 195 -25.46 -9.68 -25.36
C SER C 195 -25.15 -9.88 -23.88
N GLN C 196 -24.36 -10.92 -23.58
CA GLN C 196 -24.09 -11.32 -22.21
C GLN C 196 -22.93 -10.49 -21.64
N ARG C 197 -23.22 -9.20 -21.47
CA ARG C 197 -22.23 -8.27 -20.92
C ARG C 197 -22.91 -6.94 -20.63
N LEU C 198 -22.44 -6.29 -19.58
CA LEU C 198 -22.94 -4.97 -19.20
C LEU C 198 -22.09 -3.90 -19.87
N TYR C 199 -22.72 -3.07 -20.68
CA TYR C 199 -22.03 -2.03 -21.44
C TYR C 199 -22.27 -0.69 -20.75
N ILE C 200 -21.19 -0.08 -20.26
CA ILE C 200 -21.25 1.13 -19.46
C ILE C 200 -20.81 2.29 -20.34
N LEU C 201 -21.66 3.31 -20.46
CA LEU C 201 -21.35 4.50 -21.24
C LEU C 201 -20.64 5.51 -20.35
N LEU C 202 -19.58 6.10 -20.88
CA LEU C 202 -18.74 7.04 -20.15
C LEU C 202 -18.60 8.31 -20.97
N PRO C 203 -19.63 9.17 -20.99
CA PRO C 203 -19.52 10.44 -21.69
C PRO C 203 -18.59 11.39 -20.94
N LEU C 204 -17.48 11.76 -21.59
CA LEU C 204 -16.49 12.60 -20.92
C LEU C 204 -17.02 14.00 -20.67
N ASP C 205 -17.94 14.49 -21.50
CA ASP C 205 -18.59 15.76 -21.24
C ASP C 205 -19.52 15.71 -20.03
N CYS C 206 -19.81 14.51 -19.52
CA CYS C 206 -20.66 14.30 -18.35
C CYS C 206 -22.10 14.74 -18.59
N GLY C 207 -22.50 14.87 -19.86
CA GLY C 207 -23.88 15.15 -20.20
C GLY C 207 -24.71 13.87 -20.22
N VAL C 208 -25.07 13.39 -19.04
CA VAL C 208 -25.75 12.10 -18.91
C VAL C 208 -27.26 12.32 -18.84
N PRO C 209 -28.01 12.08 -19.92
CA PRO C 209 -29.47 12.13 -19.82
C PRO C 209 -30.02 10.92 -19.08
N ASP C 210 -31.20 11.10 -18.50
CA ASP C 210 -31.85 10.00 -17.80
C ASP C 210 -32.48 8.99 -18.75
N ASN C 211 -32.71 9.36 -20.01
CA ASN C 211 -33.28 8.47 -21.01
C ASN C 211 -32.36 8.44 -22.21
N LEU C 212 -31.89 7.24 -22.58
CA LEU C 212 -31.04 7.12 -23.77
C LEU C 212 -31.80 7.47 -25.03
N SER C 213 -33.09 7.09 -25.11
CA SER C 213 -33.89 7.43 -26.27
C SER C 213 -33.96 8.94 -26.48
N MET C 214 -33.77 9.73 -25.43
CA MET C 214 -33.69 11.18 -25.56
C MET C 214 -32.33 11.64 -26.03
N ALA C 215 -31.32 10.77 -26.01
CA ALA C 215 -30.00 11.07 -26.54
C ALA C 215 -29.89 10.75 -28.02
N ASP C 216 -30.14 9.49 -28.39
CA ASP C 216 -30.17 9.07 -29.78
C ASP C 216 -31.43 8.23 -30.01
N PRO C 217 -32.30 8.61 -30.95
CA PRO C 217 -33.55 7.87 -31.13
C PRO C 217 -33.36 6.40 -31.46
N ASN C 218 -32.26 6.04 -32.13
CA ASN C 218 -32.06 4.64 -32.52
C ASN C 218 -32.06 3.73 -31.30
N ILE C 219 -31.39 4.16 -30.22
CA ILE C 219 -31.45 3.40 -28.98
C ILE C 219 -32.86 3.50 -28.40
N ARG C 220 -33.49 2.35 -28.17
CA ARG C 220 -34.87 2.32 -27.71
C ARG C 220 -34.97 1.30 -26.58
N PHE C 221 -35.76 1.65 -25.55
CA PHE C 221 -35.93 0.77 -24.40
C PHE C 221 -36.71 -0.47 -24.79
N LEU C 222 -36.13 -1.64 -24.52
CA LEU C 222 -36.75 -2.92 -24.85
C LEU C 222 -37.45 -3.53 -23.63
N ASP C 223 -36.73 -3.73 -22.54
CA ASP C 223 -37.32 -4.37 -21.37
C ASP C 223 -36.38 -4.20 -20.18
N LYS C 224 -36.67 -4.89 -19.09
CA LYS C 224 -35.86 -4.84 -17.88
C LYS C 224 -35.52 -6.25 -17.41
N LEU C 225 -34.30 -6.40 -16.90
CA LEU C 225 -33.86 -7.64 -16.29
C LEU C 225 -34.53 -7.83 -14.94
N PRO C 226 -34.60 -9.07 -14.46
CA PRO C 226 -35.14 -9.31 -13.11
C PRO C 226 -34.34 -8.56 -12.07
N GLN C 227 -35.04 -7.89 -11.15
CA GLN C 227 -34.38 -7.09 -10.13
C GLN C 227 -33.51 -7.96 -9.23
N GLN C 228 -32.42 -7.37 -8.74
CA GLN C 228 -31.50 -8.03 -7.83
C GLN C 228 -31.59 -7.33 -6.48
N THR C 229 -32.11 -8.02 -5.48
CA THR C 229 -32.34 -7.42 -4.16
C THR C 229 -31.32 -7.93 -3.15
N GLY C 230 -30.83 -7.00 -2.34
CA GLY C 230 -29.87 -7.35 -1.30
C GLY C 230 -29.87 -6.30 -0.21
N ASP C 231 -29.50 -6.74 1.00
CA ASP C 231 -29.36 -5.81 2.12
C ASP C 231 -28.16 -4.91 1.92
N ARG C 232 -28.30 -3.64 2.29
CA ARG C 232 -27.24 -2.67 2.11
C ARG C 232 -27.33 -1.59 3.17
N ALA C 233 -26.40 -1.61 4.11
CA ALA C 233 -26.19 -0.52 5.05
C ALA C 233 -27.49 -0.06 5.69
N GLY C 234 -28.14 -0.98 6.39
CA GLY C 234 -29.34 -0.66 7.13
C GLY C 234 -30.60 -0.55 6.30
N ILE C 235 -30.55 -0.89 5.02
CA ILE C 235 -31.69 -0.85 4.13
C ILE C 235 -32.01 -2.26 3.71
N LYS C 236 -33.22 -2.72 4.02
CA LYS C 236 -33.61 -4.09 3.71
C LYS C 236 -34.12 -4.18 2.29
N ASP C 237 -33.62 -5.17 1.54
CA ASP C 237 -34.06 -5.44 0.17
C ASP C 237 -33.92 -4.19 -0.70
N ARG C 238 -32.68 -3.69 -0.76
CA ARG C 238 -32.33 -2.66 -1.73
C ARG C 238 -32.20 -3.31 -3.09
N VAL C 239 -32.83 -2.71 -4.10
CA VAL C 239 -33.01 -3.34 -5.40
C VAL C 239 -32.12 -2.64 -6.42
N TYR C 240 -31.37 -3.43 -7.19
CA TYR C 240 -30.60 -2.98 -8.33
C TYR C 240 -31.31 -3.51 -9.58
N SER C 241 -31.58 -2.62 -10.52
CA SER C 241 -32.27 -2.95 -11.76
C SER C 241 -31.45 -2.51 -12.96
N ASN C 242 -31.52 -3.30 -14.02
CA ASN C 242 -30.85 -3.00 -15.28
C ASN C 242 -31.87 -3.08 -16.41
N SER C 243 -31.57 -2.37 -17.50
CA SER C 243 -32.51 -2.22 -18.60
C SER C 243 -31.86 -2.70 -19.90
N ILE C 244 -32.56 -3.57 -20.61
CA ILE C 244 -32.14 -4.03 -21.93
C ILE C 244 -32.73 -3.08 -22.97
N TYR C 245 -31.86 -2.56 -23.84
CA TYR C 245 -32.23 -1.67 -24.91
C TYR C 245 -32.01 -2.37 -26.26
N GLU C 246 -32.67 -1.83 -27.28
CA GLU C 246 -32.54 -2.34 -28.64
C GLU C 246 -31.86 -1.27 -29.50
N LEU C 247 -30.91 -1.70 -30.32
CA LEU C 247 -30.13 -0.81 -31.17
C LEU C 247 -30.66 -0.86 -32.60
N LEU C 248 -31.35 0.20 -33.00
CA LEU C 248 -31.98 0.26 -34.32
C LEU C 248 -30.98 0.80 -35.34
N GLU C 249 -30.34 -0.10 -36.06
CA GLU C 249 -29.50 0.26 -37.19
C GLU C 249 -30.38 0.40 -38.42
N ASN C 250 -30.40 1.61 -39.00
CA ASN C 250 -31.25 1.93 -40.16
C ASN C 250 -32.68 1.45 -39.94
N GLY C 251 -33.15 1.47 -38.70
CA GLY C 251 -34.52 1.13 -38.38
C GLY C 251 -34.79 -0.33 -38.09
N GLN C 252 -33.77 -1.17 -38.07
CA GLN C 252 -33.92 -2.59 -37.77
C GLN C 252 -33.04 -2.95 -36.59
N ARG C 253 -33.56 -3.80 -35.70
CA ARG C 253 -32.81 -4.23 -34.53
C ARG C 253 -31.55 -4.98 -34.97
N ALA C 254 -30.38 -4.38 -34.72
CA ALA C 254 -29.11 -5.00 -35.07
C ALA C 254 -28.44 -5.67 -33.88
N GLY C 255 -28.78 -5.25 -32.66
CA GLY C 255 -28.20 -5.85 -31.48
C GLY C 255 -28.90 -5.35 -30.23
N THR C 256 -28.77 -6.15 -29.17
CA THR C 256 -29.35 -5.84 -27.87
C THR C 256 -28.30 -6.01 -26.80
N CYS C 257 -28.37 -5.15 -25.78
CA CYS C 257 -27.37 -5.16 -24.72
C CYS C 257 -27.94 -4.47 -23.49
N VAL C 258 -27.34 -4.78 -22.34
CA VAL C 258 -27.65 -4.10 -21.10
C VAL C 258 -26.84 -2.81 -21.04
N LEU C 259 -27.49 -1.69 -21.33
CA LEU C 259 -26.82 -0.41 -21.51
C LEU C 259 -27.21 0.56 -20.42
N GLU C 260 -26.24 1.38 -19.99
CA GLU C 260 -26.48 2.38 -18.96
C GLU C 260 -25.30 3.33 -18.86
N TYR C 261 -25.58 4.60 -18.56
CA TYR C 261 -24.52 5.55 -18.26
C TYR C 261 -23.94 5.27 -16.88
N ALA C 262 -22.74 5.80 -16.66
CA ALA C 262 -22.12 5.76 -15.33
C ALA C 262 -22.69 6.89 -14.49
N THR C 263 -23.41 6.54 -13.43
CA THR C 263 -24.08 7.54 -12.61
C THR C 263 -23.13 8.59 -12.04
N PRO C 264 -21.93 8.25 -11.55
CA PRO C 264 -21.10 9.27 -10.91
C PRO C 264 -20.80 10.47 -11.78
N LEU C 265 -20.72 10.29 -13.10
CA LEU C 265 -20.48 11.43 -13.98
C LEU C 265 -21.54 12.50 -13.81
N GLN C 266 -22.81 12.10 -13.64
CA GLN C 266 -23.84 13.08 -13.35
C GLN C 266 -23.45 13.96 -12.18
N THR C 267 -22.95 13.35 -11.09
CA THR C 267 -22.49 14.13 -9.96
C THR C 267 -21.44 15.14 -10.38
N LEU C 268 -20.46 14.70 -11.17
CA LEU C 268 -19.44 15.63 -11.65
C LEU C 268 -20.07 16.78 -12.42
N PHE C 269 -21.09 16.50 -13.22
CA PHE C 269 -21.79 17.59 -13.90
C PHE C 269 -22.49 18.49 -12.90
N ALA C 270 -23.14 17.91 -11.90
CA ALA C 270 -23.87 18.71 -10.94
C ALA C 270 -22.93 19.50 -10.04
N MET C 271 -21.81 18.90 -9.64
CA MET C 271 -20.83 19.63 -8.83
C MET C 271 -20.30 20.85 -9.55
N SER C 272 -20.16 20.77 -10.88
CA SER C 272 -19.75 21.92 -11.67
C SER C 272 -20.84 22.98 -11.78
N GLN C 273 -22.06 22.66 -11.35
CA GLN C 273 -23.18 23.61 -11.38
C GLN C 273 -23.46 24.25 -10.04
N TYR C 274 -23.15 23.58 -8.94
CA TYR C 274 -23.34 24.13 -7.61
C TYR C 274 -22.10 24.92 -7.20
N SER C 275 -22.31 26.16 -6.76
CA SER C 275 -21.18 27.01 -6.38
C SER C 275 -20.48 26.48 -5.15
N GLN C 276 -21.23 25.97 -4.18
CA GLN C 276 -20.65 25.52 -2.92
C GLN C 276 -19.70 24.34 -3.12
N ALA C 277 -19.80 23.65 -4.25
CA ALA C 277 -18.91 22.51 -4.51
C ALA C 277 -17.50 22.95 -4.84
N GLY C 278 -17.30 24.18 -5.29
CA GLY C 278 -15.98 24.61 -5.72
C GLY C 278 -15.41 23.75 -6.83
N PHE C 279 -16.23 23.42 -7.81
CA PHE C 279 -15.87 22.48 -8.87
C PHE C 279 -16.06 23.17 -10.21
N SER C 280 -15.01 23.19 -11.02
CA SER C 280 -15.03 23.90 -12.29
C SER C 280 -15.35 22.95 -13.45
N ARG C 281 -15.66 23.54 -14.60
CA ARG C 281 -15.92 22.75 -15.79
C ARG C 281 -14.66 22.04 -16.28
N GLU C 282 -13.53 22.75 -16.32
CA GLU C 282 -12.28 22.11 -16.69
C GLU C 282 -11.89 21.04 -15.67
N ASP C 283 -12.05 21.35 -14.39
CA ASP C 283 -11.82 20.34 -13.37
C ASP C 283 -12.78 19.17 -13.54
N ARG C 284 -14.03 19.46 -13.93
CA ARG C 284 -14.99 18.39 -14.17
C ARG C 284 -14.52 17.46 -15.29
N LEU C 285 -14.04 18.02 -16.40
CA LEU C 285 -13.57 17.18 -17.50
C LEU C 285 -12.35 16.37 -17.10
N GLU C 286 -11.41 17.01 -16.39
CA GLU C 286 -10.23 16.29 -15.95
C GLU C 286 -10.60 15.16 -15.01
N GLN C 287 -11.53 15.41 -14.09
CA GLN C 287 -11.95 14.36 -13.17
C GLN C 287 -12.73 13.27 -13.88
N ALA C 288 -13.47 13.60 -14.93
CA ALA C 288 -14.16 12.56 -15.69
C ALA C 288 -13.16 11.64 -16.38
N LYS C 289 -12.13 12.23 -16.99
CA LYS C 289 -11.10 11.40 -17.62
C LYS C 289 -10.37 10.56 -16.58
N LEU C 290 -10.08 11.14 -15.42
CA LEU C 290 -9.44 10.40 -14.34
C LEU C 290 -10.34 9.27 -13.84
N PHE C 291 -11.64 9.52 -13.77
CA PHE C 291 -12.59 8.48 -13.34
C PHE C 291 -12.59 7.33 -14.33
N CYS C 292 -12.60 7.64 -15.62
CA CYS C 292 -12.56 6.58 -16.63
C CYS C 292 -11.27 5.76 -16.50
N ARG C 293 -10.14 6.46 -16.34
CA ARG C 293 -8.86 5.76 -16.22
C ARG C 293 -8.83 4.87 -14.99
N THR C 294 -9.30 5.39 -13.85
CA THR C 294 -9.30 4.63 -12.61
C THR C 294 -10.22 3.43 -12.70
N LEU C 295 -11.40 3.59 -13.33
CA LEU C 295 -12.31 2.47 -13.49
C LEU C 295 -11.70 1.40 -14.37
N GLU C 296 -11.04 1.80 -15.46
CA GLU C 296 -10.36 0.84 -16.32
C GLU C 296 -9.30 0.08 -15.54
N ASP C 297 -8.50 0.79 -14.76
CA ASP C 297 -7.46 0.13 -13.97
C ASP C 297 -8.07 -0.83 -12.96
N ILE C 298 -9.15 -0.43 -12.29
CA ILE C 298 -9.78 -1.29 -11.30
C ILE C 298 -10.30 -2.56 -11.95
N LEU C 299 -11.01 -2.43 -13.07
CA LEU C 299 -11.60 -3.59 -13.72
C LEU C 299 -10.56 -4.46 -14.41
N ALA C 300 -9.38 -3.93 -14.70
CA ALA C 300 -8.32 -4.76 -15.27
C ALA C 300 -7.88 -5.84 -14.28
N ASP C 301 -7.75 -5.48 -13.01
CA ASP C 301 -7.29 -6.40 -11.96
C ASP C 301 -8.44 -6.94 -11.12
N ALA C 302 -9.69 -6.69 -11.51
CA ALA C 302 -10.83 -7.12 -10.71
C ALA C 302 -11.25 -8.53 -11.09
N PRO C 303 -11.24 -9.49 -10.17
CA PRO C 303 -11.73 -10.83 -10.53
C PRO C 303 -13.20 -10.88 -10.89
N GLU C 304 -13.99 -9.89 -10.47
CA GLU C 304 -15.40 -9.87 -10.81
C GLU C 304 -15.62 -9.65 -12.29
N SER C 305 -14.74 -8.89 -12.95
CA SER C 305 -14.89 -8.56 -14.36
C SER C 305 -14.32 -9.69 -15.23
N GLN C 306 -15.02 -10.82 -15.20
CA GLN C 306 -14.68 -11.96 -16.04
C GLN C 306 -15.34 -11.77 -17.41
N ASN C 307 -14.90 -10.72 -18.09
CA ASN C 307 -15.51 -10.30 -19.36
C ASN C 307 -16.99 -10.02 -19.18
N ASN C 308 -17.38 -9.54 -17.99
CA ASN C 308 -18.77 -9.28 -17.65
C ASN C 308 -19.18 -7.84 -17.88
N CYS C 309 -18.27 -6.98 -18.33
CA CYS C 309 -18.61 -5.58 -18.55
C CYS C 309 -17.69 -5.00 -19.60
N ARG C 310 -18.12 -3.89 -20.19
CA ARG C 310 -17.35 -3.12 -21.14
C ARG C 310 -17.50 -1.65 -20.83
N LEU C 311 -16.40 -0.90 -21.00
CA LEU C 311 -16.40 0.54 -20.81
C LEU C 311 -16.32 1.23 -22.17
N ILE C 312 -17.24 2.14 -22.41
CA ILE C 312 -17.35 2.84 -23.69
C ILE C 312 -17.18 4.33 -23.39
N ALA C 313 -15.95 4.82 -23.54
CA ALA C 313 -15.65 6.23 -23.34
C ALA C 313 -15.65 6.94 -24.68
N TYR C 314 -16.37 8.05 -24.75
CA TYR C 314 -16.52 8.79 -26.00
C TYR C 314 -16.61 10.28 -25.70
N GLN C 315 -16.24 11.08 -26.70
CA GLN C 315 -16.32 12.54 -26.61
C GLN C 315 -17.05 13.04 -27.84
N GLU C 316 -18.08 13.85 -27.64
CA GLU C 316 -18.83 14.38 -28.75
C GLU C 316 -18.07 15.53 -29.40
N PRO C 317 -17.73 15.45 -30.69
CA PRO C 317 -17.03 16.57 -31.34
C PRO C 317 -17.84 17.86 -31.34
N SER C 322 -24.08 14.67 -35.67
CA SER C 322 -22.95 13.98 -36.29
C SER C 322 -22.64 12.69 -35.53
N PHE C 323 -22.02 12.82 -34.37
CA PHE C 323 -21.69 11.66 -33.56
C PHE C 323 -22.95 10.90 -33.17
N SER C 324 -22.88 9.58 -33.25
CA SER C 324 -24.00 8.70 -32.93
C SER C 324 -23.56 7.70 -31.86
N LEU C 325 -24.27 7.68 -30.74
CA LEU C 325 -23.99 6.73 -29.68
C LEU C 325 -24.33 5.31 -30.12
N SER C 326 -25.38 5.15 -30.91
CA SER C 326 -25.79 3.82 -31.36
C SER C 326 -24.68 3.14 -32.14
N GLN C 327 -23.99 3.90 -33.00
CA GLN C 327 -22.89 3.32 -33.76
C GLN C 327 -21.76 2.90 -32.84
N GLU C 328 -21.46 3.71 -31.82
CA GLU C 328 -20.42 3.32 -30.85
C GLU C 328 -20.78 2.00 -30.18
N VAL C 329 -22.02 1.89 -29.69
CA VAL C 329 -22.42 0.69 -28.98
C VAL C 329 -22.41 -0.52 -29.91
N LEU C 330 -22.89 -0.34 -31.15
CA LEU C 330 -22.89 -1.44 -32.10
C LEU C 330 -21.47 -1.88 -32.45
N ARG C 331 -20.55 -0.92 -32.59
CA ARG C 331 -19.17 -1.27 -32.89
C ARG C 331 -18.54 -2.04 -31.74
N HIS C 332 -18.81 -1.61 -30.50
CA HIS C 332 -18.29 -2.33 -29.35
C HIS C 332 -18.98 -3.67 -29.12
N LEU C 333 -20.16 -3.87 -29.71
CA LEU C 333 -20.86 -5.15 -29.62
C LEU C 333 -20.39 -6.15 -30.67
N ARG C 334 -20.40 -5.74 -31.94
CA ARG C 334 -20.05 -6.65 -33.02
C ARG C 334 -18.63 -7.16 -32.88
N GLN C 335 -17.78 -6.44 -32.15
CA GLN C 335 -16.41 -6.87 -31.90
C GLN C 335 -16.39 -8.23 -31.21
N SER D 4 -19.62 23.21 14.37
CA SER D 4 -19.52 21.77 14.20
C SER D 4 -20.19 21.04 15.37
N SER D 5 -21.52 20.97 15.34
CA SER D 5 -22.28 20.32 16.39
C SER D 5 -22.42 18.82 16.19
N LEU D 6 -21.99 18.29 15.04
CA LEU D 6 -22.08 16.85 14.81
C LEU D 6 -21.28 16.08 15.85
N HIS D 7 -19.97 16.29 15.87
CA HIS D 7 -19.10 15.61 16.81
C HIS D 7 -17.86 16.48 17.02
N PRO D 8 -17.36 16.61 18.25
CA PRO D 8 -16.18 17.47 18.45
C PRO D 8 -14.96 17.03 17.68
N SER D 9 -14.86 15.75 17.33
CA SER D 9 -13.69 15.25 16.61
C SER D 9 -13.61 15.76 15.18
N ILE D 10 -14.68 16.37 14.67
CA ILE D 10 -14.67 16.91 13.32
C ILE D 10 -13.81 18.17 13.31
N PRO D 11 -12.74 18.23 12.53
CA PRO D 11 -11.90 19.43 12.53
C PRO D 11 -12.58 20.59 11.84
N CYS D 12 -12.41 21.77 12.42
CA CYS D 12 -12.91 22.98 11.79
C CYS D 12 -12.00 23.40 10.65
N PRO D 13 -12.51 24.15 9.67
CA PRO D 13 -11.66 24.59 8.56
C PRO D 13 -10.53 25.47 9.06
N ARG D 14 -9.38 25.36 8.39
CA ARG D 14 -8.21 26.13 8.78
C ARG D 14 -8.47 27.63 8.60
N GLY D 15 -7.96 28.41 9.55
CA GLY D 15 -8.15 29.85 9.52
C GLY D 15 -6.95 30.60 8.99
N HIS D 16 -6.55 31.65 9.69
CA HIS D 16 -5.45 32.50 9.28
C HIS D 16 -4.33 32.53 10.33
N GLY D 17 -4.17 31.43 11.07
CA GLY D 17 -3.11 31.39 12.07
C GLY D 17 -1.73 31.50 11.45
N ALA D 18 -1.54 30.90 10.28
CA ALA D 18 -0.26 30.98 9.61
C ALA D 18 0.09 32.43 9.26
N GLN D 19 -0.89 33.19 8.77
CA GLN D 19 -0.63 34.59 8.41
C GLN D 19 -0.31 35.42 9.64
N LYS D 20 -1.01 35.19 10.75
CA LYS D 20 -0.72 35.94 11.97
C LYS D 20 0.67 35.60 12.50
N ALA D 21 1.02 34.32 12.49
CA ALA D 21 2.37 33.93 12.91
C ALA D 21 3.42 34.53 11.98
N ALA D 22 3.12 34.61 10.68
CA ALA D 22 4.05 35.22 9.74
C ALA D 22 4.22 36.70 10.04
N LEU D 23 3.13 37.39 10.38
CA LEU D 23 3.24 38.81 10.73
C LEU D 23 4.07 38.99 11.99
N VAL D 24 3.86 38.14 13.00
CA VAL D 24 4.67 38.23 14.21
C VAL D 24 6.14 37.97 13.90
N LEU D 25 6.41 36.98 13.05
CA LEU D 25 7.79 36.69 12.66
C LEU D 25 8.41 37.87 11.91
N LEU D 26 7.64 38.49 11.02
CA LEU D 26 8.15 39.64 10.28
C LEU D 26 8.48 40.79 11.21
N SER D 27 7.60 41.07 12.17
CA SER D 27 7.86 42.13 13.14
C SER D 27 9.12 41.82 13.95
N ALA D 28 9.24 40.58 14.42
CA ALA D 28 10.42 40.20 15.20
C ALA D 28 11.70 40.31 14.38
N CYS D 29 11.64 39.92 13.11
CA CYS D 29 12.83 40.00 12.26
C CYS D 29 13.21 41.45 11.98
N LEU D 30 12.22 42.32 11.77
CA LEU D 30 12.52 43.74 11.60
C LEU D 30 13.16 44.30 12.87
N VAL D 31 12.63 43.92 14.03
CA VAL D 31 13.21 44.38 15.29
C VAL D 31 14.65 43.89 15.43
N THR D 32 14.90 42.63 15.05
CA THR D 32 16.25 42.09 15.14
C THR D 32 17.20 42.82 14.20
N LEU D 33 16.77 43.08 12.96
CA LEU D 33 17.61 43.82 12.04
C LEU D 33 17.90 45.22 12.55
N TRP D 34 16.89 45.86 13.16
CA TRP D 34 17.10 47.17 13.75
C TRP D 34 18.12 47.11 14.88
N GLY D 35 18.02 46.08 15.72
CA GLY D 35 18.96 45.93 16.81
C GLY D 35 20.38 45.69 16.35
N LEU D 36 20.56 44.86 15.32
CA LEU D 36 21.90 44.59 14.80
C LEU D 36 22.58 45.86 14.30
N GLY D 37 21.80 46.88 13.92
CA GLY D 37 22.36 48.11 13.42
C GLY D 37 22.72 48.10 11.95
N GLU D 38 22.52 46.98 11.26
CA GLU D 38 22.83 46.93 9.84
C GLU D 38 21.96 47.93 9.07
N PRO D 39 22.51 48.60 8.06
CA PRO D 39 21.72 49.60 7.35
C PRO D 39 20.58 48.96 6.59
N PRO D 40 19.45 49.65 6.46
CA PRO D 40 18.33 49.07 5.69
C PRO D 40 18.65 48.81 4.24
N GLU D 41 19.62 49.53 3.64
CA GLU D 41 19.90 49.34 2.22
C GLU D 41 20.48 47.97 1.95
N HIS D 42 21.41 47.51 2.79
CA HIS D 42 21.97 46.17 2.60
C HIS D 42 20.89 45.11 2.77
N THR D 43 20.02 45.30 3.77
CA THR D 43 18.93 44.36 3.99
C THR D 43 18.04 44.29 2.76
N LEU D 44 17.66 45.45 2.22
CA LEU D 44 16.82 45.47 1.02
C LEU D 44 17.50 44.77 -0.15
N ARG D 45 18.79 45.06 -0.36
CA ARG D 45 19.50 44.48 -1.49
C ARG D 45 19.56 42.96 -1.38
N TYR D 46 19.94 42.46 -0.20
CA TYR D 46 20.07 41.01 -0.04
C TYR D 46 18.72 40.32 -0.05
N LEU D 47 17.67 40.97 0.46
CA LEU D 47 16.33 40.39 0.39
C LEU D 47 15.87 40.29 -1.07
N VAL D 48 16.12 41.34 -1.86
CA VAL D 48 15.77 41.29 -3.28
C VAL D 48 16.55 40.19 -3.99
N LEU D 49 17.82 40.03 -3.63
CA LEU D 49 18.61 38.95 -4.23
C LEU D 49 18.06 37.58 -3.86
N HIS D 50 17.64 37.41 -2.61
CA HIS D 50 17.04 36.15 -2.19
C HIS D 50 15.76 35.87 -2.96
N LEU D 51 14.90 36.87 -3.12
CA LEU D 51 13.68 36.68 -3.89
C LEU D 51 13.99 36.36 -5.35
N ALA D 52 15.02 36.99 -5.90
CA ALA D 52 15.45 36.67 -7.25
C ALA D 52 15.90 35.22 -7.36
N SER D 53 16.65 34.73 -6.37
CA SER D 53 17.07 33.33 -6.38
C SER D 53 15.86 32.41 -6.31
N LEU D 54 14.86 32.77 -5.49
CA LEU D 54 13.65 31.96 -5.42
C LEU D 54 12.94 31.92 -6.77
N GLN D 55 12.86 33.07 -7.46
CA GLN D 55 12.22 33.10 -8.76
C GLN D 55 12.97 32.25 -9.77
N LEU D 56 14.31 32.30 -9.74
CA LEU D 56 15.09 31.48 -10.66
C LEU D 56 14.90 30.00 -10.38
N GLY D 57 14.86 29.62 -9.10
CA GLY D 57 14.56 28.24 -8.77
C GLY D 57 13.19 27.81 -9.24
N LEU D 58 12.19 28.69 -9.10
CA LEU D 58 10.86 28.40 -9.63
C LEU D 58 10.91 28.17 -11.13
N LEU D 59 11.64 29.02 -11.86
CA LEU D 59 11.74 28.85 -13.31
C LEU D 59 12.38 27.52 -13.66
N LEU D 60 13.46 27.14 -12.97
CA LEU D 60 14.14 25.89 -13.28
C LEU D 60 13.23 24.70 -12.98
N ASN D 61 12.56 24.71 -11.84
CA ASN D 61 11.63 23.62 -11.53
C ASN D 61 10.49 23.57 -12.53
N GLY D 62 10.05 24.74 -13.01
CA GLY D 62 9.00 24.78 -14.01
C GLY D 62 9.44 24.18 -15.33
N VAL D 63 10.67 24.44 -15.74
CA VAL D 63 11.20 23.84 -16.96
C VAL D 63 11.30 22.33 -16.79
N CYS D 64 11.78 21.88 -15.63
CA CYS D 64 11.85 20.44 -15.38
C CYS D 64 10.47 19.79 -15.45
N SER D 65 9.47 20.44 -14.86
CA SER D 65 8.11 19.89 -14.91
C SER D 65 7.52 19.98 -16.32
N LEU D 66 7.90 21.00 -17.07
CA LEU D 66 7.45 21.13 -18.45
C LEU D 66 7.96 19.97 -19.30
N ALA D 67 9.19 19.53 -19.03
CA ALA D 67 9.75 18.40 -19.76
C ALA D 67 8.80 17.20 -19.72
N GLU D 68 8.07 17.03 -18.62
CA GLU D 68 7.10 15.95 -18.49
C GLU D 68 5.71 16.36 -18.98
N GLU D 69 5.28 17.58 -18.67
CA GLU D 69 3.93 18.00 -19.00
C GLU D 69 3.72 18.12 -20.51
N LEU D 70 4.79 18.38 -21.26
CA LEU D 70 4.66 18.41 -22.71
C LEU D 70 4.31 17.06 -23.30
N ARG D 71 4.45 15.98 -22.53
CA ARG D 71 4.01 14.66 -22.98
C ARG D 71 2.51 14.49 -22.87
N HIS D 72 1.85 15.31 -22.04
CA HIS D 72 0.40 15.28 -21.88
C HIS D 72 -0.24 16.53 -22.48
N ILE D 73 0.39 17.10 -23.50
CA ILE D 73 -0.08 18.36 -24.07
C ILE D 73 -1.45 18.17 -24.70
N HIS D 74 -1.64 17.06 -25.43
CA HIS D 74 -2.92 16.83 -26.10
C HIS D 74 -3.95 16.26 -25.15
N SER D 75 -3.55 15.33 -24.29
CA SER D 75 -4.50 14.69 -23.39
C SER D 75 -4.98 15.65 -22.31
N ARG D 76 -4.08 16.47 -21.77
CA ARG D 76 -4.39 17.26 -20.59
C ARG D 76 -4.41 18.76 -20.84
N TYR D 77 -3.89 19.24 -21.96
CA TYR D 77 -3.75 20.67 -22.20
C TYR D 77 -4.23 21.06 -23.60
N ARG D 78 -5.10 20.26 -24.19
CA ARG D 78 -5.77 20.63 -25.44
C ARG D 78 -4.77 20.91 -26.55
N GLY D 79 -3.61 20.27 -26.49
CA GLY D 79 -2.62 20.42 -27.54
C GLY D 79 -2.05 21.82 -27.67
N SER D 80 -1.99 22.58 -26.59
CA SER D 80 -1.49 23.94 -26.60
C SER D 80 -0.27 24.05 -25.69
N TYR D 81 0.82 24.61 -26.24
CA TYR D 81 2.02 24.80 -25.43
C TYR D 81 1.84 25.89 -24.40
N TRP D 82 1.06 26.93 -24.74
CA TRP D 82 0.85 28.04 -23.82
C TRP D 82 0.19 27.55 -22.54
N ARG D 83 -0.77 26.63 -22.65
CA ARG D 83 -1.44 26.12 -21.46
C ARG D 83 -0.50 25.30 -20.59
N THR D 84 0.36 24.50 -21.23
CA THR D 84 1.35 23.74 -20.47
C THR D 84 2.29 24.67 -19.72
N VAL D 85 2.76 25.74 -20.38
CA VAL D 85 3.63 26.70 -19.72
C VAL D 85 2.90 27.36 -18.56
N ARG D 86 1.64 27.74 -18.78
CA ARG D 86 0.86 28.38 -17.71
C ARG D 86 0.68 27.44 -16.53
N ALA D 87 0.55 26.14 -16.78
CA ALA D 87 0.37 25.19 -15.69
C ALA D 87 1.69 24.91 -14.97
N CYS D 88 2.81 24.94 -15.70
CA CYS D 88 4.08 24.59 -15.08
C CYS D 88 4.66 25.71 -14.24
N LEU D 89 4.49 26.98 -14.65
CA LEU D 89 5.12 28.10 -13.98
C LEU D 89 4.18 29.27 -13.77
N GLY D 90 2.87 29.01 -13.65
CA GLY D 90 1.95 30.10 -13.42
C GLY D 90 1.82 31.00 -14.64
N CYS D 91 1.34 32.21 -14.38
CA CYS D 91 1.13 33.17 -15.45
C CYS D 91 2.47 33.50 -16.11
N PRO D 92 2.65 33.25 -17.40
CA PRO D 92 3.95 33.56 -18.03
C PRO D 92 4.31 35.03 -17.98
N LEU D 93 3.33 35.93 -18.03
CA LEU D 93 3.64 37.35 -18.01
C LEU D 93 4.27 37.75 -16.67
N ARG D 94 3.63 37.38 -15.57
CA ARG D 94 4.14 37.71 -14.25
C ARG D 94 5.50 37.05 -14.03
N ARG D 95 5.64 35.79 -14.42
CA ARG D 95 6.91 35.09 -14.23
C ARG D 95 8.02 35.76 -15.03
N GLY D 96 7.73 36.14 -16.27
CA GLY D 96 8.74 36.82 -17.07
C GLY D 96 9.13 38.17 -16.50
N ALA D 97 8.14 38.94 -16.03
CA ALA D 97 8.44 40.23 -15.41
C ALA D 97 9.32 40.05 -14.18
N LEU D 98 8.98 39.07 -13.34
CA LEU D 98 9.78 38.82 -12.14
C LEU D 98 11.19 38.37 -12.50
N LEU D 99 11.33 37.54 -13.53
CA LEU D 99 12.65 37.09 -13.94
C LEU D 99 13.49 38.25 -14.48
N LEU D 100 12.87 39.13 -15.27
CA LEU D 100 13.60 40.28 -15.79
C LEU D 100 14.04 41.20 -14.66
N LEU D 101 13.15 41.45 -13.70
CA LEU D 101 13.54 42.26 -12.54
C LEU D 101 14.67 41.60 -11.76
N SER D 102 14.59 40.28 -11.58
CA SER D 102 15.64 39.55 -10.88
C SER D 102 16.98 39.71 -11.57
N ILE D 103 17.00 39.53 -12.90
CA ILE D 103 18.24 39.67 -13.65
C ILE D 103 18.78 41.09 -13.50
N TYR D 104 17.91 42.08 -13.66
CA TYR D 104 18.36 43.47 -13.60
C TYR D 104 18.95 43.81 -12.24
N PHE D 105 18.27 43.40 -11.17
CA PHE D 105 18.69 43.74 -9.81
C PHE D 105 19.76 42.81 -9.27
N TYR D 106 20.11 41.74 -10.00
CA TYR D 106 21.26 40.93 -9.65
C TYR D 106 22.52 41.38 -10.38
N TYR D 107 22.45 41.52 -11.70
CA TYR D 107 23.60 42.01 -12.46
C TYR D 107 24.00 43.41 -12.03
N SER D 108 23.04 44.22 -11.60
CA SER D 108 23.31 45.61 -11.26
C SER D 108 23.76 45.77 -9.81
N LEU D 109 23.03 45.19 -8.87
CA LEU D 109 23.35 45.38 -7.46
C LEU D 109 24.65 44.65 -7.13
N PRO D 110 25.53 45.26 -6.31
CA PRO D 110 26.76 44.59 -5.89
C PRO D 110 26.50 43.20 -5.29
N PRO D 116 29.02 37.47 -10.08
CA PRO D 116 28.63 36.87 -11.36
C PRO D 116 27.21 36.34 -11.35
N PHE D 117 26.58 36.25 -12.53
CA PHE D 117 25.21 35.77 -12.66
C PHE D 117 25.14 34.36 -13.24
N THR D 118 25.97 34.05 -14.23
CA THR D 118 25.96 32.70 -14.79
C THR D 118 26.35 31.66 -13.75
N TRP D 119 27.32 31.99 -12.89
CA TRP D 119 27.70 31.07 -11.82
C TRP D 119 26.56 30.87 -10.84
N MET D 120 25.88 31.95 -10.46
CA MET D 120 24.76 31.82 -9.54
C MET D 120 23.64 31.00 -10.16
N LEU D 121 23.36 31.21 -11.44
CA LEU D 121 22.33 30.43 -12.12
C LEU D 121 22.73 28.96 -12.17
N ALA D 122 24.01 28.67 -12.44
CA ALA D 122 24.45 27.28 -12.46
C ALA D 122 24.29 26.63 -11.09
N LEU D 123 24.65 27.37 -10.02
CA LEU D 123 24.52 26.82 -8.68
C LEU D 123 23.06 26.58 -8.33
N LEU D 124 22.17 27.51 -8.66
CA LEU D 124 20.75 27.33 -8.36
C LEU D 124 20.17 26.18 -9.16
N GLY D 125 20.57 26.04 -10.42
CA GLY D 125 20.14 24.90 -11.20
C GLY D 125 20.61 23.58 -10.62
N LEU D 126 21.85 23.54 -10.16
CA LEU D 126 22.37 22.34 -9.51
C LEU D 126 21.55 21.99 -8.28
N SER D 127 21.24 23.00 -7.46
CA SER D 127 20.46 22.75 -6.24
C SER D 127 19.05 22.27 -6.59
N GLN D 128 18.41 22.89 -7.58
CA GLN D 128 17.06 22.47 -7.96
C GLN D 128 17.07 21.05 -8.51
N ALA D 129 18.06 20.72 -9.35
CA ALA D 129 18.15 19.36 -9.87
C ALA D 129 18.40 18.36 -8.75
N LEU D 130 19.22 18.73 -7.77
CA LEU D 130 19.44 17.84 -6.64
C LEU D 130 18.15 17.61 -5.86
N ASN D 131 17.39 18.67 -5.61
CA ASN D 131 16.11 18.51 -4.92
C ASN D 131 15.16 17.62 -5.70
N ILE D 132 15.12 17.78 -7.03
CA ILE D 132 14.21 16.99 -7.85
C ILE D 132 14.63 15.52 -7.84
N LEU D 133 15.92 15.25 -8.03
CA LEU D 133 16.39 13.88 -8.17
C LEU D 133 16.33 13.13 -6.85
N LEU D 134 16.64 13.81 -5.74
CA LEU D 134 16.61 13.19 -4.43
C LEU D 134 15.21 13.17 -3.81
N GLY D 135 14.20 13.64 -4.54
CA GLY D 135 12.85 13.66 -4.02
C GLY D 135 12.66 14.60 -2.85
N LEU D 136 13.31 15.76 -2.88
CA LEU D 136 13.21 16.74 -1.81
C LEU D 136 12.09 17.74 -2.06
N LYS D 137 11.41 17.65 -3.20
CA LYS D 137 10.29 18.53 -3.51
C LYS D 137 9.01 18.13 -2.80
N GLY D 138 9.06 17.11 -1.95
CA GLY D 138 7.87 16.70 -1.23
C GLY D 138 7.32 17.82 -0.37
N LEU D 139 6.00 17.79 -0.19
CA LEU D 139 5.29 18.79 0.60
C LEU D 139 4.84 18.16 1.91
N ALA D 140 4.88 18.94 2.99
CA ALA D 140 4.57 18.41 4.29
C ALA D 140 3.10 17.98 4.36
N PRO D 141 2.77 17.00 5.22
CA PRO D 141 1.37 16.56 5.28
C PRO D 141 0.38 17.67 5.56
N ALA D 142 0.73 18.60 6.45
CA ALA D 142 -0.19 19.70 6.75
C ALA D 142 -0.41 20.59 5.53
N GLU D 143 0.67 20.89 4.79
CA GLU D 143 0.52 21.69 3.57
C GLU D 143 -0.33 20.97 2.55
N ILE D 144 -0.12 19.67 2.37
CA ILE D 144 -0.93 18.89 1.44
C ILE D 144 -2.39 18.94 1.84
N SER D 145 -2.67 18.75 3.13
CA SER D 145 -4.05 18.78 3.60
C SER D 145 -4.69 20.14 3.38
N ALA D 146 -3.95 21.22 3.65
CA ALA D 146 -4.48 22.56 3.45
C ALA D 146 -4.76 22.82 1.98
N VAL D 147 -3.85 22.40 1.10
CA VAL D 147 -4.05 22.60 -0.33
C VAL D 147 -5.26 21.80 -0.81
N CYS D 148 -5.42 20.58 -0.32
CA CYS D 148 -6.55 19.75 -0.74
C CYS D 148 -7.87 20.32 -0.25
N GLU D 149 -7.91 20.78 1.00
CA GLU D 149 -9.16 21.36 1.52
C GLU D 149 -9.49 22.67 0.83
N LYS D 150 -8.49 23.49 0.54
CA LYS D 150 -8.72 24.73 -0.20
C LYS D 150 -9.31 24.44 -1.56
N GLY D 151 -8.66 23.58 -2.33
CA GLY D 151 -9.11 23.21 -3.66
C GLY D 151 -10.09 22.07 -3.69
N ASN D 152 -10.51 21.57 -2.53
CA ASN D 152 -11.47 20.47 -2.45
C ASN D 152 -10.97 19.24 -3.20
N PHE D 153 -9.67 18.97 -3.09
CA PHE D 153 -9.07 17.77 -3.67
C PHE D 153 -9.14 16.63 -2.65
N ASN D 154 -10.36 16.18 -2.40
CA ASN D 154 -10.63 15.15 -1.41
C ASN D 154 -11.68 14.19 -1.96
N VAL D 155 -11.51 12.90 -1.65
CA VAL D 155 -12.51 11.92 -2.04
C VAL D 155 -13.82 12.15 -1.28
N ALA D 156 -13.71 12.59 -0.02
CA ALA D 156 -14.90 12.81 0.79
C ALA D 156 -15.79 13.89 0.20
N HIS D 157 -15.20 14.92 -0.40
CA HIS D 157 -16.00 15.97 -1.04
C HIS D 157 -16.90 15.37 -2.12
N GLY D 158 -16.32 14.59 -3.02
CA GLY D 158 -17.11 13.97 -4.07
C GLY D 158 -18.11 12.98 -3.52
N LEU D 159 -17.73 12.22 -2.50
CA LEU D 159 -18.67 11.25 -1.93
C LEU D 159 -19.87 11.95 -1.31
N ALA D 160 -19.64 13.04 -0.58
CA ALA D 160 -20.75 13.80 0.00
C ALA D 160 -21.63 14.40 -1.07
N TRP D 161 -21.03 14.99 -2.11
CA TRP D 161 -21.84 15.60 -3.15
C TRP D 161 -22.59 14.56 -3.97
N SER D 162 -22.07 13.34 -4.07
CA SER D 162 -22.80 12.27 -4.75
C SER D 162 -23.94 11.75 -3.88
N TYR D 163 -23.70 11.64 -2.57
CA TYR D 163 -24.75 11.22 -1.66
C TYR D 163 -25.90 12.21 -1.64
N TYR D 164 -25.59 13.51 -1.74
CA TYR D 164 -26.64 14.52 -1.77
C TYR D 164 -27.32 14.57 -3.14
N ILE D 165 -26.53 14.76 -4.20
CA ILE D 165 -27.09 14.91 -5.54
C ILE D 165 -27.83 13.66 -5.97
N GLY D 166 -27.26 12.49 -5.69
CA GLY D 166 -27.80 11.25 -6.19
C GLY D 166 -28.95 10.68 -5.37
N TYR D 167 -28.90 10.84 -4.05
CA TYR D 167 -29.87 10.19 -3.16
C TYR D 167 -30.70 11.18 -2.37
N LEU D 168 -30.08 12.08 -1.60
CA LEU D 168 -30.86 12.94 -0.72
C LEU D 168 -31.67 13.95 -1.51
N ARG D 169 -31.06 14.57 -2.52
CA ARG D 169 -31.75 15.57 -3.32
C ARG D 169 -32.99 14.99 -4.00
N LEU D 170 -33.07 13.67 -4.16
CA LEU D 170 -34.20 13.02 -4.80
C LEU D 170 -35.12 12.31 -3.81
N ILE D 171 -34.72 12.19 -2.55
CA ILE D 171 -35.46 11.42 -1.56
C ILE D 171 -36.10 12.32 -0.51
N LEU D 172 -35.36 13.31 -0.01
CA LEU D 172 -35.91 14.18 1.02
C LEU D 172 -37.15 14.94 0.56
N PRO D 173 -37.20 15.50 -0.66
CA PRO D 173 -38.41 16.23 -1.07
C PRO D 173 -39.67 15.38 -1.00
N GLU D 174 -39.57 14.08 -1.23
CA GLU D 174 -40.71 13.18 -1.30
C GLU D 174 -40.64 12.13 -0.20
N LEU D 175 -40.26 12.53 1.00
CA LEU D 175 -40.20 11.65 2.16
C LEU D 175 -41.39 11.80 3.09
N GLN D 176 -41.83 13.03 3.34
CA GLN D 176 -42.99 13.23 4.19
C GLN D 176 -44.23 12.64 3.56
N ALA D 177 -44.32 12.70 2.22
CA ALA D 177 -45.46 12.09 1.54
C ALA D 177 -45.49 10.59 1.74
N ARG D 178 -44.34 9.93 1.59
CA ARG D 178 -44.27 8.49 1.81
C ARG D 178 -44.61 8.14 3.25
N ILE D 179 -44.06 8.90 4.21
CA ILE D 179 -44.32 8.60 5.60
C ILE D 179 -45.79 8.79 5.93
N ARG D 180 -46.41 9.84 5.39
CA ARG D 180 -47.84 10.04 5.54
C ARG D 180 -48.60 8.84 5.01
N THR D 181 -48.44 8.56 3.71
CA THR D 181 -49.12 7.41 3.11
C THR D 181 -48.97 6.16 3.96
N TYR D 182 -47.77 5.93 4.51
CA TYR D 182 -47.57 4.78 5.37
C TYR D 182 -48.43 4.88 6.63
N ASN D 183 -48.50 6.07 7.22
CA ASN D 183 -49.24 6.22 8.47
C ASN D 183 -50.73 6.07 8.28
N GLN D 184 -51.27 6.58 7.16
CA GLN D 184 -52.70 6.50 6.92
C GLN D 184 -53.17 5.06 6.89
N HIS D 185 -52.36 4.17 6.33
CA HIS D 185 -52.69 2.75 6.28
C HIS D 185 -52.16 1.97 7.47
N TYR D 186 -51.57 2.66 8.45
CA TYR D 186 -51.01 1.99 9.63
C TYR D 186 -50.55 3.02 10.65
N GLY D 192 -48.52 2.41 12.99
CA GLY D 192 -47.24 3.08 12.87
C GLY D 192 -47.30 4.55 13.24
N ALA D 193 -46.34 4.98 14.06
CA ALA D 193 -46.24 6.37 14.51
C ALA D 193 -44.81 6.88 14.27
N VAL D 194 -44.29 6.61 13.08
CA VAL D 194 -42.91 6.97 12.77
C VAL D 194 -42.78 8.49 12.71
N SER D 195 -41.57 8.98 12.93
CA SER D 195 -41.30 10.41 12.82
C SER D 195 -41.33 10.82 11.35
N GLN D 196 -41.15 12.13 11.11
CA GLN D 196 -41.26 12.70 9.78
C GLN D 196 -39.90 13.12 9.24
N ARG D 197 -38.85 12.37 9.56
CA ARG D 197 -37.50 12.71 9.12
C ARG D 197 -36.70 11.44 8.87
N LEU D 198 -35.70 11.57 8.01
CA LEU D 198 -34.78 10.48 7.67
C LEU D 198 -33.52 10.63 8.51
N TYR D 199 -33.21 9.61 9.29
CA TYR D 199 -32.08 9.64 10.20
C TYR D 199 -30.92 8.87 9.59
N ILE D 200 -29.76 9.54 9.50
CA ILE D 200 -28.57 9.02 8.84
C ILE D 200 -27.48 8.87 9.88
N LEU D 201 -26.88 7.69 9.92
CA LEU D 201 -25.82 7.37 10.86
C LEU D 201 -24.48 7.61 10.19
N LEU D 202 -23.58 8.30 10.91
CA LEU D 202 -22.27 8.68 10.40
C LEU D 202 -21.21 8.16 11.36
N PRO D 203 -20.93 6.85 11.33
CA PRO D 203 -19.85 6.31 12.17
C PRO D 203 -18.50 6.77 11.65
N LEU D 204 -17.75 7.47 12.51
CA LEU D 204 -16.44 7.95 12.12
C LEU D 204 -15.44 6.81 11.94
N ASP D 205 -15.75 5.63 12.45
CA ASP D 205 -14.93 4.45 12.24
C ASP D 205 -15.26 3.72 10.94
N CYS D 206 -16.30 4.15 10.24
CA CYS D 206 -16.66 3.58 8.93
C CYS D 206 -17.01 2.10 9.02
N GLY D 207 -17.57 1.68 10.16
CA GLY D 207 -18.00 0.30 10.29
C GLY D 207 -19.10 -0.05 9.32
N VAL D 208 -20.28 0.52 9.54
CA VAL D 208 -21.39 0.42 8.60
C VAL D 208 -21.75 -1.04 8.36
N PRO D 209 -22.34 -1.73 9.33
CA PRO D 209 -22.86 -3.08 9.07
C PRO D 209 -24.13 -3.04 8.25
N ASP D 210 -24.39 -4.16 7.57
CA ASP D 210 -25.57 -4.24 6.72
C ASP D 210 -26.87 -4.21 7.53
N ASN D 211 -26.97 -5.04 8.56
CA ASN D 211 -28.14 -5.11 9.41
C ASN D 211 -27.89 -4.35 10.71
N LEU D 212 -28.79 -3.42 11.04
CA LEU D 212 -28.61 -2.61 12.24
C LEU D 212 -28.75 -3.44 13.50
N SER D 213 -29.54 -4.52 13.46
CA SER D 213 -29.72 -5.36 14.65
C SER D 213 -28.38 -5.87 15.16
N MET D 214 -27.45 -6.17 14.27
CA MET D 214 -26.13 -6.62 14.70
C MET D 214 -25.36 -5.50 15.40
N ALA D 215 -25.50 -4.27 14.91
CA ALA D 215 -24.87 -3.14 15.59
C ALA D 215 -25.46 -2.93 16.97
N ASP D 216 -26.78 -3.06 17.10
CA ASP D 216 -27.46 -2.94 18.37
C ASP D 216 -28.79 -3.70 18.29
N PRO D 217 -28.97 -4.77 19.06
CA PRO D 217 -30.20 -5.57 18.94
C PRO D 217 -31.47 -4.80 19.27
N ASN D 218 -31.38 -3.60 19.84
CA ASN D 218 -32.57 -2.80 20.10
C ASN D 218 -33.15 -2.20 18.82
N ILE D 219 -32.38 -2.21 17.73
CA ILE D 219 -32.88 -1.73 16.44
C ILE D 219 -33.62 -2.88 15.78
N ARG D 220 -34.94 -2.75 15.60
CA ARG D 220 -35.75 -3.84 15.08
C ARG D 220 -36.54 -3.37 13.87
N PHE D 221 -36.31 -3.99 12.72
CA PHE D 221 -36.99 -3.60 11.50
C PHE D 221 -38.49 -3.90 11.60
N LEU D 222 -39.31 -2.92 11.21
CA LEU D 222 -40.76 -3.08 11.23
C LEU D 222 -41.32 -3.40 9.85
N ASP D 223 -41.09 -2.52 8.88
CA ASP D 223 -41.56 -2.73 7.52
C ASP D 223 -41.01 -1.61 6.65
N LYS D 224 -41.30 -1.71 5.35
CA LYS D 224 -40.76 -0.76 4.38
C LYS D 224 -41.70 0.40 4.14
N LEU D 225 -41.15 1.47 3.60
CA LEU D 225 -41.93 2.59 3.09
C LEU D 225 -42.29 2.37 1.63
N PRO D 226 -43.25 3.11 1.09
CA PRO D 226 -43.54 2.99 -0.35
C PRO D 226 -42.33 3.31 -1.20
N GLN D 227 -41.89 2.34 -2.00
CA GLN D 227 -40.72 2.54 -2.84
C GLN D 227 -40.91 3.72 -3.77
N GLN D 228 -39.82 4.43 -4.04
CA GLN D 228 -39.83 5.58 -4.93
C GLN D 228 -39.09 5.21 -6.22
N THR D 229 -39.80 5.28 -7.35
CA THR D 229 -39.25 4.86 -8.63
C THR D 229 -38.97 6.08 -9.50
N GLY D 230 -37.86 6.00 -10.22
CA GLY D 230 -37.48 7.06 -11.13
C GLY D 230 -36.41 6.66 -12.12
N ASP D 231 -36.49 7.19 -13.34
CA ASP D 231 -35.46 6.92 -14.35
C ASP D 231 -34.19 7.65 -13.98
N ARG D 232 -33.06 6.93 -14.02
CA ARG D 232 -31.77 7.46 -13.59
C ARG D 232 -30.68 6.94 -14.50
N ALA D 233 -30.10 7.83 -15.30
CA ALA D 233 -28.93 7.54 -16.11
C ALA D 233 -29.10 6.23 -16.89
N GLY D 234 -30.22 6.14 -17.59
CA GLY D 234 -30.50 5.00 -18.43
C GLY D 234 -31.07 3.79 -17.73
N ILE D 235 -31.32 3.87 -16.43
CA ILE D 235 -31.93 2.77 -15.67
C ILE D 235 -33.41 3.12 -15.49
N LYS D 236 -34.27 2.34 -16.14
CA LYS D 236 -35.70 2.56 -16.07
C LYS D 236 -36.23 2.08 -14.73
N ASP D 237 -36.98 2.95 -14.05
CA ASP D 237 -37.64 2.61 -12.78
C ASP D 237 -36.61 2.19 -11.72
N ARG D 238 -35.57 3.00 -11.58
CA ARG D 238 -34.64 2.79 -10.47
C ARG D 238 -35.37 3.03 -9.16
N VAL D 239 -35.13 2.15 -8.19
CA VAL D 239 -35.94 2.08 -6.98
C VAL D 239 -35.13 2.58 -5.80
N TYR D 240 -35.75 3.43 -4.99
CA TYR D 240 -35.21 3.87 -3.71
C TYR D 240 -36.15 3.38 -2.62
N SER D 241 -35.60 2.63 -1.66
CA SER D 241 -36.35 2.07 -0.56
C SER D 241 -35.74 2.51 0.76
N ASN D 242 -36.60 2.79 1.74
CA ASN D 242 -36.16 3.20 3.07
C ASN D 242 -36.86 2.33 4.10
N SER D 243 -36.10 1.82 5.06
CA SER D 243 -36.60 0.89 6.05
C SER D 243 -36.98 1.61 7.33
N ILE D 244 -38.09 1.19 7.93
CA ILE D 244 -38.55 1.73 9.20
C ILE D 244 -38.04 0.83 10.33
N TYR D 245 -37.45 1.44 11.34
CA TYR D 245 -36.86 0.73 12.45
C TYR D 245 -37.46 1.21 13.77
N GLU D 246 -37.53 0.28 14.72
CA GLU D 246 -38.06 0.50 16.05
C GLU D 246 -36.90 0.54 17.03
N LEU D 247 -36.83 1.60 17.82
CA LEU D 247 -35.84 1.78 18.87
C LEU D 247 -36.50 1.43 20.19
N LEU D 248 -35.92 0.45 20.89
CA LEU D 248 -36.45 -0.04 22.16
C LEU D 248 -35.65 0.55 23.32
N GLU D 249 -36.35 0.87 24.40
CA GLU D 249 -35.74 1.30 25.64
C GLU D 249 -36.39 0.54 26.79
N ASN D 250 -35.57 -0.14 27.59
CA ASN D 250 -36.06 -0.92 28.72
C ASN D 250 -36.97 -2.06 28.27
N GLY D 251 -36.78 -2.53 27.04
CA GLY D 251 -37.53 -3.65 26.52
C GLY D 251 -38.78 -3.30 25.74
N GLN D 252 -39.30 -2.09 25.90
CA GLN D 252 -40.50 -1.64 25.19
C GLN D 252 -40.11 -0.68 24.07
N ARG D 253 -41.09 -0.38 23.23
CA ARG D 253 -40.88 0.59 22.15
C ARG D 253 -40.67 1.97 22.74
N ALA D 254 -39.62 2.65 22.30
CA ALA D 254 -39.38 4.03 22.66
C ALA D 254 -39.35 4.97 21.45
N GLY D 255 -39.21 4.42 20.25
CA GLY D 255 -39.26 5.27 19.07
C GLY D 255 -39.41 4.45 17.81
N THR D 256 -39.80 5.14 16.74
CA THR D 256 -39.90 4.53 15.42
C THR D 256 -39.48 5.57 14.40
N CYS D 257 -38.53 5.22 13.53
CA CYS D 257 -37.99 6.21 12.61
C CYS D 257 -37.41 5.52 11.38
N VAL D 258 -37.23 6.31 10.34
CA VAL D 258 -36.53 5.88 9.14
C VAL D 258 -35.04 6.06 9.40
N LEU D 259 -34.32 4.94 9.52
CA LEU D 259 -32.93 4.95 9.96
C LEU D 259 -32.07 4.23 8.92
N GLU D 260 -30.91 4.82 8.62
CA GLU D 260 -30.02 4.18 7.67
C GLU D 260 -28.60 4.68 7.87
N TYR D 261 -27.64 3.85 7.48
CA TYR D 261 -26.24 4.24 7.50
C TYR D 261 -25.88 5.01 6.23
N ALA D 262 -24.88 5.90 6.35
CA ALA D 262 -24.36 6.59 5.18
C ALA D 262 -23.54 5.62 4.33
N THR D 263 -24.01 5.35 3.13
CA THR D 263 -23.38 4.34 2.29
C THR D 263 -21.94 4.69 1.92
N PRO D 264 -21.62 5.94 1.56
CA PRO D 264 -20.25 6.25 1.14
C PRO D 264 -19.20 5.84 2.15
N LEU D 265 -19.51 5.95 3.45
CA LEU D 265 -18.56 5.52 4.47
C LEU D 265 -18.12 4.08 4.24
N GLN D 266 -19.06 3.19 3.93
CA GLN D 266 -18.71 1.83 3.58
C GLN D 266 -17.66 1.79 2.48
N THR D 267 -17.89 2.54 1.39
CA THR D 267 -16.89 2.64 0.34
C THR D 267 -15.54 3.03 0.90
N LEU D 268 -15.51 4.06 1.76
CA LEU D 268 -14.25 4.47 2.37
C LEU D 268 -13.59 3.29 3.07
N PHE D 269 -14.36 2.56 3.88
CA PHE D 269 -13.82 1.40 4.55
C PHE D 269 -13.27 0.40 3.53
N ALA D 270 -13.99 0.19 2.44
CA ALA D 270 -13.53 -0.72 1.41
C ALA D 270 -12.32 -0.17 0.67
N MET D 271 -12.14 1.14 0.63
CA MET D 271 -10.97 1.71 -0.03
C MET D 271 -9.71 1.51 0.80
N SER D 272 -9.85 1.46 2.12
CA SER D 272 -8.72 1.19 2.99
C SER D 272 -8.27 -0.27 2.93
N GLN D 273 -9.18 -1.20 2.66
CA GLN D 273 -8.81 -2.60 2.55
C GLN D 273 -8.03 -2.87 1.27
N TYR D 274 -8.50 -2.37 0.14
CA TYR D 274 -7.85 -2.61 -1.14
C TYR D 274 -6.54 -1.85 -1.24
N SER D 275 -5.49 -2.52 -1.72
CA SER D 275 -4.20 -1.87 -1.90
C SER D 275 -4.18 -1.00 -3.14
N GLN D 276 -4.97 -1.34 -4.15
CA GLN D 276 -4.99 -0.57 -5.39
C GLN D 276 -5.55 0.83 -5.19
N ALA D 277 -6.26 1.07 -4.08
CA ALA D 277 -6.84 2.37 -3.82
C ALA D 277 -5.85 3.36 -3.24
N GLY D 278 -4.71 2.89 -2.74
CA GLY D 278 -3.76 3.81 -2.11
C GLY D 278 -4.37 4.58 -0.97
N PHE D 279 -5.16 3.91 -0.13
CA PHE D 279 -5.94 4.56 0.92
C PHE D 279 -5.62 3.88 2.24
N SER D 280 -5.24 4.67 3.24
CA SER D 280 -4.90 4.16 4.56
C SER D 280 -6.05 4.39 5.53
N ARG D 281 -5.86 3.90 6.76
CA ARG D 281 -6.91 4.01 7.78
C ARG D 281 -6.95 5.39 8.40
N GLU D 282 -5.80 6.04 8.58
CA GLU D 282 -5.81 7.42 9.02
C GLU D 282 -6.45 8.32 7.96
N ASP D 283 -6.13 8.09 6.70
CA ASP D 283 -6.84 8.76 5.62
C ASP D 283 -8.32 8.44 5.68
N ARG D 284 -8.67 7.21 6.07
CA ARG D 284 -10.08 6.85 6.18
C ARG D 284 -10.79 7.70 7.23
N LEU D 285 -10.18 7.84 8.40
CA LEU D 285 -10.78 8.66 9.46
C LEU D 285 -10.89 10.11 9.03
N GLU D 286 -9.81 10.65 8.46
CA GLU D 286 -9.83 12.05 8.04
C GLU D 286 -10.92 12.28 7.00
N GLN D 287 -11.03 11.39 6.01
CA GLN D 287 -12.02 11.56 4.96
C GLN D 287 -13.43 11.31 5.47
N ALA D 288 -13.61 10.44 6.46
CA ALA D 288 -14.93 10.27 7.05
C ALA D 288 -15.39 11.54 7.74
N LYS D 289 -14.51 12.15 8.53
CA LYS D 289 -14.86 13.40 9.20
C LYS D 289 -15.08 14.52 8.19
N LEU D 290 -14.27 14.57 7.14
CA LEU D 290 -14.46 15.57 6.10
C LEU D 290 -15.79 15.35 5.37
N PHE D 291 -16.15 14.09 5.12
CA PHE D 291 -17.43 13.78 4.50
C PHE D 291 -18.59 14.26 5.37
N CYS D 292 -18.50 14.00 6.67
CA CYS D 292 -19.56 14.45 7.57
C CYS D 292 -19.68 15.97 7.56
N ARG D 293 -18.53 16.67 7.65
CA ARG D 293 -18.57 18.13 7.65
C ARG D 293 -19.13 18.68 6.34
N THR D 294 -18.70 18.12 5.21
CA THR D 294 -19.18 18.60 3.92
C THR D 294 -20.67 18.33 3.74
N LEU D 295 -21.15 17.18 4.21
CA LEU D 295 -22.57 16.88 4.12
C LEU D 295 -23.37 17.82 5.02
N GLU D 296 -22.86 18.13 6.20
CA GLU D 296 -23.53 19.10 7.06
C GLU D 296 -23.59 20.46 6.38
N ASP D 297 -22.50 20.86 5.73
CA ASP D 297 -22.49 22.15 5.04
C ASP D 297 -23.48 22.18 3.88
N ILE D 298 -23.59 21.07 3.16
CA ILE D 298 -24.48 21.02 2.00
C ILE D 298 -25.93 21.17 2.43
N LEU D 299 -26.34 20.39 3.44
CA LEU D 299 -27.73 20.39 3.85
C LEU D 299 -28.19 21.72 4.43
N ALA D 300 -27.29 22.47 5.06
CA ALA D 300 -27.68 23.74 5.65
C ALA D 300 -28.16 24.72 4.59
N ASP D 301 -27.46 24.79 3.46
CA ASP D 301 -27.80 25.69 2.37
C ASP D 301 -28.57 24.99 1.25
N ALA D 302 -29.25 23.90 1.57
CA ALA D 302 -29.98 23.13 0.55
C ALA D 302 -31.47 23.29 0.77
N PRO D 303 -32.22 23.85 -0.18
CA PRO D 303 -33.68 23.93 -0.01
C PRO D 303 -34.36 22.57 0.09
N GLU D 304 -33.73 21.50 -0.38
CA GLU D 304 -34.31 20.17 -0.27
C GLU D 304 -34.43 19.74 1.19
N SER D 305 -33.36 19.95 1.97
CA SER D 305 -33.38 19.65 3.40
C SER D 305 -34.15 20.76 4.11
N GLN D 306 -35.46 20.55 4.23
CA GLN D 306 -36.36 21.49 4.88
C GLN D 306 -36.65 21.07 6.31
N ASN D 307 -35.63 20.53 7.00
CA ASN D 307 -35.72 19.82 8.27
C ASN D 307 -36.22 18.39 8.10
N ASN D 308 -36.05 17.82 6.90
CA ASN D 308 -36.51 16.47 6.60
C ASN D 308 -35.45 15.41 6.85
N CYS D 309 -34.26 15.80 7.31
CA CYS D 309 -33.21 14.84 7.59
C CYS D 309 -32.42 15.29 8.81
N ARG D 310 -31.83 14.33 9.50
CA ARG D 310 -30.99 14.59 10.66
C ARG D 310 -29.77 13.68 10.60
N LEU D 311 -28.60 14.24 10.86
CA LEU D 311 -27.34 13.51 10.79
C LEU D 311 -26.87 13.18 12.20
N ILE D 312 -26.52 11.92 12.42
CA ILE D 312 -26.05 11.42 13.71
C ILE D 312 -24.65 10.89 13.51
N ALA D 313 -23.65 11.62 13.99
CA ALA D 313 -22.26 11.21 13.92
C ALA D 313 -21.77 10.81 15.31
N TYR D 314 -21.13 9.65 15.39
CA TYR D 314 -20.66 9.12 16.66
C TYR D 314 -19.34 8.40 16.44
N GLN D 315 -18.54 8.35 17.50
CA GLN D 315 -17.26 7.65 17.50
C GLN D 315 -17.34 6.53 18.51
N GLU D 316 -17.37 5.29 18.02
CA GLU D 316 -17.52 4.13 18.88
C GLU D 316 -16.38 4.08 19.90
N PRO D 317 -16.65 4.22 21.21
CA PRO D 317 -15.59 4.14 22.22
C PRO D 317 -14.77 2.86 22.12
N SER D 322 -19.69 0.44 25.69
CA SER D 322 -19.75 1.67 26.48
C SER D 322 -21.07 2.40 26.25
N PHE D 323 -21.36 2.71 25.00
CA PHE D 323 -22.58 3.42 24.62
C PHE D 323 -23.48 2.48 23.82
N SER D 324 -24.63 3.02 23.41
CA SER D 324 -25.61 2.28 22.62
C SER D 324 -26.06 3.14 21.45
N LEU D 325 -26.04 2.56 20.26
CA LEU D 325 -26.52 3.28 19.07
C LEU D 325 -28.00 3.60 19.19
N SER D 326 -28.79 2.66 19.72
CA SER D 326 -30.20 2.92 19.96
C SER D 326 -30.38 4.11 20.90
N GLN D 327 -29.52 4.20 21.92
CA GLN D 327 -29.57 5.36 22.81
C GLN D 327 -29.26 6.64 22.05
N GLU D 328 -28.30 6.61 21.14
CA GLU D 328 -27.99 7.79 20.34
C GLU D 328 -29.21 8.24 19.55
N VAL D 329 -29.86 7.29 18.85
CA VAL D 329 -31.01 7.63 18.02
C VAL D 329 -32.16 8.15 18.89
N LEU D 330 -32.39 7.50 20.03
CA LEU D 330 -33.47 7.94 20.91
C LEU D 330 -33.19 9.33 21.47
N ARG D 331 -31.93 9.63 21.80
CA ARG D 331 -31.60 10.95 22.30
C ARG D 331 -31.79 12.00 21.22
N HIS D 332 -31.43 11.67 19.97
CA HIS D 332 -31.64 12.61 18.88
C HIS D 332 -33.11 12.75 18.50
N LEU D 333 -33.95 11.77 18.85
CA LEU D 333 -35.38 11.83 18.59
C LEU D 333 -36.14 12.60 19.66
N ARG D 334 -36.00 12.20 20.93
CA ARG D 334 -36.73 12.87 22.00
C ARG D 334 -36.35 14.34 22.10
N GLN D 335 -35.06 14.65 22.03
CA GLN D 335 -34.60 16.03 22.09
C GLN D 335 -34.78 16.72 20.76
C10 Y6H E . 22.38 10.19 -0.60
C11 Y6H E . 21.25 10.99 -0.60
C13 Y6H E . 22.30 12.71 0.97
C14 Y6H E . 23.41 13.45 0.18
C15 Y6H E . 23.25 13.73 -1.18
C16 Y6H E . 24.24 14.38 -1.89
C17 Y6H E . 25.41 14.78 -1.25
C18 Y6H E . 26.49 15.47 -2.01
C21 Y6H E . 27.28 18.27 -2.49
C22 Y6H E . 26.51 17.41 -0.52
C24 Y6H E . 26.88 13.67 -3.58
C25 Y6H E . 28.22 13.45 -3.08
C26 Y6H E . 29.21 13.42 -4.28
O29 Y6H E . 27.73 15.11 -1.35
C01 Y6H E . 17.83 10.83 -0.61
C03 Y6H E . 20.10 10.54 -1.25
C04 Y6H E . 20.09 9.31 -1.87
C05 Y6H E . 21.23 8.50 -1.86
C06 Y6H E . 21.22 7.14 -2.55
C09 Y6H E . 22.38 8.96 -1.21
C19 Y6H E . 26.39 17.07 -2.04
C20 Y6H E . 25.41 17.24 -3.24
C27 Y6H E . 28.25 12.07 -2.39
C28 Y6H E . 28.71 14.45 -2.12
C30 Y6H E . 25.59 14.49 0.10
C31 Y6H E . 24.59 13.83 0.82
N12 Y6H E . 21.23 12.31 0.04
O02 Y6H E . 18.96 11.36 -1.27
O07 Y6H E . 20.39 6.88 -3.45
O08 Y6H E . 22.06 6.26 -2.20
O23 Y6H E . 26.46 15.01 -3.41
H101 Y6H E . 23.15 10.50 -0.16
H132 Y6H E . 21.95 13.29 1.61
H131 Y6H E . 22.66 11.96 1.39
H151 Y6H E . 22.47 13.48 -1.61
H161 Y6H E . 24.12 14.57 -2.79
H211 Y6H E . 27.58 18.14 -3.37
H213 Y6H E . 28.04 18.33 -1.93
H212 Y6H E . 26.79 19.06 -2.44
H222 Y6H E . 26.59 18.33 -0.41
H221 Y6H E . 27.26 16.99 -0.16
H223 Y6H E . 25.74 17.12 -0.07
H241 Y6H E . 26.30 13.10 -3.13
H242 Y6H E . 26.88 13.47 -4.49
H263 Y6H E . 30.09 13.39 -3.95
H261 Y6H E . 29.09 14.20 -4.79
H262 Y6H E . 29.02 12.66 -4.81
H012 Y6H E . 18.11 10.28 0.10
H013 Y6H E . 17.29 11.53 -0.29
H011 Y6H E . 17.33 10.32 -1.22
H041 Y6H E . 19.32 9.00 -2.31
H091 Y6H E . 23.13 8.43 -1.20
H203 Y6H E . 25.87 17.16 -4.05
H202 Y6H E . 25.00 18.08 -3.19
H201 Y6H E . 24.73 16.59 -3.20
H272 Y6H E . 27.69 12.08 -1.63
H271 Y6H E . 29.12 11.86 -2.13
H273 Y6H E . 27.93 11.41 -3.00
H282 Y6H E . 29.30 14.03 -1.54
H281 Y6H E . 29.18 15.10 -2.61
H301 Y6H E . 26.37 14.74 0.53
H311 Y6H E . 24.70 13.64 1.72
H121 Y6H E . 20.57 12.85 -0.11
C10 A1BBH F . 8.59 5.62 22.51
C12 A1BBH F . 8.07 5.12 21.15
C15 A1BBH F . 5.74 4.85 22.11
C02 A1BBH F . 10.12 10.10 24.63
C03 A1BBH F . 9.40 9.31 25.74
C09 A1BBH F . 7.47 6.27 23.34
C16 A1BBH F . 6.23 5.37 23.48
O25 A1BBH F . 8.61 3.72 18.03
C01 A1BBH F . 10.62 11.47 25.15
C13 A1BBH F . 6.88 4.17 21.32
C29 A1BBH F . 12.37 9.28 24.89
C31 A1BBH F . 13.73 9.16 24.14
C32 A1BBH F . 14.28 10.53 23.68
C33 A1BBH F . 15.62 10.92 24.36
C34 A1BBH F . 16.80 11.04 23.35
C35 A1BBH F . 16.56 12.14 22.29
C36 A1BBH F . 16.58 11.61 20.85
C37 A1BBH F . 17.68 12.29 20.01
C38 A1BBH F . 17.32 13.78 19.84
C39 A1BBH F . 17.95 14.87 20.28
C40 A1BBH F . 19.26 14.82 21.12
C41 A1BBH F . 20.38 15.49 20.29
C42 A1BBH F . 20.27 17.03 20.32
C43 A1BBH F . 19.99 17.64 18.91
C44 A1BBH F . 18.57 18.27 18.80
C45 A1BBH F . 18.21 18.65 17.35
C46 A1BBH F . 17.28 19.88 17.26
C47 A1BBH F . 17.86 21.02 16.41
C49 A1BBH F . 9.53 13.56 25.62
C51 A1BBH F . 10.25 14.91 25.35
C52 A1BBH F . 10.08 15.39 23.88
C53 A1BBH F . 10.45 16.89 23.65
C54 A1BBH F . 11.53 17.05 22.56
C55 A1BBH F . 11.86 18.53 22.20
C56 A1BBH F . 12.34 18.65 20.72
C57 A1BBH F . 13.21 19.91 20.45
C58 A1BBH F . 12.82 20.51 19.06
C59 A1BBH F . 13.57 21.46 18.49
C60 A1BBH F . 14.78 22.45 18.40
C61 A1BBH F . 15.60 22.40 19.72
C62 A1BBH F . 17.10 22.80 19.52
C63 A1BBH F . 17.31 23.98 18.53
C64 A1BBH F . 18.80 24.36 18.37
C65 A1BBH F . 19.05 25.88 18.55
C66 A1BBH F . 20.32 26.35 17.78
C67 A1BBH F . 20.60 27.86 17.99
O04 A1BBH F . 8.03 9.20 25.36
O06 A1BBH F . 7.30 7.33 27.01
O07 A1BBH F . 5.81 7.87 25.13
O08 A1BBH F . 7.99 6.56 24.63
O11 A1BBH F . 9.60 6.58 22.28
O14 A1BBH F . 6.39 3.77 20.05
O17 A1BBH F . 6.57 4.25 24.29
O18 A1BBH F . 4.70 3.94 22.30
O20 A1BBH F . 2.88 5.47 21.27
O21 A1BBH F . 2.28 3.14 21.84
O22 A1BBH F . 3.75 3.60 19.91
O23 A1BBH F . 9.11 4.43 20.47
O26 A1BBH F . 8.85 6.13 18.51
O27 A1BBH F . 10.83 4.66 18.55
O28 A1BBH F . 11.18 9.31 24.14
O30 A1BBH F . 12.34 9.33 26.07
O48 A1BBH F . 9.69 12.46 24.73
O50 A1BBH F . 8.83 13.45 26.57
P05 A1BBH F . 7.25 7.73 25.56
P19 A1BBH F . 3.37 4.04 21.32
P24 A1BBH F . 9.35 4.75 18.86
H101 A1BBH F . 8.94 4.89 22.98
H121 A1BBH F . 7.80 5.85 20.64
H151 A1BBH F . 5.44 5.58 21.62
H021 A1BBH F . 9.51 10.24 23.94
H031 A1BBH F . 9.47 9.76 26.56
H032 A1BBH F . 9.78 8.45 25.81
H091 A1BBH F . 7.22 7.07 22.93
H161 A1BBH F . 5.56 5.85 23.88
H012 A1BBH F . 10.68 11.48 26.08
H011 A1BBH F . 11.46 11.67 24.78
H131 A1BBH F . 7.16 3.41 21.80
H311 A1BBH F . 14.36 8.75 24.71
H312 A1BBH F . 13.61 8.62 23.39
H321 A1BBH F . 14.41 10.51 22.76
H322 A1BBH F . 13.64 11.20 23.88
H331 A1BBH F . 15.51 11.74 24.80
H332 A1BBH F . 15.84 10.27 25.00
H341 A1BBH F . 17.58 11.24 23.84
H342 A1BBH F . 16.91 10.21 22.93
H352 A1BBH F . 15.74 12.55 22.46
H351 A1BBH F . 17.24 12.79 22.38
H362 A1BBH F . 16.72 10.68 20.85
H361 A1BBH F . 15.74 11.78 20.45
H371 A1BBH F . 18.50 12.21 20.44
H372 A1BBH F . 17.72 11.88 19.16
H381 A1BBH F . 16.55 13.70 19.34
H391 A1BBH F . 17.62 15.73 20.10
H401 A1BBH F . 19.14 15.28 21.91
H402 A1BBH F . 19.49 13.93 21.29
H412 A1BBH F . 21.21 15.25 20.67
H411 A1BBH F . 20.34 15.18 19.41
H421 A1BBH F . 19.56 17.27 20.89
H422 A1BBH F . 21.07 17.39 20.65
H432 A1BBH F . 20.08 16.98 18.26
H431 A1BBH F . 20.63 18.32 18.76
H441 A1BBH F . 18.54 19.03 19.34
H442 A1BBH F . 17.94 17.65 19.12
H451 A1BBH F . 17.78 17.93 16.94
H452 A1BBH F . 19.00 18.84 16.88
H462 A1BBH F . 16.46 19.62 16.90
H461 A1BBH F . 17.11 20.21 18.13
H471 A1BBH F . 17.82 20.78 15.50
H473 A1BBH F . 18.75 21.16 16.65
H472 A1BBH F . 17.36 21.80 16.55
H512 A1BBH F . 9.88 15.56 25.92
H511 A1BBH F . 11.16 14.81 25.54
H522 A1BBH F . 10.64 14.87 23.35
H521 A1BBH F . 9.20 15.25 23.61
H531 A1BBH F . 9.67 17.35 23.39
H532 A1BBH F . 10.76 17.26 24.46
H542 A1BBH F . 12.32 16.63 22.85
H541 A1BBH F . 11.24 16.61 21.78
H552 A1BBH F . 11.10 19.06 22.32
H551 A1BBH F . 12.54 18.84 22.76
H562 A1BBH F . 12.83 17.88 20.50
H561 A1BBH F . 11.58 18.68 20.18
H571 A1BBH F . 13.06 20.55 21.12
H572 A1BBH F . 14.12 19.67 20.44
H581 A1BBH F . 12.05 20.20 18.63
H591 A1BBH F . 13.36 21.43 17.58
H602 A1BBH F . 15.33 22.20 17.68
H601 A1BBH F . 14.46 23.31 18.25
H612 A1BBH F . 15.22 22.99 20.33
H611 A1BBH F . 15.57 21.54 20.07
H622 A1BBH F . 17.45 23.04 20.35
H621 A1BBH F . 17.57 22.05 19.21
H631 A1BBH F . 16.98 23.74 17.69
H632 A1BBH F . 16.84 24.73 18.84
H642 A1BBH F . 19.31 23.89 19.02
H641 A1BBH F . 19.10 24.10 17.52
H652 A1BBH F . 18.31 26.34 18.23
H651 A1BBH F . 19.17 26.06 19.46
H661 A1BBH F . 21.06 25.86 18.07
H662 A1BBH F . 20.18 26.20 16.86
H673 A1BBH F . 20.74 28.02 18.90
H672 A1BBH F . 19.86 28.36 17.68
H671 A1BBH F . 21.37 28.10 17.50
H111 A1BBH F . 9.32 7.33 22.50
H141 A1BBH F . 5.67 4.16 19.90
H171 A1BBH F . 7.18 3.82 23.93
CAA Y01 G . 22.97 6.70 -15.06
CBA Y01 G . 21.64 6.28 -15.68
CAB Y01 G . 21.70 4.82 -16.11
CAN Y01 G . 21.25 7.17 -16.86
CAJ Y01 G . 19.97 6.77 -17.59
CAO Y01 G . 19.32 7.95 -18.30
CBB Y01 G . 18.31 7.60 -19.41
CAC Y01 G . 19.04 6.98 -20.59
CBE Y01 G . 17.17 6.72 -18.85
CAP Y01 G . 16.22 7.53 -17.93
CAQ Y01 G . 14.79 7.06 -18.20
CBG Y01 G . 15.02 5.72 -18.90
CBI Y01 G . 16.20 6.00 -19.84
CAE Y01 G . 15.83 6.95 -20.97
CAU Y01 G . 16.67 4.64 -20.36
CAS Y01 G . 15.53 3.81 -20.96
CBF Y01 G . 14.30 3.66 -20.06
CBD Y01 G . 13.83 5.02 -19.54
CAK Y01 G . 12.73 4.85 -18.51
CAI Y01 G . 11.79 3.73 -18.82
CAZ Y01 G . 11.89 2.93 -19.87
CAV Y01 G . 10.79 1.98 -20.19
CBH Y01 G . 13.15 2.83 -20.71
CAD Y01 G . 12.84 3.29 -22.14
CAT Y01 G . 13.56 1.35 -20.75
CAR Y01 G . 12.45 0.41 -21.20
CBC Y01 G . 11.26 0.54 -20.27
OAW Y01 G . 10.17 -0.29 -20.74
CAY Y01 G . 10.31 -1.13 -21.76
OAG Y01 G . 10.14 -0.82 -22.91
CAM Y01 G . 10.71 -2.50 -21.28
CAL Y01 G . 10.18 -2.84 -19.90
CAX Y01 G . 9.98 -4.34 -19.63
OAH Y01 G . 9.53 -4.63 -18.50
OAF Y01 G . 10.29 -5.15 -20.53
HAA1 Y01 G . 23.10 7.66 -15.11
HAA2 Y01 G . 23.71 6.27 -15.51
HAA3 Y01 G . 23.00 6.45 -14.13
HBA Y01 G . 20.95 6.37 -15.01
HAB1 Y01 G . 22.15 4.28 -15.44
HAB2 Y01 G . 22.19 4.71 -16.94
HAB3 Y01 G . 20.82 4.44 -16.24
HAN1 Y01 G . 21.98 7.19 -17.50
HAN2 Y01 G . 21.15 8.08 -16.55
HAJ1 Y01 G . 19.33 6.41 -16.96
HAJ2 Y01 G . 20.17 6.06 -18.21
HAO1 Y01 G . 20.02 8.50 -18.69
HAO2 Y01 G . 18.89 8.50 -17.63
HBB Y01 G . 17.91 8.43 -19.71
HAC1 Y01 G . 19.08 6.02 -20.53
HAC2 Y01 G . 19.96 7.29 -20.64
HAC3 Y01 G . 18.61 7.20 -21.43
HBE Y01 G . 17.59 6.01 -18.34
HAP1 Y01 G . 16.46 7.40 -17.00
HAP2 Y01 G . 16.32 8.48 -18.10
HAQ1 Y01 G . 14.29 7.69 -18.75
HAQ2 Y01 G . 14.29 6.94 -17.39
HBG Y01 G . 15.36 5.11 -18.24
HBD Y01 G . 13.48 5.55 -20.27
HAE1 Y01 G . 16.42 6.82 -21.74
HAE2 Y01 G . 15.92 7.89 -20.73
HAE3 Y01 G . 14.93 6.82 -21.28
HAU1 Y01 G . 17.10 4.12 -19.67
HAU2 Y01 G . 17.35 4.79 -21.03
HAS1 Y01 G . 15.88 2.93 -21.19
HAS2 Y01 G . 15.28 4.21 -21.80
HBF Y01 G . 14.58 3.15 -19.29
HAK1 Y01 G . 12.22 5.67 -18.43
HAK2 Y01 G . 13.10 4.71 -17.62
HAI Y01 G . 11.22 3.49 -18.13
HAV1 Y01 G . 10.09 2.06 -19.52
HAV2 Y01 G . 10.38 2.21 -21.05
HBC Y01 G . 11.51 0.24 -19.38
HAD1 Y01 G . 13.55 3.06 -22.76
HAD2 Y01 G . 12.72 4.25 -22.19
HAD3 Y01 G . 12.02 2.89 -22.47
HAT1 Y01 G . 13.88 1.07 -19.88
HAT2 Y01 G . 14.31 1.25 -21.35
HAR1 Y01 G . 12.78 -0.51 -21.20
HAR2 Y01 G . 12.20 0.63 -22.11
HAM1 Y01 G . 11.68 -2.55 -21.29
HAM2 Y01 G . 10.42 -3.15 -21.94
HAL1 Y01 G . 9.32 -2.40 -19.75
HAL2 Y01 G . 10.76 -2.48 -19.21
C2 1SY H . -7.84 -29.25 -0.38
N01 1SY H . -9.06 -30.43 2.73
C6 1SY H . -8.11 -29.79 1.90
N1 1SY H . -8.57 -29.82 0.63
N3 1SY H . -6.64 -28.67 -0.11
C4 1SY H . -6.17 -28.64 1.18
C5 1SY H . -6.89 -29.19 2.18
N7 1SY H . -6.22 -29.03 3.35
C8 1SY H . -5.06 -28.37 3.07
N9 1SY H . -5.04 -28.15 1.74
C1' 1SY H . -3.98 -27.48 1.14
C2' 1SY H . -4.37 -26.05 0.91
O2' 1SY H . -3.69 -25.53 -0.22
C3' 1SY H . -3.90 -25.39 2.13
C4' 1SY H . -2.67 -26.08 2.41
C16 1SY H . -2.30 -26.03 3.94
O17 1SY H . -3.43 -26.48 4.77
P18 1SY H . -3.25 -26.57 6.37
O19 1SY H . -3.42 -27.99 6.93
O20 1SY H . -4.11 -25.40 7.22
C21 1SY H . -4.86 -24.56 6.29
C22 1SY H . -4.07 -23.41 5.89
O23 1SY H . -3.13 -23.06 6.92
C24 1SY H . -5.05 -22.31 5.71
C25 1SY H . -5.40 -22.15 4.31
O26 1SY H . -5.39 -23.41 3.63
P27 1SY H . -5.09 -23.14 2.07
O28 1SY H . -3.69 -23.97 1.88
O29 1SY H . -6.19 -23.86 1.31
O30 1SY H . -5.12 -21.72 1.58
O31 1SY H . -6.23 -22.66 6.46
C32 1SY H . -6.03 -24.00 6.96
N33 1SY H . -7.19 -24.80 6.69
C34 1SY H . -7.82 -25.10 5.52
N35 1SY H . -8.88 -25.90 5.80
C36 1SY H . -7.88 -25.42 7.70
C37 1SY H . -8.91 -26.09 7.15
C38 1SY H . -9.85 -26.87 8.05
N39 1SY H . -9.64 -26.90 9.44
C40 1SY H . -8.54 -26.18 10.00
N41 1SY H . -8.32 -26.19 11.40
N42 1SY H . -7.65 -25.43 9.16
O43 1SY H . -10.78 -27.48 7.58
O44 1SY H . -1.77 -26.22 6.61
O4' 1SY H . -2.83 -27.43 2.01
H1 1SY H . -8.17 -29.28 -1.33
H2 1SY H . -9.66 -29.91 3.24
H3 1SY H . -9.07 -31.33 2.79
H4 1SY H . -4.38 -28.12 3.71
H5 1SY H . -3.75 -27.91 0.28
H6 1SY H . -5.31 -25.97 0.82
H7 1SY H . -3.31 -24.74 -0.01
H8 1SY H . -4.56 -25.53 2.87
H9 1SY H . -1.93 -25.66 1.88
H10 1SY H . -2.05 -25.12 4.20
H11 1SY H . -1.55 -26.62 4.10
H13 1SY H . -5.14 -25.08 5.50
H14 1SY H . -3.59 -23.59 5.07
H15 1SY H . -3.36 -23.51 7.69
H16 1SY H . -4.68 -21.48 6.03
H17 1SY H . -4.76 -21.52 3.88
H18 1SY H . -6.30 -21.76 4.25
H20 1SY H . -5.88 -23.97 7.92
H21 1SY H . -7.54 -24.79 4.60
H22 1SY H . -7.61 -25.72 11.75
H23 1SY H . -8.89 -26.66 11.94
H24 1SY H . -6.94 -24.97 9.51
C10 Y6H I . 18.15 16.65 1.89
C11 Y6H I . 18.50 15.31 1.81
C13 Y6H I . 20.57 15.85 0.39
C14 Y6H I . 21.56 16.55 1.35
C15 Y6H I . 21.54 16.28 2.72
C16 Y6H I . 22.42 16.91 3.57
C17 Y6H I . 23.34 17.83 3.08
C18 Y6H I . 24.29 18.52 4.00
C21 Y6H I . 26.97 17.92 5.08
C22 Y6H I . 26.44 18.40 2.92
C24 Y6H I . 22.61 19.47 5.49
C25 Y6H I . 22.91 20.80 4.98
C26 Y6H I . 23.98 21.47 5.87
O29 Y6H I . 24.52 19.86 3.48
C01 Y6H I . 17.04 12.03 2.34
C03 Y6H I . 17.68 14.34 2.36
C04 Y6H I . 16.50 14.72 2.99
C05 Y6H I . 16.14 16.05 3.08
C06 Y6H I . 14.85 16.48 3.78
C09 Y6H I . 16.97 17.02 2.52
C19 Y6H I . 25.70 17.80 4.16
C20 Y6H I . 25.28 16.42 4.73
C27 Y6H I . 21.61 21.63 4.99
C28 Y6H I . 23.42 20.74 3.61
C30 Y6H I . 23.35 18.12 1.71
C31 Y6H I . 22.47 17.48 0.85
N12 Y6H I . 19.74 14.89 1.15
O02 Y6H I . 18.07 12.99 2.27
O07 Y6H I . 14.57 17.70 3.93
O08 Y6H I . 14.04 15.60 4.19
O23 Y6H I . 23.69 18.58 5.34
H101 Y6H I . 18.71 17.30 1.52
H132 Y6H I . 21.05 15.39 -0.27
H131 Y6H I . 20.02 16.49 -0.03
H151 Y6H I . 20.93 15.66 3.05
H161 Y6H I . 22.40 16.73 4.48
H211 Y6H I . 26.72 17.71 5.96
H213 Y6H I . 27.28 18.80 5.05
H212 Y6H I . 27.63 17.33 4.79
H222 Y6H I . 27.22 17.91 2.76
H221 Y6H I . 26.67 19.29 3.08
H223 Y6H I . 25.90 18.35 2.16
H241 Y6H I . 21.86 19.14 5.04
H242 Y6H I . 22.41 19.56 6.41
H263 Y6H I . 24.80 21.03 5.75
H261 Y6H I . 23.71 21.41 6.77
H262 Y6H I . 24.07 22.37 5.62
H012 Y6H I . 17.36 11.21 2.03
H013 Y6H I . 16.32 12.30 1.81
H011 Y6H I . 16.77 11.94 3.23
H041 Y6H I . 15.95 14.07 3.37
H091 Y6H I . 16.74 17.92 2.58
H203 Y6H I . 26.02 15.96 5.06
H202 Y6H I . 24.88 15.91 4.05
H201 Y6H I . 24.66 16.54 5.42
H272 Y6H I . 21.14 21.50 4.20
H271 Y6H I . 21.83 22.54 5.07
H273 Y6H I . 21.08 21.38 5.73
H282 Y6H I . 22.73 20.46 3.04
H281 Y6H I . 23.70 21.60 3.36
H301 Y6H I . 23.96 18.73 1.38
H311 Y6H I . 22.48 17.67 -0.06
H121 Y6H I . 19.99 14.06 1.20
C2 1SY J . -29.89 3.75 -0.83
N01 1SY J . -31.32 3.15 -4.01
C6 1SY J . -30.42 3.77 -3.13
N1 1SY J . -30.65 3.30 -1.89
N3 1SY J . -28.90 4.68 -1.05
C4 1SY J . -28.67 5.14 -2.31
C5 1SY J . -29.42 4.70 -3.35
N7 1SY J . -28.99 5.32 -4.48
C8 1SY J . -27.98 6.15 -4.14
N9 1SY J . -27.79 6.05 -2.81
C1' 1SY J . -26.81 6.77 -2.15
C2' 1SY J . -25.65 5.86 -1.87
O2' 1SY J . -24.96 6.30 -0.71
C3' 1SY J . -24.81 6.02 -3.05
C4' 1SY J . -24.96 7.42 -3.34
C16 1SY J . -24.69 7.75 -4.86
O17 1SY J . -25.48 6.85 -5.72
P18 1SY J . -25.43 7.09 -7.32
O19 1SY J . -26.80 7.49 -7.93
O20 1SY J . -24.65 5.88 -8.18
C21 1SY J . -24.19 4.85 -7.25
C22 1SY J . -22.84 5.14 -6.79
O23 1SY J . -22.11 5.87 -7.78
C24 1SY J . -22.21 3.81 -6.57
C25 1SY J . -22.30 3.40 -5.19
O26 1SY J . -23.48 3.93 -4.56
P27 1SY J . -23.21 4.04 -2.98
O28 1SY J . -23.43 5.66 -2.75
O29 1SY J . -24.35 3.30 -2.31
O30 1SY J . -21.96 3.44 -2.43
O31 1SY J . -22.92 2.86 -7.40
C32 1SY J . -24.06 3.57 -7.95
N33 1SY J . -25.26 2.78 -7.78
C34 1SY J . -25.83 2.28 -6.66
N35 1SY J . -26.96 1.62 -7.03
C36 1SY J . -26.03 2.42 -8.84
C37 1SY J . -27.07 1.71 -8.38
C38 1SY J . -28.11 1.17 -9.36
N39 1SY J . -27.97 1.43 -10.73
C40 1SY J . -26.87 2.19 -11.21
N41 1SY J . -26.72 2.45 -12.58
N42 1SY J . -25.89 2.70 -10.28
O43 1SY J . -29.04 0.53 -8.95
O44 1SY J . -24.54 8.34 -7.50
O4' 1SY J . -26.28 7.81 -3.00
H1 1SY J . -30.06 3.42 0.09
H2 1SY J . -31.23 2.23 -4.22
H3 1SY J . -32.01 3.63 -4.39
H4 1SY J . -27.47 6.72 -4.75
H5 1SY J . -27.17 7.15 -1.31
H6 1SY J . -25.94 4.96 -1.77
H7 1SY J . -24.06 6.32 -0.88
H8 1SY J . -25.16 5.47 -3.80
H9 1SY J . -24.30 7.94 -2.77
H10 1SY J . -23.75 7.64 -5.06
H11 1SY J . -24.95 8.66 -5.04
H13 1SY J . -24.80 4.77 -6.49
H14 1SY J . -22.86 5.65 -5.96
H15 1SY J . -22.45 5.67 -8.60
H16 1SY J . -21.28 3.84 -6.84
H17 1SY J . -21.49 3.70 -4.70
H18 1SY J . -22.34 2.42 -5.15
H20 1SY J . -23.92 3.73 -8.90
H21 1SY J . -25.49 2.39 -5.71
H22 1SY J . -26.01 2.94 -12.88
H23 1SY J . -27.35 2.13 -13.18
H24 1SY J . -25.17 3.19 -10.58
C10 A1BBH K . 9.66 6.36 -21.95
C12 A1BBH K . 8.94 6.04 -20.63
C15 A1BBH K . 7.87 4.01 -21.68
C02 A1BBH K . 14.44 6.14 -23.90
C03 A1BBH K . 13.50 5.80 -25.06
C09 A1BBH K . 9.88 5.11 -22.81
C16 A1BBH K . 8.58 4.31 -23.02
O25 A1BBH K . 7.66 7.14 -17.54
C01 A1BBH K . 15.93 6.12 -24.33
C13 A1BBH K . 7.63 5.30 -20.88
C29 A1BBH K . 14.52 8.54 -24.04
C31 A1BBH K . 14.86 9.80 -23.21
C32 A1BBH K . 16.32 9.81 -22.70
C33 A1BBH K . 17.20 10.94 -23.30
C34 A1BBH K . 17.67 11.97 -22.23
C35 A1BBH K . 18.55 11.32 -21.14
C36 A1BBH K . 18.02 11.55 -19.71
C37 A1BBH K . 19.06 12.28 -18.83
C38 A1BBH K . 20.29 11.37 -18.66
C39 A1BBH K . 21.56 11.53 -19.02
C40 A1BBH K . 22.07 12.81 -19.74
C41 A1BBH K . 23.10 13.50 -18.83
C42 A1BBH K . 24.46 12.79 -18.84
C43 A1BBH K . 24.89 12.25 -17.45
C44 A1BBH K . 24.84 10.69 -17.36
C45 A1BBH K . 25.04 10.18 -15.92
C46 A1BBH K . 25.82 8.85 -15.85
C47 A1BBH K . 27.05 8.93 -14.91
C49 A1BBH K . 17.49 4.34 -24.73
C51 A1BBH K . 19.00 4.47 -24.38
C52 A1BBH K . 19.31 4.11 -22.90
C53 A1BBH K . 20.82 3.87 -22.62
C54 A1BBH K . 21.33 4.79 -21.49
C55 A1BBH K . 22.82 4.52 -21.07
C56 A1BBH K . 23.03 4.87 -19.57
C57 A1BBH K . 24.52 5.20 -19.21
C58 A1BBH K . 24.86 4.56 -17.84
C59 A1BBH K . 26.01 4.88 -17.20
C60 A1BBH K . 27.36 5.63 -17.02
C61 A1BBH K . 27.68 6.47 -18.29
C62 A1BBH K . 28.59 7.70 -18.00
C63 A1BBH K . 29.72 7.41 -16.95
C64 A1BBH K . 30.63 8.64 -16.72
C65 A1BBH K . 32.14 8.30 -16.85
C66 A1BBH K . 33.03 9.24 -16.01
C67 A1BBH K . 34.53 8.95 -16.19
O04 A1BBH K . 12.87 4.56 -24.76
O06 A1BBH K . 10.91 4.63 -26.45
O07 A1BBH K . 10.80 3.00 -24.61
O08 A1BBH K . 10.40 5.51 -24.07
O11 A1BBH K . 10.92 6.93 -21.65
O14 A1BBH K . 7.03 4.96 -19.64
O17 A1BBH K . 7.71 5.05 -23.84
O18 A1BBH K . 6.63 3.39 -21.93
O20 A1BBH K . 7.28 1.09 -20.91
O21 A1BBH K . 4.93 1.49 -21.51
O22 A1BBH K . 5.91 2.64 -19.57
O23 A1BBH K . 8.66 7.24 -19.94
O26 A1BBH K . 9.93 6.24 -17.89
O27 A1BBH K . 9.55 8.67 -17.97
O28 A1BBH K . 14.06 7.38 -23.36
O30 A1BBH K . 14.61 8.55 -25.22
O48 A1BBH K . 16.50 4.90 -23.88
O50 A1BBH K . 17.16 3.74 -25.70
P05 A1BBH K . 11.22 4.40 -24.99
P19 A1BBH K . 6.18 2.13 -20.96
P24 A1BBH K . 8.96 7.33 -18.31
H101 A1BBH K . 9.14 6.97 -22.43
H121 A1BBH K . 9.50 5.50 -20.11
H151 A1BBH K . 8.41 3.44 -21.17
H021 A1BBH K . 14.32 5.49 -23.23
H031 A1BBH K . 13.99 5.73 -25.86
H032 A1BBH K . 12.85 6.47 -25.15
H091 A1BBH K . 10.50 4.56 -22.38
H161 A1BBH K . 8.79 3.50 -23.43
H012 A1BBH K . 16.00 6.17 -25.26
H011 A1BBH K . 16.40 6.84 -23.94
H131 A1BBH K . 7.04 5.85 -21.36
H311 A1BBH K . 14.72 10.56 -23.74
H312 A1BBH K . 14.29 9.85 -22.47
H321 A1BBH K . 16.32 9.90 -21.76
H322 A1BBH K . 16.72 8.98 -22.91
H331 A1BBH K . 17.95 10.56 -23.71
H332 A1BBH K . 16.70 11.40 -23.96
H341 A1BBH K . 18.17 12.64 -22.67
H342 A1BBH K . 16.91 12.37 -21.84
H352 A1BBH K . 18.60 10.40 -21.30
H351 A1BBH K . 19.41 11.69 -21.19
H362 A1BBH K . 17.24 12.07 -19.75
H361 A1BBH K . 17.83 10.72 -19.31
H371 A1BBH K . 19.32 13.09 -19.24
H372 A1BBH K . 18.68 12.47 -17.99
H381 A1BBH K . 19.88 10.65 -18.23
H391 A1BBH K . 22.20 10.88 -18.85
H401 A1BBH K . 22.47 12.57 -20.55
H402 A1BBH K . 21.36 13.39 -19.91
H412 A1BBH K . 23.22 14.38 -19.12
H411 A1BBH K . 22.76 13.52 -17.95
H421 A1BBH K . 24.41 12.05 -19.44
H422 A1BBH K . 25.11 13.38 -19.15
H432 A1BBH K . 24.31 12.60 -16.80
H431 A1BBH K . 25.76 12.53 -17.27
H441 A1BBH K . 25.51 10.34 -17.91
H442 A1BBH K . 24.00 10.39 -17.68
H451 A1BBH K . 24.19 10.04 -15.52
H452 A1BBH K . 25.50 10.83 -15.43
H462 A1BBH K . 25.25 8.18 -15.54
H461 A1BBH K . 26.11 8.62 -16.71
H471 A1BBH K . 26.77 8.97 -14.02
H473 A1BBH K . 27.54 9.71 -15.11
H472 A1BBH K . 27.59 8.18 -15.04
H512 A1BBH K . 19.49 3.91 -24.95
H511 A1BBH K . 19.26 5.36 -24.54
H522 A1BBH K . 19.02 4.82 -22.37
H521 A1BBH K . 18.82 3.34 -22.68
H531 A1BBH K . 20.93 2.97 -22.36
H532 A1BBH K . 21.31 4.03 -23.40
H542 A1BBH K . 21.27 5.68 -21.77
H541 A1BBH K . 20.80 4.68 -20.73
H552 A1BBH K . 23.01 3.62 -21.20
H551 A1BBH K . 23.38 5.06 -21.59
H562 A1BBH K . 22.49 5.61 -19.35
H561 A1BBH K . 22.76 4.14 -19.05
H571 A1BBH K . 25.08 4.86 -19.87
H572 A1BBH K . 24.63 6.13 -19.16
H581 A1BBH K . 24.29 3.95 -17.45
H591 A1BBH K . 25.86 4.65 -16.31
H602 A1BBH K . 27.30 6.20 -16.27
H601 A1BBH K . 28.05 5.01 -16.88
H612 A1BBH K . 28.11 5.92 -18.91
H611 A1BBH K . 26.87 6.77 -18.66
H622 A1BBH K . 29.00 7.96 -18.80
H621 A1BBH K . 28.06 8.41 -17.69
H631 A1BBH K . 29.32 7.17 -16.14
H632 A1BBH K . 30.24 6.69 -17.25
H642 A1BBH K . 30.41 9.31 -17.34
H641 A1BBH K . 30.47 8.98 -15.85
H652 A1BBH K . 32.28 7.42 -16.58
H651 A1BBH K . 32.38 8.38 -17.76
H661 A1BBH K . 32.85 10.13 -16.25
H662 A1BBH K . 32.82 9.12 -15.10
H673 A1BBH K . 34.75 9.02 -17.11
H672 A1BBH K . 34.72 8.09 -15.90
H671 A1BBH K . 35.03 9.58 -15.70
H111 A1BBH K . 11.51 6.38 -21.80
H141 A1BBH K . 7.16 4.16 -19.46
H171 A1BBH K . 7.53 5.77 -23.48
CAA Y01 L . 14.24 18.08 16.28
CBA Y01 L . 13.32 16.99 16.81
CAB Y01 L . 11.97 17.58 17.19
CAN Y01 L . 13.94 16.25 18.01
CAJ Y01 L . 13.03 15.22 18.66
CAO Y01 L . 13.83 14.13 19.36
CBB Y01 L . 13.06 13.29 20.40
CAC Y01 L . 12.74 14.14 21.62
CBE Y01 L . 11.82 12.63 19.77
CAP Y01 L . 12.22 11.53 18.75
CAQ Y01 L . 11.22 10.36 18.91
CBG Y01 L . 10.07 11.02 19.66
CBI Y01 L . 10.76 11.95 20.68
CAE Y01 L . 11.47 11.18 21.78
CAU Y01 L . 9.65 12.86 21.23
CAS Y01 L . 8.44 12.08 21.74
CBF Y01 L . 7.86 11.04 20.77
CBD Y01 L . 8.97 10.14 20.22
CAK Y01 L . 8.45 9.22 19.14
CAI Y01 L . 7.07 8.72 19.40
CAZ Y01 L . 6.31 9.10 20.43
CAV Y01 L . 5.00 8.40 20.67
CBH Y01 L . 6.65 10.25 21.34
CAD Y01 L . 6.91 9.72 22.75
CAT Y01 L . 5.42 11.18 21.38
CAR Y01 L . 4.12 10.49 21.74
CBC Y01 L . 3.84 9.38 20.74
OAW Y01 L . 2.65 8.65 21.13
CAY Y01 L . 1.88 9.05 22.14
OAG Y01 L . 2.05 8.72 23.28
CAM Y01 L . 0.77 9.95 21.65
CAL Y01 L . 0.31 9.65 20.24
CAX Y01 L . -1.13 10.07 19.92
OAH Y01 L . -1.52 9.81 18.76
OAF Y01 L . -1.80 10.64 20.81
HAA1 Y01 L . 15.18 17.83 16.35
HAA2 Y01 L . 14.11 18.91 16.75
HAA3 Y01 L . 14.07 18.24 15.34
HBA Y01 L . 13.18 16.34 16.11
HAB1 Y01 L . 11.69 18.24 16.53
HAB2 Y01 L . 11.99 18.01 18.05
HAB3 Y01 L . 11.28 16.90 17.22
HAN1 Y01 L . 14.21 16.89 18.67
HAN2 Y01 L . 14.75 15.82 17.71
HAJ1 Y01 L . 12.46 14.81 18.00
HAJ2 Y01 L . 12.44 15.67 19.29
HAO1 Y01 L . 14.59 14.53 19.81
HAO2 Y01 L . 14.19 13.55 18.68
HBB Y01 L . 13.65 12.57 20.69
HAC1 Y01 L . 11.86 14.53 21.56
HAC2 Y01 L . 13.37 14.87 21.72
HAC3 Y01 L . 12.78 13.61 22.44
HBE Y01 L . 11.35 13.32 19.29
HAP1 Y01 L . 12.21 11.87 17.84
HAP2 Y01 L . 13.13 11.24 18.92
HAQ1 Y01 L . 11.61 9.63 19.42
HAQ2 Y01 L . 10.93 10.02 18.06
HBG Y01 L . 9.63 11.62 19.03
HBD Y01 L . 9.33 9.59 20.94
HAE1 Y01 L . 11.57 11.73 22.58
HAE2 Y01 L . 12.36 10.88 21.52
HAE3 Y01 L . 10.99 10.38 22.05
HAU1 Y01 L . 9.36 13.51 20.57
HAU2 Y01 L . 10.03 13.37 21.96
HAS1 Y01 L . 7.75 12.72 21.97
HAS2 Y01 L . 8.68 11.66 22.57
HBF Y01 L . 7.52 11.54 20.00
HAK1 Y01 L . 9.04 8.46 19.04
HAK2 Y01 L . 8.47 9.65 18.27
HAI Y01 L . 6.67 8.26 18.70
HAV1 Y01 L . 4.85 7.74 19.97
HAV2 Y01 L . 5.03 7.91 21.50
HBC Y01 L . 3.69 9.77 19.87
HAD1 Y01 L . 6.93 10.45 23.40
HAD2 Y01 L . 7.77 9.27 22.81
HAD3 Y01 L . 6.23 9.10 23.03
HAT1 Y01 L . 5.32 11.63 20.52
HAT2 Y01 L . 5.59 11.88 22.03
HAR1 Y01 L . 3.39 11.12 21.75
HAR2 Y01 L . 4.20 10.12 22.64
HAM1 Y01 L . 1.09 10.87 21.71
HAM2 Y01 L . 0.04 9.90 22.27
HAL1 Y01 L . 0.38 8.69 20.07
HAL2 Y01 L . 0.90 10.06 19.59
#